data_1QH9
# 
_entry.id   1QH9 
# 
_audit_conform.dict_name       mmcif_pdbx.dic 
_audit_conform.dict_version    5.381 
_audit_conform.dict_location   http://mmcif.pdb.org/dictionaries/ascii/mmcif_pdbx.dic 
# 
loop_
_database_2.database_id 
_database_2.database_code 
_database_2.pdbx_database_accession 
_database_2.pdbx_DOI 
PDB   1QH9         pdb_00001qh9 10.2210/pdb1qh9/pdb 
RCSB  RCSB001048   ?            ?                   
WWPDB D_1000001048 ?            ?                   
# 
_pdbx_database_status.status_code                     REL 
_pdbx_database_status.entry_id                        1QH9 
_pdbx_database_status.recvd_initial_deposition_date   1999-05-12 
_pdbx_database_status.deposit_site                    PDBE 
_pdbx_database_status.process_site                    RCSB 
_pdbx_database_status.status_code_sf                  REL 
_pdbx_database_status.SG_entry                        . 
_pdbx_database_status.pdb_format_compatible           Y 
_pdbx_database_status.status_code_mr                  ? 
_pdbx_database_status.status_code_cs                  ? 
_pdbx_database_status.status_code_nmr_data            ? 
_pdbx_database_status.methods_development_category    ? 
# 
loop_
_audit_author.name 
_audit_author.pdbx_ordinal 
'Li, Y.-F.'    1 
'Hata, Y.'     2 
'Fujii, T.'    3 
'Kurihara, T.' 4 
'Esaki, N.'    5 
# 
loop_
_citation.id 
_citation.title 
_citation.journal_abbrev 
_citation.journal_volume 
_citation.page_first 
_citation.page_last 
_citation.year 
_citation.journal_id_ASTM 
_citation.country 
_citation.journal_id_ISSN 
_citation.journal_id_CSD 
_citation.book_publisher 
_citation.pdbx_database_id_PubMed 
_citation.pdbx_database_id_DOI 
primary 
;The Structure of L-2-Haloacid Dehalogenase Complexed with a Reaction Product Reveals the Mechanism of Intermediate Hydrolysis in Dehalogenase
;
'To be Published' ?   ?     ?     ?    ?      ?  ?         0353 ? ? ?                        
1       
;Crystal structure of L-2-haloacid dehalogenase from Pseudomonas sp. YL. An alpha/beta hydrolase structure that is different from the alpha/beta hydrolase fold
;
J.Biol.Chem.      271 20322 20330 1996 JBCHA3 US 0021-9258 0071 ? ? 10.1074/jbc.271.34.20322 
# 
loop_
_citation_author.citation_id 
_citation_author.name 
_citation_author.ordinal 
_citation_author.identifier_ORCID 
primary 'Li, Y.-F.'    1  ? 
primary 'Hata, Y.'     2  ? 
primary 'Fujii, T.'    3  ? 
primary 'Kurihara, T.' 4  ? 
primary 'Esaki, N.'    5  ? 
1       'Hisano, T.'   6  ? 
1       'Hata, Y.'     7  ? 
1       'Fujii, T.'    8  ? 
1       'Liu, J.-Q.'   9  ? 
1       'Kurihara, T.' 10 ? 
1       'Esaki, N.'    11 ? 
1       'Soda, K.'     12 ? 
# 
_cell.entry_id           1QH9 
_cell.length_a           91.810 
_cell.length_b           62.760 
_cell.length_c           51.380 
_cell.angle_alpha        90.00 
_cell.angle_beta         123.07 
_cell.angle_gamma        90.00 
_cell.Z_PDB              4 
_cell.pdbx_unique_axis   ? 
# 
_symmetry.entry_id                         1QH9 
_symmetry.space_group_name_H-M             'C 1 2 1' 
_symmetry.pdbx_full_space_group_name_H-M   ? 
_symmetry.cell_setting                     ? 
_symmetry.Int_Tables_number                5 
# 
loop_
_entity.id 
_entity.type 
_entity.src_method 
_entity.pdbx_description 
_entity.formula_weight 
_entity.pdbx_number_of_molecules 
_entity.pdbx_ec 
_entity.pdbx_mutation 
_entity.pdbx_fragment 
_entity.details 
1 polymer     man '2-HALOACID DEHALOGENASE' 26207.588 1  3.8.1.2 ? ? 'COMPLEXED WITH D-LACTATE' 
2 non-polymer syn 'LACTIC ACID'             90.078    1  ?       ? ? ?                          
3 water       nat water                     18.015    16 ?       ? ? ?                          
# 
_entity_poly.entity_id                      1 
_entity_poly.type                           'polypeptide(L)' 
_entity_poly.nstd_linkage                   no 
_entity_poly.nstd_monomer                   no 
_entity_poly.pdbx_seq_one_letter_code       
;MDYIKGIAFDLYGTLFDVHSVVGRCDEAFPGRGREISALWRQKQLEYTWLRSLMNRYVNFQQATEDALRFTCRHLGLDLD
ARTRSTLCDAYLRLAPFSEVPDSLRELKRRGLKLAILSNGSPQSIDAVVSHAGLRDGFDHLLSVDPVQVYKPDNRVYELA
EQALGLDRSAILFVSSNAWDATGARYFGFPTCWINRTGNVFEEMGQTPDWEVTSLRAVVELFETAAGKAEKG
;
_entity_poly.pdbx_seq_one_letter_code_can   
;MDYIKGIAFDLYGTLFDVHSVVGRCDEAFPGRGREISALWRQKQLEYTWLRSLMNRYVNFQQATEDALRFTCRHLGLDLD
ARTRSTLCDAYLRLAPFSEVPDSLRELKRRGLKLAILSNGSPQSIDAVVSHAGLRDGFDHLLSVDPVQVYKPDNRVYELA
EQALGLDRSAILFVSSNAWDATGARYFGFPTCWINRTGNVFEEMGQTPDWEVTSLRAVVELFETAAGKAEKG
;
_entity_poly.pdbx_strand_id                 A 
_entity_poly.pdbx_target_identifier         ? 
# 
loop_
_entity_poly_seq.entity_id 
_entity_poly_seq.num 
_entity_poly_seq.mon_id 
_entity_poly_seq.hetero 
1 1   MET n 
1 2   ASP n 
1 3   TYR n 
1 4   ILE n 
1 5   LYS n 
1 6   GLY n 
1 7   ILE n 
1 8   ALA n 
1 9   PHE n 
1 10  ASP n 
1 11  LEU n 
1 12  TYR n 
1 13  GLY n 
1 14  THR n 
1 15  LEU n 
1 16  PHE n 
1 17  ASP n 
1 18  VAL n 
1 19  HIS n 
1 20  SER n 
1 21  VAL n 
1 22  VAL n 
1 23  GLY n 
1 24  ARG n 
1 25  CYS n 
1 26  ASP n 
1 27  GLU n 
1 28  ALA n 
1 29  PHE n 
1 30  PRO n 
1 31  GLY n 
1 32  ARG n 
1 33  GLY n 
1 34  ARG n 
1 35  GLU n 
1 36  ILE n 
1 37  SER n 
1 38  ALA n 
1 39  LEU n 
1 40  TRP n 
1 41  ARG n 
1 42  GLN n 
1 43  LYS n 
1 44  GLN n 
1 45  LEU n 
1 46  GLU n 
1 47  TYR n 
1 48  THR n 
1 49  TRP n 
1 50  LEU n 
1 51  ARG n 
1 52  SER n 
1 53  LEU n 
1 54  MET n 
1 55  ASN n 
1 56  ARG n 
1 57  TYR n 
1 58  VAL n 
1 59  ASN n 
1 60  PHE n 
1 61  GLN n 
1 62  GLN n 
1 63  ALA n 
1 64  THR n 
1 65  GLU n 
1 66  ASP n 
1 67  ALA n 
1 68  LEU n 
1 69  ARG n 
1 70  PHE n 
1 71  THR n 
1 72  CYS n 
1 73  ARG n 
1 74  HIS n 
1 75  LEU n 
1 76  GLY n 
1 77  LEU n 
1 78  ASP n 
1 79  LEU n 
1 80  ASP n 
1 81  ALA n 
1 82  ARG n 
1 83  THR n 
1 84  ARG n 
1 85  SER n 
1 86  THR n 
1 87  LEU n 
1 88  CYS n 
1 89  ASP n 
1 90  ALA n 
1 91  TYR n 
1 92  LEU n 
1 93  ARG n 
1 94  LEU n 
1 95  ALA n 
1 96  PRO n 
1 97  PHE n 
1 98  SER n 
1 99  GLU n 
1 100 VAL n 
1 101 PRO n 
1 102 ASP n 
1 103 SER n 
1 104 LEU n 
1 105 ARG n 
1 106 GLU n 
1 107 LEU n 
1 108 LYS n 
1 109 ARG n 
1 110 ARG n 
1 111 GLY n 
1 112 LEU n 
1 113 LYS n 
1 114 LEU n 
1 115 ALA n 
1 116 ILE n 
1 117 LEU n 
1 118 SER n 
1 119 ASN n 
1 120 GLY n 
1 121 SER n 
1 122 PRO n 
1 123 GLN n 
1 124 SER n 
1 125 ILE n 
1 126 ASP n 
1 127 ALA n 
1 128 VAL n 
1 129 VAL n 
1 130 SER n 
1 131 HIS n 
1 132 ALA n 
1 133 GLY n 
1 134 LEU n 
1 135 ARG n 
1 136 ASP n 
1 137 GLY n 
1 138 PHE n 
1 139 ASP n 
1 140 HIS n 
1 141 LEU n 
1 142 LEU n 
1 143 SER n 
1 144 VAL n 
1 145 ASP n 
1 146 PRO n 
1 147 VAL n 
1 148 GLN n 
1 149 VAL n 
1 150 TYR n 
1 151 LYS n 
1 152 PRO n 
1 153 ASP n 
1 154 ASN n 
1 155 ARG n 
1 156 VAL n 
1 157 TYR n 
1 158 GLU n 
1 159 LEU n 
1 160 ALA n 
1 161 GLU n 
1 162 GLN n 
1 163 ALA n 
1 164 LEU n 
1 165 GLY n 
1 166 LEU n 
1 167 ASP n 
1 168 ARG n 
1 169 SER n 
1 170 ALA n 
1 171 ILE n 
1 172 LEU n 
1 173 PHE n 
1 174 VAL n 
1 175 SER n 
1 176 SER n 
1 177 ASN n 
1 178 ALA n 
1 179 TRP n 
1 180 ASP n 
1 181 ALA n 
1 182 THR n 
1 183 GLY n 
1 184 ALA n 
1 185 ARG n 
1 186 TYR n 
1 187 PHE n 
1 188 GLY n 
1 189 PHE n 
1 190 PRO n 
1 191 THR n 
1 192 CYS n 
1 193 TRP n 
1 194 ILE n 
1 195 ASN n 
1 196 ARG n 
1 197 THR n 
1 198 GLY n 
1 199 ASN n 
1 200 VAL n 
1 201 PHE n 
1 202 GLU n 
1 203 GLU n 
1 204 MET n 
1 205 GLY n 
1 206 GLN n 
1 207 THR n 
1 208 PRO n 
1 209 ASP n 
1 210 TRP n 
1 211 GLU n 
1 212 VAL n 
1 213 THR n 
1 214 SER n 
1 215 LEU n 
1 216 ARG n 
1 217 ALA n 
1 218 VAL n 
1 219 VAL n 
1 220 GLU n 
1 221 LEU n 
1 222 PHE n 
1 223 GLU n 
1 224 THR n 
1 225 ALA n 
1 226 ALA n 
1 227 GLY n 
1 228 LYS n 
1 229 ALA n 
1 230 GLU n 
1 231 LYS n 
1 232 GLY n 
# 
_entity_src_gen.entity_id                          1 
_entity_src_gen.pdbx_src_id                        1 
_entity_src_gen.pdbx_alt_source_flag               sample 
_entity_src_gen.pdbx_seq_type                      ? 
_entity_src_gen.pdbx_beg_seq_num                   ? 
_entity_src_gen.pdbx_end_seq_num                   ? 
_entity_src_gen.gene_src_common_name               ? 
_entity_src_gen.gene_src_genus                     ? 
_entity_src_gen.pdbx_gene_src_gene                 'DEX YL' 
_entity_src_gen.gene_src_species                   ? 
_entity_src_gen.gene_src_strain                    YL 
_entity_src_gen.gene_src_tissue                    ? 
_entity_src_gen.gene_src_tissue_fraction           ? 
_entity_src_gen.gene_src_details                   ? 
_entity_src_gen.pdbx_gene_src_fragment             ? 
_entity_src_gen.pdbx_gene_src_scientific_name      'Pseudomonas sp.' 
_entity_src_gen.pdbx_gene_src_ncbi_taxonomy_id     66693 
_entity_src_gen.pdbx_gene_src_variant              ? 
_entity_src_gen.pdbx_gene_src_cell_line            ? 
_entity_src_gen.pdbx_gene_src_atcc                 ? 
_entity_src_gen.pdbx_gene_src_organ                ? 
_entity_src_gen.pdbx_gene_src_organelle            ? 
_entity_src_gen.pdbx_gene_src_cell                 ? 
_entity_src_gen.pdbx_gene_src_cellular_location    ? 
_entity_src_gen.host_org_common_name               ? 
_entity_src_gen.pdbx_host_org_scientific_name      'Escherichia coli' 
_entity_src_gen.pdbx_host_org_ncbi_taxonomy_id     562 
_entity_src_gen.host_org_genus                     Escherichia 
_entity_src_gen.pdbx_host_org_gene                 'DEX YL' 
_entity_src_gen.pdbx_host_org_organ                ? 
_entity_src_gen.host_org_species                   ? 
_entity_src_gen.pdbx_host_org_tissue               ? 
_entity_src_gen.pdbx_host_org_tissue_fraction      ? 
_entity_src_gen.pdbx_host_org_strain               ? 
_entity_src_gen.pdbx_host_org_variant              ? 
_entity_src_gen.pdbx_host_org_cell_line            ? 
_entity_src_gen.pdbx_host_org_atcc                 ? 
_entity_src_gen.pdbx_host_org_culture_collection   ? 
_entity_src_gen.pdbx_host_org_cell                 ? 
_entity_src_gen.pdbx_host_org_organelle            ? 
_entity_src_gen.pdbx_host_org_cellular_location    ? 
_entity_src_gen.pdbx_host_org_vector_type          ? 
_entity_src_gen.pdbx_host_org_vector               ? 
_entity_src_gen.host_org_details                   ? 
_entity_src_gen.expression_system_id               ? 
_entity_src_gen.plasmid_name                       PKK223-3 
_entity_src_gen.plasmid_details                    ? 
_entity_src_gen.pdbx_description                   ? 
# 
_struct_ref.id                         1 
_struct_ref.db_name                    UNP 
_struct_ref.db_code                    HAD_PSEUY 
_struct_ref.entity_id                  1 
_struct_ref.pdbx_db_accession          Q53464 
_struct_ref.pdbx_align_begin           ? 
_struct_ref.pdbx_seq_one_letter_code   ? 
_struct_ref.pdbx_db_isoform            ? 
# 
_struct_ref_seq.align_id                      1 
_struct_ref_seq.ref_id                        1 
_struct_ref_seq.pdbx_PDB_id_code              1QH9 
_struct_ref_seq.pdbx_strand_id                A 
_struct_ref_seq.seq_align_beg                 1 
_struct_ref_seq.pdbx_seq_align_beg_ins_code   ? 
_struct_ref_seq.seq_align_end                 232 
_struct_ref_seq.pdbx_seq_align_end_ins_code   ? 
_struct_ref_seq.pdbx_db_accession             Q53464 
_struct_ref_seq.db_align_beg                  1 
_struct_ref_seq.pdbx_db_align_beg_ins_code    ? 
_struct_ref_seq.db_align_end                  232 
_struct_ref_seq.pdbx_db_align_end_ins_code    ? 
_struct_ref_seq.pdbx_auth_seq_align_beg       1 
_struct_ref_seq.pdbx_auth_seq_align_end       232 
# 
loop_
_chem_comp.id 
_chem_comp.type 
_chem_comp.mon_nstd_flag 
_chem_comp.name 
_chem_comp.pdbx_synonyms 
_chem_comp.formula 
_chem_comp.formula_weight 
ALA 'L-peptide linking' y ALANINE         ? 'C3 H7 N O2'     89.093  
ARG 'L-peptide linking' y ARGININE        ? 'C6 H15 N4 O2 1' 175.209 
ASN 'L-peptide linking' y ASPARAGINE      ? 'C4 H8 N2 O3'    132.118 
ASP 'L-peptide linking' y 'ASPARTIC ACID' ? 'C4 H7 N O4'     133.103 
CYS 'L-peptide linking' y CYSTEINE        ? 'C3 H7 N O2 S'   121.158 
GLN 'L-peptide linking' y GLUTAMINE       ? 'C5 H10 N2 O3'   146.144 
GLU 'L-peptide linking' y 'GLUTAMIC ACID' ? 'C5 H9 N O4'     147.129 
GLY 'peptide linking'   y GLYCINE         ? 'C2 H5 N O2'     75.067  
HIS 'L-peptide linking' y HISTIDINE       ? 'C6 H10 N3 O2 1' 156.162 
HOH non-polymer         . WATER           ? 'H2 O'           18.015  
ILE 'L-peptide linking' y ISOLEUCINE      ? 'C6 H13 N O2'    131.173 
LAC non-polymer         . 'LACTIC ACID'   ? 'C3 H6 O3'       90.078  
LEU 'L-peptide linking' y LEUCINE         ? 'C6 H13 N O2'    131.173 
LYS 'L-peptide linking' y LYSINE          ? 'C6 H15 N2 O2 1' 147.195 
MET 'L-peptide linking' y METHIONINE      ? 'C5 H11 N O2 S'  149.211 
PHE 'L-peptide linking' y PHENYLALANINE   ? 'C9 H11 N O2'    165.189 
PRO 'L-peptide linking' y PROLINE         ? 'C5 H9 N O2'     115.130 
SER 'L-peptide linking' y SERINE          ? 'C3 H7 N O3'     105.093 
THR 'L-peptide linking' y THREONINE       ? 'C4 H9 N O3'     119.119 
TRP 'L-peptide linking' y TRYPTOPHAN      ? 'C11 H12 N2 O2'  204.225 
TYR 'L-peptide linking' y TYROSINE        ? 'C9 H11 N O3'    181.189 
VAL 'L-peptide linking' y VALINE          ? 'C5 H11 N O2'    117.146 
# 
_exptl.entry_id          1QH9 
_exptl.method            'X-RAY DIFFRACTION' 
_exptl.crystals_number   1 
# 
_exptl_crystal.id                    1 
_exptl_crystal.density_meas          ? 
_exptl_crystal.density_Matthews      2.37 
_exptl_crystal.density_percent_sol   47.7 
_exptl_crystal.description           ? 
# 
_exptl_crystal_grow.crystal_id      1 
_exptl_crystal_grow.method          ? 
_exptl_crystal_grow.temp            ? 
_exptl_crystal_grow.temp_details    ? 
_exptl_crystal_grow.pH              5.5 
_exptl_crystal_grow.pdbx_details    'pH 5.5' 
_exptl_crystal_grow.pdbx_pH_range   . 
# 
_diffrn.id                     1 
_diffrn.ambient_temp           293 
_diffrn.ambient_temp_details   ? 
_diffrn.crystal_id             1 
# 
_diffrn_detector.diffrn_id              1 
_diffrn_detector.detector               'IMAGE PLATE' 
_diffrn_detector.type                   RIGAKU 
_diffrn_detector.pdbx_collection_date   1998-01 
_diffrn_detector.details                MIRRORS 
# 
_diffrn_radiation.diffrn_id                        1 
_diffrn_radiation.wavelength_id                    1 
_diffrn_radiation.pdbx_monochromatic_or_laue_m_l   M 
_diffrn_radiation.monochromator                    'NI FILTER' 
_diffrn_radiation.pdbx_diffrn_protocol             'SINGLE WAVELENGTH' 
_diffrn_radiation.pdbx_scattering_type             x-ray 
# 
_diffrn_radiation_wavelength.id           1 
_diffrn_radiation_wavelength.wavelength   1.5418 
_diffrn_radiation_wavelength.wt           1.0 
# 
_diffrn_source.diffrn_id                   1 
_diffrn_source.source                      'ROTATING ANODE' 
_diffrn_source.type                        'RIGAKU RU300' 
_diffrn_source.pdbx_synchrotron_site       ? 
_diffrn_source.pdbx_synchrotron_beamline   ? 
_diffrn_source.pdbx_wavelength             1.5418 
_diffrn_source.pdbx_wavelength_list        ? 
# 
_reflns.entry_id                     1QH9 
_reflns.observed_criterion_sigma_I   1 
_reflns.observed_criterion_sigma_F   ? 
_reflns.d_resolution_low             48.63 
_reflns.d_resolution_high            2.5 
_reflns.number_obs                   8320 
_reflns.number_all                   ? 
_reflns.percent_possible_obs         95.2 
_reflns.pdbx_Rmerge_I_obs            0.0798000 
_reflns.pdbx_Rsym_value              ? 
_reflns.pdbx_netI_over_sigmaI        9.3 
_reflns.B_iso_Wilson_estimate        ? 
_reflns.pdbx_redundancy              3.0 
_reflns.R_free_details               ? 
_reflns.limit_h_max                  ? 
_reflns.limit_h_min                  ? 
_reflns.limit_k_max                  ? 
_reflns.limit_k_min                  ? 
_reflns.limit_l_max                  ? 
_reflns.limit_l_min                  ? 
_reflns.observed_criterion_F_max     ? 
_reflns.observed_criterion_F_min     ? 
_reflns.pdbx_ordinal                 1 
_reflns.pdbx_diffrn_id               1 
# 
_reflns_shell.d_res_high             2.5 
_reflns_shell.d_res_low              2.8 
_reflns_shell.percent_possible_all   93.1 
_reflns_shell.Rmerge_I_obs           ? 
_reflns_shell.pdbx_Rsym_value        ? 
_reflns_shell.meanI_over_sigI_obs    ? 
_reflns_shell.pdbx_redundancy        ? 
_reflns_shell.percent_possible_obs   ? 
_reflns_shell.number_unique_all      ? 
_reflns_shell.pdbx_ordinal           1 
_reflns_shell.pdbx_diffrn_id         1 
# 
_refine.entry_id                                 1QH9 
_refine.ls_number_reflns_obs                     7553 
_refine.ls_number_reflns_all                     ? 
_refine.pdbx_ls_sigma_I                          ? 
_refine.pdbx_ls_sigma_F                          1.0 
_refine.pdbx_data_cutoff_high_absF               100000.0 
_refine.pdbx_data_cutoff_low_absF                0.1 
_refine.pdbx_data_cutoff_high_rms_absF           ? 
_refine.ls_d_res_low                             8.0 
_refine.ls_d_res_high                            2.5 
_refine.ls_percent_reflns_obs                    91.0 
_refine.ls_R_factor_obs                          ? 
_refine.ls_R_factor_all                          ? 
_refine.ls_R_factor_R_work                       0.1940000 
_refine.ls_R_factor_R_free                       0.2870000 
_refine.ls_R_factor_R_free_error                 ? 
_refine.ls_R_factor_R_free_error_details         ? 
_refine.ls_percent_reflns_R_free                 10.0 
_refine.ls_number_reflns_R_free                  ? 
_refine.ls_number_parameters                     ? 
_refine.ls_number_restraints                     ? 
_refine.occupancy_min                            ? 
_refine.occupancy_max                            ? 
_refine.B_iso_mean                               29.3 
_refine.aniso_B[1][1]                            ? 
_refine.aniso_B[2][2]                            ? 
_refine.aniso_B[3][3]                            ? 
_refine.aniso_B[1][2]                            ? 
_refine.aniso_B[1][3]                            ? 
_refine.aniso_B[2][3]                            ? 
_refine.solvent_model_details                    ? 
_refine.solvent_model_param_ksol                 ? 
_refine.solvent_model_param_bsol                 ? 
_refine.pdbx_ls_cross_valid_method               THROUGHOUT 
_refine.details                                  ? 
_refine.pdbx_starting_model                      ? 
_refine.pdbx_method_to_determine_struct          OTHER 
_refine.pdbx_isotropic_thermal_model             ? 
_refine.pdbx_stereochemistry_target_values       ? 
_refine.pdbx_stereochem_target_val_spec_case     ? 
_refine.pdbx_R_Free_selection_details            RANDOM 
_refine.pdbx_overall_ESU_R                       ? 
_refine.pdbx_overall_ESU_R_Free                  ? 
_refine.overall_SU_ML                            ? 
_refine.overall_SU_B                             ? 
_refine.ls_redundancy_reflns_obs                 ? 
_refine.B_iso_min                                ? 
_refine.B_iso_max                                ? 
_refine.pdbx_refine_id                           'X-RAY DIFFRACTION' 
_refine.pdbx_diffrn_id                           1 
_refine.pdbx_TLS_residual_ADP_flag               ? 
_refine.correlation_coeff_Fo_to_Fc               ? 
_refine.correlation_coeff_Fo_to_Fc_free          ? 
_refine.pdbx_solvent_vdw_probe_radii             ? 
_refine.pdbx_solvent_ion_probe_radii             ? 
_refine.pdbx_solvent_shrinkage_radii             ? 
_refine.pdbx_overall_phase_error                 ? 
_refine.overall_SU_R_Cruickshank_DPI             ? 
_refine.pdbx_overall_SU_R_free_Cruickshank_DPI   ? 
_refine.pdbx_overall_SU_R_Blow_DPI               ? 
_refine.pdbx_overall_SU_R_free_Blow_DPI          ? 
# 
_refine_hist.pdbx_refine_id                   'X-RAY DIFFRACTION' 
_refine_hist.cycle_id                         LAST 
_refine_hist.pdbx_number_atoms_protein        1741 
_refine_hist.pdbx_number_atoms_nucleic_acid   0 
_refine_hist.pdbx_number_atoms_ligand         6 
_refine_hist.number_atoms_solvent             16 
_refine_hist.number_atoms_total               1763 
_refine_hist.d_res_high                       2.5 
_refine_hist.d_res_low                        8.0 
# 
loop_
_refine_ls_restr.type 
_refine_ls_restr.dev_ideal 
_refine_ls_restr.dev_ideal_target 
_refine_ls_restr.weight 
_refine_ls_restr.number 
_refine_ls_restr.pdbx_refine_id 
_refine_ls_restr.pdbx_restraint_function 
x_bond_d                0.005 ? ? ? 'X-RAY DIFFRACTION' ? 
x_bond_d_na             ?     ? ? ? 'X-RAY DIFFRACTION' ? 
x_bond_d_prot           ?     ? ? ? 'X-RAY DIFFRACTION' ? 
x_angle_d               ?     ? ? ? 'X-RAY DIFFRACTION' ? 
x_angle_d_na            ?     ? ? ? 'X-RAY DIFFRACTION' ? 
x_angle_d_prot          ?     ? ? ? 'X-RAY DIFFRACTION' ? 
x_angle_deg             1.2   ? ? ? 'X-RAY DIFFRACTION' ? 
x_angle_deg_na          ?     ? ? ? 'X-RAY DIFFRACTION' ? 
x_angle_deg_prot        ?     ? ? ? 'X-RAY DIFFRACTION' ? 
x_dihedral_angle_d      23.5  ? ? ? 'X-RAY DIFFRACTION' ? 
x_dihedral_angle_d_na   ?     ? ? ? 'X-RAY DIFFRACTION' ? 
x_dihedral_angle_d_prot ?     ? ? ? 'X-RAY DIFFRACTION' ? 
x_improper_angle_d      1.08  ? ? ? 'X-RAY DIFFRACTION' ? 
x_improper_angle_d_na   ?     ? ? ? 'X-RAY DIFFRACTION' ? 
x_improper_angle_d_prot ?     ? ? ? 'X-RAY DIFFRACTION' ? 
x_mcbond_it             ?     ? ? ? 'X-RAY DIFFRACTION' ? 
x_mcangle_it            ?     ? ? ? 'X-RAY DIFFRACTION' ? 
x_scbond_it             ?     ? ? ? 'X-RAY DIFFRACTION' ? 
x_scangle_it            ?     ? ? ? 'X-RAY DIFFRACTION' ? 
# 
_refine_ls_shell.pdbx_total_number_of_bins_used   8 
_refine_ls_shell.d_res_high                       2.50 
_refine_ls_shell.d_res_low                        2.61 
_refine_ls_shell.number_reflns_R_work             740 
_refine_ls_shell.R_factor_R_work                  0.2890000 
_refine_ls_shell.percent_reflns_obs               79.6 
_refine_ls_shell.R_factor_R_free                  0.3560000 
_refine_ls_shell.R_factor_R_free_error            ? 
_refine_ls_shell.percent_reflns_R_free            ? 
_refine_ls_shell.number_reflns_R_free             ? 
_refine_ls_shell.redundancy_reflns_obs            ? 
_refine_ls_shell.number_reflns_all                ? 
_refine_ls_shell.number_reflns_obs                ? 
_refine_ls_shell.pdbx_refine_id                   'X-RAY DIFFRACTION' 
_refine_ls_shell.R_factor_all                     ? 
# 
loop_
_pdbx_xplor_file.serial_no 
_pdbx_xplor_file.param_file 
_pdbx_xplor_file.topol_file 
_pdbx_xplor_file.pdbx_refine_id 
1 PARHCSDX.PRO TOPHCSDX.PRO 'X-RAY DIFFRACTION' 
2 PARA.DLA     TOPO.DLA     'X-RAY DIFFRACTION' 
3 PARA.WATER   TOPO.WATER   'X-RAY DIFFRACTION' 
# 
_struct.entry_id                  1QH9 
_struct.title                     'ENZYME-PRODUCT COMPLEX OF L-2-HALOACID DEHALOGENASE' 
_struct.pdbx_model_details        ? 
_struct.pdbx_CASP_flag            ? 
_struct.pdbx_model_type_details   ? 
# 
_struct_keywords.entry_id        1QH9 
_struct_keywords.pdbx_keywords   HYDROLASE 
_struct_keywords.text            'DEHALOGENASE, ENZYME-PRODUCT COMPLEX, HYDROLASE' 
# 
loop_
_struct_asym.id 
_struct_asym.pdbx_blank_PDB_chainid_flag 
_struct_asym.pdbx_modified 
_struct_asym.entity_id 
_struct_asym.details 
A N N 1 ? 
B N N 2 ? 
C N N 3 ? 
# 
_struct_biol.id   1 
# 
loop_
_struct_conf.conf_type_id 
_struct_conf.id 
_struct_conf.pdbx_PDB_helix_id 
_struct_conf.beg_label_comp_id 
_struct_conf.beg_label_asym_id 
_struct_conf.beg_label_seq_id 
_struct_conf.pdbx_beg_PDB_ins_code 
_struct_conf.end_label_comp_id 
_struct_conf.end_label_asym_id 
_struct_conf.end_label_seq_id 
_struct_conf.pdbx_end_PDB_ins_code 
_struct_conf.beg_auth_comp_id 
_struct_conf.beg_auth_asym_id 
_struct_conf.beg_auth_seq_id 
_struct_conf.end_auth_comp_id 
_struct_conf.end_auth_asym_id 
_struct_conf.end_auth_seq_id 
_struct_conf.pdbx_PDB_helix_class 
_struct_conf.details 
_struct_conf.pdbx_PDB_helix_length 
HELX_P HELX_P1  1  VAL A 18  ? ASP A 26  ? VAL A 18  ASP A 26  5 ? 9  
HELX_P HELX_P2  2  GLY A 33  ? LEU A 53  ? GLY A 33  LEU A 53  1 ? 21 
HELX_P HELX_P3  3  PHE A 60  ? HIS A 74  ? PHE A 60  HIS A 74  1 ? 15 
HELX_P HELX_P4  4  ALA A 81  ? CYS A 88  ? ALA A 81  CYS A 88  1 ? 8  
HELX_P HELX_P5  5  TYR A 91  ? ARG A 93  ? TYR A 91  ARG A 93  5 ? 3  
HELX_P HELX_P6  6  VAL A 100 ? ARG A 110 ? VAL A 100 ARG A 110 1 ? 11 
HELX_P HELX_P7  7  PRO A 122 ? HIS A 131 ? PRO A 122 HIS A 131 1 ? 10 
HELX_P HELX_P8  8  ARG A 135 ? GLY A 137 ? ARG A 135 GLY A 137 5 ? 3  
HELX_P HELX_P9  9  ASP A 145 ? VAL A 147 ? ASP A 145 VAL A 147 5 ? 3  
HELX_P HELX_P10 10 ASN A 154 ? ALA A 163 ? ASN A 154 ALA A 163 1 ? 10 
HELX_P HELX_P11 11 ARG A 168 ? ALA A 170 ? ARG A 168 ALA A 170 5 ? 3  
HELX_P HELX_P12 12 ASP A 180 ? PHE A 187 ? ASP A 180 PHE A 187 1 ? 8  
HELX_P HELX_P13 13 LEU A 215 ? VAL A 219 ? LEU A 215 VAL A 219 1 ? 5  
# 
_struct_conf_type.id          HELX_P 
_struct_conf_type.criteria    ? 
_struct_conf_type.reference   ? 
# 
_struct_mon_prot_cis.pdbx_id                1 
_struct_mon_prot_cis.label_comp_id          LYS 
_struct_mon_prot_cis.label_seq_id           151 
_struct_mon_prot_cis.label_asym_id          A 
_struct_mon_prot_cis.label_alt_id           . 
_struct_mon_prot_cis.pdbx_PDB_ins_code      ? 
_struct_mon_prot_cis.auth_comp_id           LYS 
_struct_mon_prot_cis.auth_seq_id            151 
_struct_mon_prot_cis.auth_asym_id           A 
_struct_mon_prot_cis.pdbx_label_comp_id_2   PRO 
_struct_mon_prot_cis.pdbx_label_seq_id_2    152 
_struct_mon_prot_cis.pdbx_label_asym_id_2   A 
_struct_mon_prot_cis.pdbx_PDB_ins_code_2    ? 
_struct_mon_prot_cis.pdbx_auth_comp_id_2    PRO 
_struct_mon_prot_cis.pdbx_auth_seq_id_2     152 
_struct_mon_prot_cis.pdbx_auth_asym_id_2    A 
_struct_mon_prot_cis.pdbx_PDB_model_num     1 
_struct_mon_prot_cis.pdbx_omega_angle       0.00 
# 
_struct_sheet.id               A 
_struct_sheet.type             ? 
_struct_sheet.number_strands   6 
_struct_sheet.details          ? 
# 
loop_
_struct_sheet_order.sheet_id 
_struct_sheet_order.range_id_1 
_struct_sheet_order.range_id_2 
_struct_sheet_order.offset 
_struct_sheet_order.sense 
A 1 2 ? parallel 
A 2 3 ? parallel 
A 3 4 ? parallel 
A 4 5 ? parallel 
A 5 6 ? parallel 
# 
loop_
_struct_sheet_range.sheet_id 
_struct_sheet_range.id 
_struct_sheet_range.beg_label_comp_id 
_struct_sheet_range.beg_label_asym_id 
_struct_sheet_range.beg_label_seq_id 
_struct_sheet_range.pdbx_beg_PDB_ins_code 
_struct_sheet_range.end_label_comp_id 
_struct_sheet_range.end_label_asym_id 
_struct_sheet_range.end_label_seq_id 
_struct_sheet_range.pdbx_end_PDB_ins_code 
_struct_sheet_range.beg_auth_comp_id 
_struct_sheet_range.beg_auth_asym_id 
_struct_sheet_range.beg_auth_seq_id 
_struct_sheet_range.end_auth_comp_id 
_struct_sheet_range.end_auth_asym_id 
_struct_sheet_range.end_auth_seq_id 
A 1 TRP A 210 ? VAL A 212 ? TRP A 210 VAL A 212 
A 2 PRO A 190 ? ILE A 194 ? PRO A 190 ILE A 194 
A 3 ILE A 171 ? SER A 175 ? ILE A 171 SER A 175 
A 4 GLY A 6   ? PHE A 9   ? GLY A 6   PHE A 9   
A 5 LYS A 113 ? SER A 118 ? LYS A 113 SER A 118 
A 6 HIS A 140 ? SER A 143 ? HIS A 140 SER A 143 
# 
loop_
_pdbx_struct_sheet_hbond.sheet_id 
_pdbx_struct_sheet_hbond.range_id_1 
_pdbx_struct_sheet_hbond.range_id_2 
_pdbx_struct_sheet_hbond.range_1_label_atom_id 
_pdbx_struct_sheet_hbond.range_1_label_comp_id 
_pdbx_struct_sheet_hbond.range_1_label_asym_id 
_pdbx_struct_sheet_hbond.range_1_label_seq_id 
_pdbx_struct_sheet_hbond.range_1_PDB_ins_code 
_pdbx_struct_sheet_hbond.range_1_auth_atom_id 
_pdbx_struct_sheet_hbond.range_1_auth_comp_id 
_pdbx_struct_sheet_hbond.range_1_auth_asym_id 
_pdbx_struct_sheet_hbond.range_1_auth_seq_id 
_pdbx_struct_sheet_hbond.range_2_label_atom_id 
_pdbx_struct_sheet_hbond.range_2_label_comp_id 
_pdbx_struct_sheet_hbond.range_2_label_asym_id 
_pdbx_struct_sheet_hbond.range_2_label_seq_id 
_pdbx_struct_sheet_hbond.range_2_PDB_ins_code 
_pdbx_struct_sheet_hbond.range_2_auth_atom_id 
_pdbx_struct_sheet_hbond.range_2_auth_comp_id 
_pdbx_struct_sheet_hbond.range_2_auth_asym_id 
_pdbx_struct_sheet_hbond.range_2_auth_seq_id 
A 1 2 O TRP A 210 ? O TRP A 210 N TRP A 193 ? N TRP A 193 
A 2 3 O PRO A 190 ? O PRO A 190 N PHE A 173 ? N PHE A 173 
A 3 4 O LEU A 172 ? O LEU A 172 N GLY A 6   ? N GLY A 6   
A 4 5 O ILE A 7   ? O ILE A 7   N LYS A 113 ? N LYS A 113 
A 5 6 O ILE A 116 ? O ILE A 116 N HIS A 140 ? N HIS A 140 
# 
_struct_site.id                   AC1 
_struct_site.pdbx_evidence_code   Software 
_struct_site.pdbx_auth_asym_id    A 
_struct_site.pdbx_auth_comp_id    LAC 
_struct_site.pdbx_auth_seq_id     300 
_struct_site.pdbx_auth_ins_code   ? 
_struct_site.pdbx_num_residues    7 
_struct_site.details              'BINDING SITE FOR RESIDUE LAC A 300' 
# 
loop_
_struct_site_gen.id 
_struct_site_gen.site_id 
_struct_site_gen.pdbx_num_res 
_struct_site_gen.label_comp_id 
_struct_site_gen.label_asym_id 
_struct_site_gen.label_seq_id 
_struct_site_gen.pdbx_auth_ins_code 
_struct_site_gen.auth_comp_id 
_struct_site_gen.auth_asym_id 
_struct_site_gen.auth_seq_id 
_struct_site_gen.label_atom_id 
_struct_site_gen.label_alt_id 
_struct_site_gen.symmetry 
_struct_site_gen.details 
1 AC1 7 ASP A 10  ? ASP A 10  . ? 1_555 ? 
2 AC1 7 LEU A 11  ? LEU A 11  . ? 1_555 ? 
3 AC1 7 TYR A 12  ? TYR A 12  . ? 1_555 ? 
4 AC1 7 ARG A 41  ? ARG A 41  . ? 1_555 ? 
5 AC1 7 SER A 118 ? SER A 118 . ? 1_555 ? 
6 AC1 7 ASN A 119 ? ASN A 119 . ? 1_555 ? 
7 AC1 7 LYS A 151 ? LYS A 151 . ? 1_555 ? 
# 
_atom_sites.entry_id                    1QH9 
_atom_sites.fract_transf_matrix[1][1]   -0.00316826 
_atom_sites.fract_transf_matrix[1][2]   0.00247102 
_atom_sites.fract_transf_matrix[1][3]   0.01236076 
_atom_sites.fract_transf_matrix[2][1]   0.01433973 
_atom_sites.fract_transf_matrix[2][2]   -0.00511746 
_atom_sites.fract_transf_matrix[2][3]   0.00469852 
_atom_sites.fract_transf_matrix[3][1]   0.00394664 
_atom_sites.fract_transf_matrix[3][2]   0.02046585 
_atom_sites.fract_transf_matrix[3][3]   0.01024566 
_atom_sites.fract_transf_vector[1]      0.299889 
_atom_sites.fract_transf_vector[2]      0.227264 
_atom_sites.fract_transf_vector[3]      0.290732 
# 
loop_
_atom_type.symbol 
C 
N 
O 
S 
# 
loop_
_atom_site.group_PDB 
_atom_site.id 
_atom_site.type_symbol 
_atom_site.label_atom_id 
_atom_site.label_alt_id 
_atom_site.label_comp_id 
_atom_site.label_asym_id 
_atom_site.label_entity_id 
_atom_site.label_seq_id 
_atom_site.pdbx_PDB_ins_code 
_atom_site.Cartn_x 
_atom_site.Cartn_y 
_atom_site.Cartn_z 
_atom_site.occupancy 
_atom_site.B_iso_or_equiv 
_atom_site.pdbx_formal_charge 
_atom_site.auth_seq_id 
_atom_site.auth_comp_id 
_atom_site.auth_asym_id 
_atom_site.auth_atom_id 
_atom_site.pdbx_PDB_model_num 
ATOM   1    N N   . TYR A 1 3   ? -15.559 -17.038 -10.497 1.00 33.66 ? 3   TYR A N   1 
ATOM   2    C CA  . TYR A 1 3   ? -16.202 -16.038 -9.599  1.00 28.72 ? 3   TYR A CA  1 
ATOM   3    C C   . TYR A 1 3   ? -15.530 -14.675 -9.714  1.00 29.41 ? 3   TYR A C   1 
ATOM   4    O O   . TYR A 1 3   ? -16.201 -13.660 -9.906  1.00 38.03 ? 3   TYR A O   1 
ATOM   5    C CB  . TYR A 1 3   ? -16.163 -16.521 -8.152  1.00 26.00 ? 3   TYR A CB  1 
ATOM   6    N N   . ILE A 1 4   ? -14.207 -14.658 -9.594  1.00 28.12 ? 4   ILE A N   1 
ATOM   7    C CA  . ILE A 1 4   ? -13.444 -13.415 -9.669  1.00 22.33 ? 4   ILE A CA  1 
ATOM   8    C C   . ILE A 1 4   ? -13.130 -12.999 -11.099 1.00 19.48 ? 4   ILE A C   1 
ATOM   9    O O   . ILE A 1 4   ? -12.718 -13.816 -11.921 1.00 23.77 ? 4   ILE A O   1 
ATOM   10   C CB  . ILE A 1 4   ? -12.125 -13.499 -8.851  1.00 17.87 ? 4   ILE A CB  1 
ATOM   11   C CG1 . ILE A 1 4   ? -12.413 -13.431 -7.351  1.00 8.03  ? 4   ILE A CG1 1 
ATOM   12   C CG2 . ILE A 1 4   ? -11.192 -12.350 -9.222  1.00 22.40 ? 4   ILE A CG2 1 
ATOM   13   C CD1 . ILE A 1 4   ? -13.115 -14.629 -6.787  1.00 23.28 ? 4   ILE A CD1 1 
ATOM   14   N N   . LYS A 1 5   ? -13.312 -11.713 -11.374 1.00 21.44 ? 5   LYS A N   1 
ATOM   15   C CA  . LYS A 1 5   ? -13.049 -11.143 -12.689 1.00 20.09 ? 5   LYS A CA  1 
ATOM   16   C C   . LYS A 1 5   ? -12.091 -9.963  -12.551 1.00 17.08 ? 5   LYS A C   1 
ATOM   17   O O   . LYS A 1 5   ? -11.622 -9.410  -13.550 1.00 19.24 ? 5   LYS A O   1 
ATOM   18   C CB  . LYS A 1 5   ? -14.355 -10.664 -13.334 1.00 29.61 ? 5   LYS A CB  1 
ATOM   19   C CG  . LYS A 1 5   ? -15.372 -11.760 -13.612 1.00 26.52 ? 5   LYS A CG  1 
ATOM   20   C CD  . LYS A 1 5   ? -14.926 -12.651 -14.753 1.00 37.79 ? 5   LYS A CD  1 
ATOM   21   C CE  . LYS A 1 5   ? -15.898 -13.800 -14.973 1.00 40.66 ? 5   LYS A CE  1 
ATOM   22   N NZ  . LYS A 1 5   ? -15.970 -14.717 -13.797 1.00 48.81 ? 5   LYS A NZ  1 
ATOM   23   N N   . GLY A 1 6   ? -11.826 -9.567  -11.311 1.00 13.51 ? 6   GLY A N   1 
ATOM   24   C CA  . GLY A 1 6   ? -10.932 -8.450  -11.062 1.00 12.63 ? 6   GLY A CA  1 
ATOM   25   C C   . GLY A 1 6   ? -10.139 -8.620  -9.780  1.00 12.42 ? 6   GLY A C   1 
ATOM   26   O O   . GLY A 1 6   ? -10.462 -9.478  -8.950  1.00 10.42 ? 6   GLY A O   1 
ATOM   27   N N   . ILE A 1 7   ? -9.108  -7.794  -9.611  1.00 11.68 ? 7   ILE A N   1 
ATOM   28   C CA  . ILE A 1 7   ? -8.246  -7.851  -8.432  1.00 9.70  ? 7   ILE A CA  1 
ATOM   29   C C   . ILE A 1 7   ? -7.815  -6.458  -8.000  1.00 3.60  ? 7   ILE A C   1 
ATOM   30   O O   . ILE A 1 7   ? -7.330  -5.669  -8.812  1.00 5.61  ? 7   ILE A O   1 
ATOM   31   C CB  . ILE A 1 7   ? -6.960  -8.695  -8.695  1.00 16.07 ? 7   ILE A CB  1 
ATOM   32   C CG1 . ILE A 1 7   ? -7.332  -10.103 -9.182  1.00 12.95 ? 7   ILE A CG1 1 
ATOM   33   C CG2 . ILE A 1 7   ? -6.129  -8.801  -7.415  1.00 15.58 ? 7   ILE A CG2 1 
ATOM   34   C CD1 . ILE A 1 7   ? -6.161  -10.959 -9.595  1.00 19.08 ? 7   ILE A CD1 1 
ATOM   35   N N   . ALA A 1 8   ? -8.020  -6.154  -6.723  1.00 6.20  ? 8   ALA A N   1 
ATOM   36   C CA  . ALA A 1 8   ? -7.633  -4.865  -6.163  1.00 13.30 ? 8   ALA A CA  1 
ATOM   37   C C   . ALA A 1 8   ? -6.406  -5.061  -5.252  1.00 17.31 ? 8   ALA A C   1 
ATOM   38   O O   . ALA A 1 8   ? -6.496  -5.706  -4.205  1.00 15.69 ? 8   ALA A O   1 
ATOM   39   C CB  . ALA A 1 8   ? -8.799  -4.261  -5.385  1.00 10.47 ? 8   ALA A CB  1 
ATOM   40   N N   . PHE A 1 9   ? -5.264  -4.521  -5.673  1.00 14.18 ? 9   PHE A N   1 
ATOM   41   C CA  . PHE A 1 9   ? -4.012  -4.639  -4.924  1.00 12.49 ? 9   PHE A CA  1 
ATOM   42   C C   . PHE A 1 9   ? -3.702  -3.429  -4.066  1.00 17.19 ? 9   PHE A C   1 
ATOM   43   O O   . PHE A 1 9   ? -4.117  -2.314  -4.376  1.00 24.63 ? 9   PHE A O   1 
ATOM   44   C CB  . PHE A 1 9   ? -2.813  -4.753  -5.876  1.00 3.74  ? 9   PHE A CB  1 
ATOM   45   C CG  . PHE A 1 9   ? -2.751  -6.024  -6.664  1.00 3.99  ? 9   PHE A CG  1 
ATOM   46   C CD1 . PHE A 1 9   ? -2.417  -7.224  -6.050  1.00 2.00  ? 9   PHE A CD1 1 
ATOM   47   C CD2 . PHE A 1 9   ? -2.957  -6.006  -8.043  1.00 2.42  ? 9   PHE A CD2 1 
ATOM   48   C CE1 . PHE A 1 9   ? -2.282  -8.391  -6.794  1.00 6.28  ? 9   PHE A CE1 1 
ATOM   49   C CE2 . PHE A 1 9   ? -2.825  -7.164  -8.798  1.00 7.58  ? 9   PHE A CE2 1 
ATOM   50   C CZ  . PHE A 1 9   ? -2.485  -8.362  -8.173  1.00 10.39 ? 9   PHE A CZ  1 
ATOM   51   N N   . ASP A 1 10  ? -2.928  -3.654  -3.010  1.00 21.55 ? 10  ASP A N   1 
ATOM   52   C CA  . ASP A 1 10  ? -2.446  -2.570  -2.165  1.00 19.34 ? 10  ASP A CA  1 
ATOM   53   C C   . ASP A 1 10  ? -1.111  -2.208  -2.816  1.00 16.79 ? 10  ASP A C   1 
ATOM   54   O O   . ASP A 1 10  ? -0.611  -2.956  -3.664  1.00 12.61 ? 10  ASP A O   1 
ATOM   55   C CB  . ASP A 1 10  ? -2.214  -3.049  -0.737  1.00 33.50 ? 10  ASP A CB  1 
ATOM   56   C CG  . ASP A 1 10  ? -3.373  -2.729  0.173   1.00 42.42 ? 10  ASP A CG  1 
ATOM   57   O OD1 . ASP A 1 10  ? -3.134  -2.547  1.387   1.00 51.60 ? 10  ASP A OD1 1 
ATOM   58   O OD2 . ASP A 1 10  ? -4.519  -2.646  -0.325  1.00 49.60 ? 10  ASP A OD2 1 
ATOM   59   N N   . LEU A 1 11  ? -0.527  -1.075  -2.455  1.00 17.05 ? 11  LEU A N   1 
ATOM   60   C CA  . LEU A 1 11  ? 0.735   -0.698  -3.075  1.00 18.18 ? 11  LEU A CA  1 
ATOM   61   C C   . LEU A 1 11  ? 1.947   -0.934  -2.197  1.00 20.25 ? 11  LEU A C   1 
ATOM   62   O O   . LEU A 1 11  ? 2.792   -1.762  -2.516  1.00 29.46 ? 11  LEU A O   1 
ATOM   63   C CB  . LEU A 1 11  ? 0.705   0.760   -3.526  1.00 15.61 ? 11  LEU A CB  1 
ATOM   64   C CG  . LEU A 1 11  ? 1.849   1.206   -4.433  1.00 10.48 ? 11  LEU A CG  1 
ATOM   65   C CD1 . LEU A 1 11  ? 1.802   0.432   -5.730  1.00 18.16 ? 11  LEU A CD1 1 
ATOM   66   C CD2 . LEU A 1 11  ? 1.718   2.683   -4.718  1.00 18.33 ? 11  LEU A CD2 1 
ATOM   67   N N   . TYR A 1 12  ? 2.038   -0.175  -1.111  1.00 23.29 ? 12  TYR A N   1 
ATOM   68   C CA  . TYR A 1 12  ? 3.162   -0.258  -0.181  1.00 24.19 ? 12  TYR A CA  1 
ATOM   69   C C   . TYR A 1 12  ? 3.155   -1.510  0.696   1.00 24.00 ? 12  TYR A C   1 
ATOM   70   O O   . TYR A 1 12  ? 2.338   -1.628  1.612   1.00 33.02 ? 12  TYR A O   1 
ATOM   71   C CB  . TYR A 1 12  ? 3.182   0.988   0.713   1.00 25.10 ? 12  TYR A CB  1 
ATOM   72   C CG  . TYR A 1 12  ? 3.104   2.291   -0.046  1.00 23.72 ? 12  TYR A CG  1 
ATOM   73   C CD1 . TYR A 1 12  ? 4.156   2.708   -0.860  1.00 32.03 ? 12  TYR A CD1 1 
ATOM   74   C CD2 . TYR A 1 12  ? 1.972   3.100   0.037   1.00 27.38 ? 12  TYR A CD2 1 
ATOM   75   C CE1 . TYR A 1 12  ? 4.085   3.900   -1.576  1.00 35.46 ? 12  TYR A CE1 1 
ATOM   76   C CE2 . TYR A 1 12  ? 1.886   4.295   -0.677  1.00 36.21 ? 12  TYR A CE2 1 
ATOM   77   C CZ  . TYR A 1 12  ? 2.948   4.689   -1.481  1.00 41.23 ? 12  TYR A CZ  1 
ATOM   78   O OH  . TYR A 1 12  ? 2.880   5.866   -2.189  1.00 40.32 ? 12  TYR A OH  1 
ATOM   79   N N   . GLY A 1 13  ? 4.099   -2.411  0.449   1.00 14.31 ? 13  GLY A N   1 
ATOM   80   C CA  . GLY A 1 13  ? 4.181   -3.623  1.241   1.00 17.90 ? 13  GLY A CA  1 
ATOM   81   C C   . GLY A 1 13  ? 3.592   -4.858  0.590   1.00 28.54 ? 13  GLY A C   1 
ATOM   82   O O   . GLY A 1 13  ? 3.917   -5.985  0.975   1.00 34.27 ? 13  GLY A O   1 
ATOM   83   N N   . THR A 1 14  ? 2.740   -4.655  -0.409  1.00 28.27 ? 14  THR A N   1 
ATOM   84   C CA  . THR A 1 14  ? 2.111   -5.772  -1.098  1.00 18.60 ? 14  THR A CA  1 
ATOM   85   C C   . THR A 1 14  ? 2.807   -6.043  -2.430  1.00 19.30 ? 14  THR A C   1 
ATOM   86   O O   . THR A 1 14  ? 3.150   -7.184  -2.747  1.00 24.21 ? 14  THR A O   1 
ATOM   87   C CB  . THR A 1 14  ? 0.608   -5.505  -1.315  1.00 15.37 ? 14  THR A CB  1 
ATOM   88   O OG1 . THR A 1 14  ? -0.007  -5.171  -0.060  1.00 13.86 ? 14  THR A OG1 1 
ATOM   89   C CG2 . THR A 1 14  ? -0.077  -6.737  -1.894  1.00 12.62 ? 14  THR A CG2 1 
ATOM   90   N N   . LEU A 1 15  ? 3.019   -4.990  -3.208  1.00 19.40 ? 15  LEU A N   1 
ATOM   91   C CA  . LEU A 1 15  ? 3.677   -5.120  -4.501  1.00 23.08 ? 15  LEU A CA  1 
ATOM   92   C C   . LEU A 1 15  ? 5.070   -4.487  -4.482  1.00 19.40 ? 15  LEU A C   1 
ATOM   93   O O   . LEU A 1 15  ? 5.967   -4.943  -5.190  1.00 19.11 ? 15  LEU A O   1 
ATOM   94   C CB  . LEU A 1 15  ? 2.827   -4.471  -5.607  1.00 24.58 ? 15  LEU A CB  1 
ATOM   95   C CG  . LEU A 1 15  ? 1.401   -4.977  -5.864  1.00 17.18 ? 15  LEU A CG  1 
ATOM   96   C CD1 . LEU A 1 15  ? 0.710   -4.041  -6.831  1.00 16.96 ? 15  LEU A CD1 1 
ATOM   97   C CD2 . LEU A 1 15  ? 1.406   -6.393  -6.409  1.00 13.69 ? 15  LEU A CD2 1 
ATOM   98   N N   . PHE A 1 16  ? 5.230   -3.424  -3.698  1.00 18.56 ? 16  PHE A N   1 
ATOM   99   C CA  . PHE A 1 16  ? 6.503   -2.713  -3.583  1.00 26.40 ? 16  PHE A CA  1 
ATOM   100  C C   . PHE A 1 16  ? 7.043   -2.740  -2.159  1.00 30.29 ? 16  PHE A C   1 
ATOM   101  O O   . PHE A 1 16  ? 6.296   -2.548  -1.201  1.00 31.97 ? 16  PHE A O   1 
ATOM   102  C CB  . PHE A 1 16  ? 6.351   -1.273  -4.078  1.00 19.47 ? 16  PHE A CB  1 
ATOM   103  C CG  . PHE A 1 16  ? 5.998   -1.179  -5.532  1.00 23.17 ? 16  PHE A CG  1 
ATOM   104  C CD1 . PHE A 1 16  ? 4.698   -1.431  -5.964  1.00 23.44 ? 16  PHE A CD1 1 
ATOM   105  C CD2 . PHE A 1 16  ? 6.973   -0.895  -6.479  1.00 22.28 ? 16  PHE A CD2 1 
ATOM   106  C CE1 . PHE A 1 16  ? 4.376   -1.406  -7.316  1.00 24.11 ? 16  PHE A CE1 1 
ATOM   107  C CE2 . PHE A 1 16  ? 6.660   -0.867  -7.836  1.00 25.99 ? 16  PHE A CE2 1 
ATOM   108  C CZ  . PHE A 1 16  ? 5.359   -1.126  -8.255  1.00 27.90 ? 16  PHE A CZ  1 
ATOM   109  N N   . ASP A 1 17  ? 8.349   -2.960  -2.034  1.00 34.66 ? 17  ASP A N   1 
ATOM   110  C CA  . ASP A 1 17  ? 9.006   -3.051  -0.731  1.00 37.59 ? 17  ASP A CA  1 
ATOM   111  C C   . ASP A 1 17  ? 9.320   -1.712  -0.055  1.00 32.65 ? 17  ASP A C   1 
ATOM   112  O O   . ASP A 1 17  ? 10.060  -0.884  -0.584  1.00 30.09 ? 17  ASP A O   1 
ATOM   113  C CB  . ASP A 1 17  ? 10.280  -3.904  -0.847  1.00 45.59 ? 17  ASP A CB  1 
ATOM   114  C CG  . ASP A 1 17  ? 10.740  -4.482  0.493   1.00 50.23 ? 17  ASP A CG  1 
ATOM   115  O OD1 . ASP A 1 17  ? 10.013  -4.365  1.508   1.00 47.77 ? 17  ASP A OD1 1 
ATOM   116  O OD2 . ASP A 1 17  ? 11.837  -5.077  0.527   1.00 50.66 ? 17  ASP A OD2 1 
ATOM   117  N N   . VAL A 1 18  ? 8.745   -1.519  1.125   1.00 32.20 ? 18  VAL A N   1 
ATOM   118  C CA  . VAL A 1 18  ? 8.952   -0.306  1.905   1.00 36.84 ? 18  VAL A CA  1 
ATOM   119  C C   . VAL A 1 18  ? 10.397  -0.265  2.406   1.00 34.94 ? 18  VAL A C   1 
ATOM   120  O O   . VAL A 1 18  ? 10.979  0.804   2.572   1.00 31.15 ? 18  VAL A O   1 
ATOM   121  C CB  . VAL A 1 18  ? 7.975   -0.256  3.115   1.00 38.41 ? 18  VAL A CB  1 
ATOM   122  C CG1 . VAL A 1 18  ? 8.132   1.048   3.881   1.00 41.06 ? 18  VAL A CG1 1 
ATOM   123  C CG2 . VAL A 1 18  ? 6.535   -0.412  2.639   1.00 38.73 ? 18  VAL A CG2 1 
ATOM   124  N N   . HIS A 1 19  ? 10.978  -1.440  2.617   1.00 41.56 ? 19  HIS A N   1 
ATOM   125  C CA  . HIS A 1 19  ? 12.351  -1.554  3.097   1.00 42.95 ? 19  HIS A CA  1 
ATOM   126  C C   . HIS A 1 19  ? 13.373  -0.917  2.153   1.00 42.68 ? 19  HIS A C   1 
ATOM   127  O O   . HIS A 1 19  ? 14.559  -0.853  2.477   1.00 49.73 ? 19  HIS A O   1 
ATOM   128  C CB  . HIS A 1 19  ? 12.701  -3.017  3.346   1.00 41.80 ? 19  HIS A CB  1 
ATOM   129  N N   . SER A 1 20  ? 12.918  -0.478  0.985   1.00 37.73 ? 20  SER A N   1 
ATOM   130  C CA  . SER A 1 20  ? 13.795  0.159   0.005   1.00 39.52 ? 20  SER A CA  1 
ATOM   131  C C   . SER A 1 20  ? 14.216  1.549   0.486   1.00 39.96 ? 20  SER A C   1 
ATOM   132  O O   . SER A 1 20  ? 15.202  2.122   0.008   1.00 40.80 ? 20  SER A O   1 
ATOM   133  C CB  . SER A 1 20  ? 13.078  0.279   -1.347  1.00 42.41 ? 20  SER A CB  1 
ATOM   134  O OG  . SER A 1 20  ? 12.696  -0.993  -1.850  1.00 46.08 ? 20  SER A OG  1 
ATOM   135  N N   . VAL A 1 21  ? 13.445  2.087   1.423   1.00 36.91 ? 21  VAL A N   1 
ATOM   136  C CA  . VAL A 1 21  ? 13.694  3.407   1.986   1.00 36.82 ? 21  VAL A CA  1 
ATOM   137  C C   . VAL A 1 21  ? 14.834  3.406   3.006   1.00 37.76 ? 21  VAL A C   1 
ATOM   138  O O   . VAL A 1 21  ? 15.561  4.394   3.125   1.00 39.17 ? 21  VAL A O   1 
ATOM   139  C CB  . VAL A 1 21  ? 12.402  3.968   2.634   1.00 35.38 ? 21  VAL A CB  1 
ATOM   140  C CG1 . VAL A 1 21  ? 12.657  5.329   3.253   1.00 38.29 ? 21  VAL A CG1 1 
ATOM   141  C CG2 . VAL A 1 21  ? 11.302  4.066   1.590   1.00 40.91 ? 21  VAL A CG2 1 
ATOM   142  N N   . VAL A 1 22  ? 14.994  2.288   3.715   1.00 35.94 ? 22  VAL A N   1 
ATOM   143  C CA  . VAL A 1 22  ? 16.028  2.131   4.740   1.00 32.43 ? 22  VAL A CA  1 
ATOM   144  C C   . VAL A 1 22  ? 17.411  2.579   4.282   1.00 34.51 ? 22  VAL A C   1 
ATOM   145  O O   . VAL A 1 22  ? 18.141  3.231   5.029   1.00 36.46 ? 22  VAL A O   1 
ATOM   146  C CB  . VAL A 1 22  ? 16.137  0.666   5.207   1.00 28.00 ? 22  VAL A CB  1 
ATOM   147  C CG1 . VAL A 1 22  ? 17.279  0.511   6.194   1.00 28.45 ? 22  VAL A CG1 1 
ATOM   148  C CG2 . VAL A 1 22  ? 14.835  0.213   5.841   1.00 31.33 ? 22  VAL A CG2 1 
ATOM   149  N N   . GLY A 1 23  ? 17.778  2.180   3.069   1.00 31.10 ? 23  GLY A N   1 
ATOM   150  C CA  . GLY A 1 23  ? 19.073  2.537   2.531   1.00 23.60 ? 23  GLY A CA  1 
ATOM   151  C C   . GLY A 1 23  ? 19.321  4.026   2.477   1.00 24.74 ? 23  GLY A C   1 
ATOM   152  O O   . GLY A 1 23  ? 20.344  4.504   2.955   1.00 30.00 ? 23  GLY A O   1 
ATOM   153  N N   . ARG A 1 24  ? 18.392  4.761   1.881   1.00 30.75 ? 24  ARG A N   1 
ATOM   154  C CA  . ARG A 1 24  ? 18.528  6.206   1.750   1.00 34.01 ? 24  ARG A CA  1 
ATOM   155  C C   . ARG A 1 24  ? 18.370  6.931   3.085   1.00 31.61 ? 24  ARG A C   1 
ATOM   156  O O   . ARG A 1 24  ? 18.793  8.080   3.230   1.00 29.32 ? 24  ARG A O   1 
ATOM   157  C CB  . ARG A 1 24  ? 17.528  6.736   0.720   1.00 46.91 ? 24  ARG A CB  1 
ATOM   158  C CG  . ARG A 1 24  ? 17.436  5.888   -0.554  1.00 64.90 ? 24  ARG A CG  1 
ATOM   159  C CD  . ARG A 1 24  ? 18.793  5.711   -1.236  1.00 78.19 ? 24  ARG A CD  1 
ATOM   160  N NE  . ARG A 1 24  ? 18.747  4.741   -2.332  1.00 89.56 ? 24  ARG A NE  1 
ATOM   161  C CZ  . ARG A 1 24  ? 18.673  3.421   -2.172  1.00 93.32 ? 24  ARG A CZ  1 
ATOM   162  N NH1 . ARG A 1 24  ? 18.634  2.890   -0.954  1.00 94.55 ? 24  ARG A NH1 1 
ATOM   163  N NH2 . ARG A 1 24  ? 18.636  2.624   -3.235  1.00 93.51 ? 24  ARG A NH2 1 
ATOM   164  N N   . CYS A 1 25  ? 17.718  6.271   4.038   1.00 32.95 ? 25  CYS A N   1 
ATOM   165  C CA  . CYS A 1 25  ? 17.514  6.825   5.374   1.00 36.50 ? 25  CYS A CA  1 
ATOM   166  C C   . CYS A 1 25  ? 18.799  6.705   6.181   1.00 41.36 ? 25  CYS A C   1 
ATOM   167  O O   . CYS A 1 25  ? 19.140  7.594   6.965   1.00 40.70 ? 25  CYS A O   1 
ATOM   168  C CB  . CYS A 1 25  ? 16.393  6.074   6.108   1.00 34.58 ? 25  CYS A CB  1 
ATOM   169  S SG  . CYS A 1 25  ? 14.724  6.679   5.783   1.00 24.82 ? 25  CYS A SG  1 
ATOM   170  N N   . ASP A 1 26  ? 19.491  5.584   5.991   1.00 45.63 ? 26  ASP A N   1 
ATOM   171  C CA  . ASP A 1 26  ? 20.734  5.289   6.692   1.00 43.34 ? 26  ASP A CA  1 
ATOM   172  C C   . ASP A 1 26  ? 21.916  6.115   6.195   1.00 39.43 ? 26  ASP A C   1 
ATOM   173  O O   . ASP A 1 26  ? 22.810  6.460   6.969   1.00 38.20 ? 26  ASP A O   1 
ATOM   174  C CB  . ASP A 1 26  ? 21.053  3.798   6.572   1.00 38.90 ? 26  ASP A CB  1 
ATOM   175  C CG  . ASP A 1 26  ? 22.019  3.327   7.632   1.00 44.65 ? 26  ASP A CG  1 
ATOM   176  O OD1 . ASP A 1 26  ? 23.243  3.425   7.409   1.00 60.67 ? 26  ASP A OD1 1 
ATOM   177  O OD2 . ASP A 1 26  ? 21.556  2.860   8.693   1.00 39.83 ? 26  ASP A OD2 1 
ATOM   178  N N   . GLU A 1 27  ? 21.933  6.423   4.905   1.00 35.73 ? 27  GLU A N   1 
ATOM   179  C CA  . GLU A 1 27  ? 23.026  7.204   4.355   1.00 32.54 ? 27  GLU A CA  1 
ATOM   180  C C   . GLU A 1 27  ? 22.872  8.692   4.643   1.00 33.55 ? 27  GLU A C   1 
ATOM   181  O O   . GLU A 1 27  ? 23.612  9.517   4.107   1.00 42.07 ? 27  GLU A O   1 
ATOM   182  C CB  . GLU A 1 27  ? 23.170  6.952   2.858   1.00 35.76 ? 27  GLU A CB  1 
ATOM   183  C CG  . GLU A 1 27  ? 22.030  7.454   2.007   1.00 36.32 ? 27  GLU A CG  1 
ATOM   184  C CD  . GLU A 1 27  ? 22.308  7.254   0.536   1.00 37.22 ? 27  GLU A CD  1 
ATOM   185  O OE1 . GLU A 1 27  ? 22.182  6.102   0.064   1.00 42.23 ? 27  GLU A OE1 1 
ATOM   186  O OE2 . GLU A 1 27  ? 22.673  8.240   -0.142  1.00 40.66 ? 27  GLU A OE2 1 
ATOM   187  N N   . ALA A 1 28  ? 21.897  9.028   5.481   1.00 33.67 ? 28  ALA A N   1 
ATOM   188  C CA  . ALA A 1 28  ? 21.646  10.411  5.874   1.00 30.69 ? 28  ALA A CA  1 
ATOM   189  C C   . ALA A 1 28  ? 21.795  10.506  7.391   1.00 30.33 ? 28  ALA A C   1 
ATOM   190  O O   . ALA A 1 28  ? 22.153  11.550  7.929   1.00 31.64 ? 28  ALA A O   1 
ATOM   191  C CB  . ALA A 1 28  ? 20.249  10.844  5.443   1.00 35.79 ? 28  ALA A CB  1 
ATOM   192  N N   . PHE A 1 29  ? 21.504  9.399   8.070   1.00 34.49 ? 29  PHE A N   1 
ATOM   193  C CA  . PHE A 1 29  ? 21.610  9.293   9.524   1.00 36.00 ? 29  PHE A CA  1 
ATOM   194  C C   . PHE A 1 29  ? 22.146  7.885   9.775   1.00 38.09 ? 29  PHE A C   1 
ATOM   195  O O   . PHE A 1 29  ? 21.407  6.994   10.188  1.00 42.10 ? 29  PHE A O   1 
ATOM   196  C CB  . PHE A 1 29  ? 20.233  9.455   10.186  1.00 37.65 ? 29  PHE A CB  1 
ATOM   197  C CG  . PHE A 1 29  ? 19.502  10.712  9.787   1.00 39.72 ? 29  PHE A CG  1 
ATOM   198  C CD1 . PHE A 1 29  ? 19.928  11.956  10.238  1.00 38.00 ? 29  PHE A CD1 1 
ATOM   199  C CD2 . PHE A 1 29  ? 18.390  10.651  8.953   1.00 38.64 ? 29  PHE A CD2 1 
ATOM   200  C CE1 . PHE A 1 29  ? 19.258  13.120  9.867   1.00 41.68 ? 29  PHE A CE1 1 
ATOM   201  C CE2 . PHE A 1 29  ? 17.713  11.810  8.577   1.00 42.73 ? 29  PHE A CE2 1 
ATOM   202  C CZ  . PHE A 1 29  ? 18.149  13.046  9.035   1.00 40.76 ? 29  PHE A CZ  1 
ATOM   203  N N   . PRO A 1 30  ? 23.451  7.675   9.531   1.00 46.19 ? 30  PRO A N   1 
ATOM   204  C CA  . PRO A 1 30  ? 24.156  6.395   9.697   1.00 49.21 ? 30  PRO A CA  1 
ATOM   205  C C   . PRO A 1 30  ? 23.846  5.609   10.971  1.00 50.70 ? 30  PRO A C   1 
ATOM   206  O O   . PRO A 1 30  ? 23.917  6.145   12.083  1.00 49.84 ? 30  PRO A O   1 
ATOM   207  C CB  . PRO A 1 30  ? 25.623  6.809   9.624   1.00 53.71 ? 30  PRO A CB  1 
ATOM   208  C CG  . PRO A 1 30  ? 25.582  7.955   8.650   1.00 53.82 ? 30  PRO A CG  1 
ATOM   209  C CD  . PRO A 1 30  ? 24.399  8.742   9.157   1.00 44.71 ? 30  PRO A CD  1 
ATOM   210  N N   . GLY A 1 31  ? 23.556  4.321   10.791  1.00 51.52 ? 31  GLY A N   1 
ATOM   211  C CA  . GLY A 1 31  ? 23.230  3.445   11.906  1.00 52.48 ? 31  GLY A CA  1 
ATOM   212  C C   . GLY A 1 31  ? 21.779  3.556   12.341  1.00 55.87 ? 31  GLY A C   1 
ATOM   213  O O   . GLY A 1 31  ? 21.171  2.580   12.795  1.00 55.53 ? 31  GLY A O   1 
ATOM   214  N N   . ARG A 1 32  ? 21.232  4.757   12.192  1.00 56.38 ? 32  ARG A N   1 
ATOM   215  C CA  . ARG A 1 32  ? 19.855  5.061   12.559  1.00 57.37 ? 32  ARG A CA  1 
ATOM   216  C C   . ARG A 1 32  ? 18.856  4.809   11.422  1.00 56.24 ? 32  ARG A C   1 
ATOM   217  O O   . ARG A 1 32  ? 17.647  4.903   11.627  1.00 62.26 ? 32  ARG A O   1 
ATOM   218  C CB  . ARG A 1 32  ? 19.765  6.527   12.995  1.00 53.11 ? 32  ARG A CB  1 
ATOM   219  C CG  . ARG A 1 32  ? 20.468  6.852   14.300  1.00 48.82 ? 32  ARG A CG  1 
ATOM   220  C CD  . ARG A 1 32  ? 19.715  6.266   15.480  1.00 51.22 ? 32  ARG A CD  1 
ATOM   221  N NE  . ARG A 1 32  ? 19.758  7.152   16.642  1.00 60.89 ? 32  ARG A NE  1 
ATOM   222  C CZ  . ARG A 1 32  ? 18.806  7.226   17.570  1.00 63.66 ? 32  ARG A CZ  1 
ATOM   223  N NH1 . ARG A 1 32  ? 17.721  6.464   17.485  1.00 64.38 ? 32  ARG A NH1 1 
ATOM   224  N NH2 . ARG A 1 32  ? 18.930  8.075   18.582  1.00 68.33 ? 32  ARG A NH2 1 
ATOM   225  N N   . GLY A 1 33  ? 19.365  4.476   10.239  1.00 53.26 ? 33  GLY A N   1 
ATOM   226  C CA  . GLY A 1 33  ? 18.517  4.248   9.079   1.00 46.27 ? 33  GLY A CA  1 
ATOM   227  C C   . GLY A 1 33  ? 17.371  3.261   9.182   1.00 44.89 ? 33  GLY A C   1 
ATOM   228  O O   . GLY A 1 33  ? 16.385  3.391   8.462   1.00 42.15 ? 33  GLY A O   1 
ATOM   229  N N   . ARG A 1 34  ? 17.518  2.242   10.019  1.00 45.89 ? 34  ARG A N   1 
ATOM   230  C CA  . ARG A 1 34  ? 16.465  1.244   10.186  1.00 49.22 ? 34  ARG A CA  1 
ATOM   231  C C   . ARG A 1 34  ? 15.438  1.655   11.234  1.00 47.20 ? 34  ARG A C   1 
ATOM   232  O O   . ARG A 1 34  ? 14.307  1.166   11.233  1.00 44.20 ? 34  ARG A O   1 
ATOM   233  C CB  . ARG A 1 34  ? 17.072  -0.115  10.542  1.00 59.83 ? 34  ARG A CB  1 
ATOM   234  C CG  . ARG A 1 34  ? 17.372  -0.994  9.331   1.00 73.22 ? 34  ARG A CG  1 
ATOM   235  C CD  . ARG A 1 34  ? 18.777  -1.587  9.364   1.00 84.61 ? 34  ARG A CD  1 
ATOM   236  N NE  . ARG A 1 34  ? 19.814  -0.600  9.058   1.00 90.89 ? 34  ARG A NE  1 
ATOM   237  C CZ  . ARG A 1 34  ? 20.833  -0.813  8.226   1.00 93.89 ? 34  ARG A CZ  1 
ATOM   238  N NH1 . ARG A 1 34  ? 20.958  -1.979  7.603   1.00 95.94 ? 34  ARG A NH1 1 
ATOM   239  N NH2 . ARG A 1 34  ? 21.726  0.142   8.011   1.00 94.25 ? 34  ARG A NH2 1 
ATOM   240  N N   . GLU A 1 35  ? 15.857  2.521   12.152  1.00 47.59 ? 35  GLU A N   1 
ATOM   241  C CA  . GLU A 1 35  ? 14.992  3.009   13.222  1.00 48.48 ? 35  GLU A CA  1 
ATOM   242  C C   . GLU A 1 35  ? 14.093  4.129   12.725  1.00 42.80 ? 35  GLU A C   1 
ATOM   243  O O   . GLU A 1 35  ? 12.974  4.300   13.206  1.00 42.71 ? 35  GLU A O   1 
ATOM   244  C CB  . GLU A 1 35  ? 15.837  3.511   14.395  1.00 56.54 ? 35  GLU A CB  1 
ATOM   245  C CG  . GLU A 1 35  ? 16.712  2.437   15.021  1.00 73.50 ? 35  GLU A CG  1 
ATOM   246  C CD  . GLU A 1 35  ? 17.601  2.970   16.126  1.00 82.48 ? 35  GLU A CD  1 
ATOM   247  O OE1 . GLU A 1 35  ? 17.067  3.387   17.178  1.00 87.09 ? 35  GLU A OE1 1 
ATOM   248  O OE2 . GLU A 1 35  ? 18.837  2.965   15.940  1.00 85.26 ? 35  GLU A OE2 1 
ATOM   249  N N   . ILE A 1 36  ? 14.617  4.921   11.800  1.00 36.18 ? 36  ILE A N   1 
ATOM   250  C CA  . ILE A 1 36  ? 13.874  6.030   11.231  1.00 33.14 ? 36  ILE A CA  1 
ATOM   251  C C   . ILE A 1 36  ? 12.747  5.542   10.325  1.00 34.91 ? 36  ILE A C   1 
ATOM   252  O O   . ILE A 1 36  ? 11.694  6.166   10.258  1.00 42.75 ? 36  ILE A O   1 
ATOM   253  C CB  . ILE A 1 36  ? 14.820  6.984   10.462  1.00 27.33 ? 36  ILE A CB  1 
ATOM   254  C CG1 . ILE A 1 36  ? 15.748  7.688   11.452  1.00 26.56 ? 36  ILE A CG1 1 
ATOM   255  C CG2 . ILE A 1 36  ? 14.029  8.005   9.656   1.00 27.27 ? 36  ILE A CG2 1 
ATOM   256  C CD1 . ILE A 1 36  ? 16.802  8.538   10.810  1.00 17.43 ? 36  ILE A CD1 1 
ATOM   257  N N   . SER A 1 37  ? 12.958  4.415   9.658   1.00 33.88 ? 37  SER A N   1 
ATOM   258  C CA  . SER A 1 37  ? 11.951  3.866   8.757   1.00 38.05 ? 37  SER A CA  1 
ATOM   259  C C   . SER A 1 37  ? 10.835  3.134   9.493   1.00 37.08 ? 37  SER A C   1 
ATOM   260  O O   . SER A 1 37  ? 9.665   3.252   9.134   1.00 44.06 ? 37  SER A O   1 
ATOM   261  C CB  . SER A 1 37  ? 12.605  2.935   7.740   1.00 35.38 ? 37  SER A CB  1 
ATOM   262  O OG  . SER A 1 37  ? 13.636  3.612   7.038   1.00 58.25 ? 37  SER A OG  1 
ATOM   263  N N   . ALA A 1 38  ? 11.193  2.369   10.520  1.00 34.32 ? 38  ALA A N   1 
ATOM   264  C CA  . ALA A 1 38  ? 10.201  1.632   11.292  1.00 28.51 ? 38  ALA A CA  1 
ATOM   265  C C   . ALA A 1 38  ? 9.225   2.590   11.966  1.00 29.88 ? 38  ALA A C   1 
ATOM   266  O O   . ALA A 1 38  ? 8.036   2.286   12.110  1.00 26.76 ? 38  ALA A O   1 
ATOM   267  C CB  . ALA A 1 38  ? 10.882  0.765   12.327  1.00 32.57 ? 38  ALA A CB  1 
ATOM   268  N N   . LEU A 1 39  ? 9.741   3.733   12.403  1.00 30.08 ? 39  LEU A N   1 
ATOM   269  C CA  . LEU A 1 39  ? 8.929   4.749   13.059  1.00 30.15 ? 39  LEU A CA  1 
ATOM   270  C C   . LEU A 1 39  ? 8.196   5.610   12.032  1.00 31.15 ? 39  LEU A C   1 
ATOM   271  O O   . LEU A 1 39  ? 7.148   6.180   12.333  1.00 41.05 ? 39  LEU A O   1 
ATOM   272  C CB  . LEU A 1 39  ? 9.802   5.626   13.961  1.00 26.88 ? 39  LEU A CB  1 
ATOM   273  C CG  . LEU A 1 39  ? 9.088   6.689   14.799  1.00 27.73 ? 39  LEU A CG  1 
ATOM   274  C CD1 . LEU A 1 39  ? 8.088   6.034   15.742  1.00 22.56 ? 39  LEU A CD1 1 
ATOM   275  C CD2 . LEU A 1 39  ? 10.104  7.502   15.572  1.00 19.12 ? 39  LEU A CD2 1 
ATOM   276  N N   . TRP A 1 40  ? 8.740   5.680   10.821  1.00 30.25 ? 40  TRP A N   1 
ATOM   277  C CA  . TRP A 1 40  ? 8.146   6.460   9.735   1.00 22.23 ? 40  TRP A CA  1 
ATOM   278  C C   . TRP A 1 40  ? 6.846   5.835   9.253   1.00 20.76 ? 40  TRP A C   1 
ATOM   279  O O   . TRP A 1 40  ? 5.840   6.526   9.114   1.00 22.04 ? 40  TRP A O   1 
ATOM   280  C CB  . TRP A 1 40  ? 9.114   6.549   8.557   1.00 21.82 ? 40  TRP A CB  1 
ATOM   281  C CG  . TRP A 1 40  ? 8.823   7.653   7.578   1.00 20.84 ? 40  TRP A CG  1 
ATOM   282  C CD1 . TRP A 1 40  ? 7.821   8.580   7.649   1.00 20.32 ? 40  TRP A CD1 1 
ATOM   283  C CD2 . TRP A 1 40  ? 9.581   7.970   6.402   1.00 20.83 ? 40  TRP A CD2 1 
ATOM   284  N NE1 . TRP A 1 40  ? 7.914   9.459   6.597   1.00 14.08 ? 40  TRP A NE1 1 
ATOM   285  C CE2 . TRP A 1 40  ? 8.982   9.107   5.815   1.00 13.54 ? 40  TRP A CE2 1 
ATOM   286  C CE3 . TRP A 1 40  ? 10.712  7.408   5.790   1.00 12.78 ? 40  TRP A CE3 1 
ATOM   287  C CZ2 . TRP A 1 40  ? 9.476   9.692   4.645   1.00 13.95 ? 40  TRP A CZ2 1 
ATOM   288  C CZ3 . TRP A 1 40  ? 11.201  7.990   4.627   1.00 10.19 ? 40  TRP A CZ3 1 
ATOM   289  C CH2 . TRP A 1 40  ? 10.582  9.121   4.068   1.00 13.17 ? 40  TRP A CH2 1 
ATOM   290  N N   . ARG A 1 41  ? 6.881   4.534   8.977   1.00 17.45 ? 41  ARG A N   1 
ATOM   291  C CA  . ARG A 1 41  ? 5.707   3.815   8.495   1.00 25.68 ? 41  ARG A CA  1 
ATOM   292  C C   . ARG A 1 41  ? 4.587   3.742   9.525   1.00 22.56 ? 41  ARG A C   1 
ATOM   293  O O   . ARG A 1 41  ? 3.416   3.786   9.159   1.00 29.22 ? 41  ARG A O   1 
ATOM   294  C CB  . ARG A 1 41  ? 6.080   2.403   8.025   1.00 30.44 ? 41  ARG A CB  1 
ATOM   295  C CG  . ARG A 1 41  ? 5.382   1.980   6.720   1.00 46.45 ? 41  ARG A CG  1 
ATOM   296  C CD  . ARG A 1 41  ? 3.864   1.866   6.868   1.00 47.91 ? 41  ARG A CD  1 
ATOM   297  N NE  . ARG A 1 41  ? 3.165   1.808   5.583   1.00 53.85 ? 41  ARG A NE  1 
ATOM   298  C CZ  . ARG A 1 41  ? 2.598   0.715   5.074   1.00 53.06 ? 41  ARG A CZ  1 
ATOM   299  N NH1 . ARG A 1 41  ? 2.638   -0.440  5.730   1.00 52.70 ? 41  ARG A NH1 1 
ATOM   300  N NH2 . ARG A 1 41  ? 1.957   0.784   3.916   1.00 52.30 ? 41  ARG A NH2 1 
ATOM   301  N N   . GLN A 1 42  ? 4.935   3.565   10.797  1.00 20.15 ? 42  GLN A N   1 
ATOM   302  C CA  . GLN A 1 42  ? 3.921   3.505   11.846  1.00 24.76 ? 42  GLN A CA  1 
ATOM   303  C C   . GLN A 1 42  ? 3.263   4.863   12.024  1.00 26.37 ? 42  GLN A C   1 
ATOM   304  O O   . GLN A 1 42  ? 2.094   4.949   12.382  1.00 26.95 ? 42  GLN A O   1 
ATOM   305  C CB  . GLN A 1 42  ? 4.517   3.046   13.176  1.00 24.67 ? 42  GLN A CB  1 
ATOM   306  C CG  . GLN A 1 42  ? 4.438   1.546   13.393  1.00 43.32 ? 42  GLN A CG  1 
ATOM   307  C CD  . GLN A 1 42  ? 3.010   1.014   13.346  1.00 52.72 ? 42  GLN A CD  1 
ATOM   308  O OE1 . GLN A 1 42  ? 2.719   0.048   12.637  1.00 59.54 ? 42  GLN A OE1 1 
ATOM   309  N NE2 . GLN A 1 42  ? 2.117   1.636   14.113  1.00 50.32 ? 42  GLN A NE2 1 
ATOM   310  N N   . LYS A 1 43  ? 4.040   5.919   11.813  1.00 27.36 ? 43  LYS A N   1 
ATOM   311  C CA  . LYS A 1 43  ? 3.545   7.281   11.927  1.00 25.29 ? 43  LYS A CA  1 
ATOM   312  C C   . LYS A 1 43  ? 2.640   7.635   10.752  1.00 24.75 ? 43  LYS A C   1 
ATOM   313  O O   . LYS A 1 43  ? 1.686   8.390   10.912  1.00 23.88 ? 43  LYS A O   1 
ATOM   314  C CB  . LYS A 1 43  ? 4.715   8.261   12.011  1.00 28.30 ? 43  LYS A CB  1 
ATOM   315  C CG  . LYS A 1 43  ? 4.915   8.889   13.386  1.00 26.98 ? 43  LYS A CG  1 
ATOM   316  C CD  . LYS A 1 43  ? 4.961   7.853   14.490  1.00 20.50 ? 43  LYS A CD  1 
ATOM   317  C CE  . LYS A 1 43  ? 3.625   7.733   15.209  1.00 22.70 ? 43  LYS A CE  1 
ATOM   318  N NZ  . LYS A 1 43  ? 3.287   8.942   16.004  1.00 21.52 ? 43  LYS A NZ  1 
ATOM   319  N N   . GLN A 1 44  ? 2.974   7.125   9.568   1.00 24.90 ? 44  GLN A N   1 
ATOM   320  C CA  . GLN A 1 44  ? 2.176   7.364   8.367   1.00 25.71 ? 44  GLN A CA  1 
ATOM   321  C C   . GLN A 1 44  ? 0.790   6.789   8.596   1.00 23.72 ? 44  GLN A C   1 
ATOM   322  O O   . GLN A 1 44  ? -0.205  7.496   8.504   1.00 25.17 ? 44  GLN A O   1 
ATOM   323  C CB  . GLN A 1 44  ? 2.777   6.652   7.156   1.00 20.79 ? 44  GLN A CB  1 
ATOM   324  C CG  . GLN A 1 44  ? 3.923   7.354   6.474   1.00 16.49 ? 44  GLN A CG  1 
ATOM   325  C CD  . GLN A 1 44  ? 4.329   6.643   5.204   1.00 16.24 ? 44  GLN A CD  1 
ATOM   326  O OE1 . GLN A 1 44  ? 3.877   5.524   4.937   1.00 21.58 ? 44  GLN A OE1 1 
ATOM   327  N NE2 . GLN A 1 44  ? 5.165   7.287   4.401   1.00 19.82 ? 44  GLN A NE2 1 
ATOM   328  N N   . LEU A 1 45  ? 0.754   5.486   8.860   1.00 21.09 ? 45  LEU A N   1 
ATOM   329  C CA  . LEU A 1 45  ? -0.482  4.761   9.108   1.00 19.92 ? 45  LEU A CA  1 
ATOM   330  C C   . LEU A 1 45  ? -1.325  5.417   10.188  1.00 18.69 ? 45  LEU A C   1 
ATOM   331  O O   . LEU A 1 45  ? -2.526  5.583   10.029  1.00 27.84 ? 45  LEU A O   1 
ATOM   332  C CB  . LEU A 1 45  ? -0.178  3.318   9.524   1.00 16.14 ? 45  LEU A CB  1 
ATOM   333  C CG  . LEU A 1 45  ? 0.340   2.338   8.474   1.00 16.91 ? 45  LEU A CG  1 
ATOM   334  C CD1 . LEU A 1 45  ? 0.487   0.968   9.116   1.00 23.45 ? 45  LEU A CD1 1 
ATOM   335  C CD2 . LEU A 1 45  ? -0.621  2.258   7.291   1.00 16.60 ? 45  LEU A CD2 1 
ATOM   336  N N   . GLU A 1 46  ? -0.701  5.737   11.312  1.00 10.52 ? 46  GLU A N   1 
ATOM   337  C CA  . GLU A 1 46  ? -1.425  6.351   12.407  1.00 15.40 ? 46  GLU A CA  1 
ATOM   338  C C   . GLU A 1 46  ? -1.988  7.725   12.060  1.00 14.50 ? 46  GLU A C   1 
ATOM   339  O O   . GLU A 1 46  ? -3.034  8.113   12.572  1.00 20.95 ? 46  GLU A O   1 
ATOM   340  C CB  . GLU A 1 46  ? -0.550  6.408   13.657  1.00 19.48 ? 46  GLU A CB  1 
ATOM   341  C CG  . GLU A 1 46  ? -0.320  5.028   14.271  1.00 33.98 ? 46  GLU A CG  1 
ATOM   342  C CD  . GLU A 1 46  ? 0.752   5.010   15.351  1.00 42.60 ? 46  GLU A CD  1 
ATOM   343  O OE1 . GLU A 1 46  ? 1.116   6.090   15.870  1.00 38.34 ? 46  GLU A OE1 1 
ATOM   344  O OE2 . GLU A 1 46  ? 1.232   3.902   15.682  1.00 50.41 ? 46  GLU A OE2 1 
ATOM   345  N N   . TYR A 1 47  ? -1.295  8.467   11.208  1.00 10.32 ? 47  TYR A N   1 
ATOM   346  C CA  . TYR A 1 47  ? -1.770  9.783   10.823  1.00 7.01  ? 47  TYR A CA  1 
ATOM   347  C C   . TYR A 1 47  ? -2.948  9.696   9.865   1.00 14.39 ? 47  TYR A C   1 
ATOM   348  O O   . TYR A 1 47  ? -3.888  10.480  9.967   1.00 21.67 ? 47  TYR A O   1 
ATOM   349  C CB  . TYR A 1 47  ? -0.631  10.636  10.254  1.00 4.42  ? 47  TYR A CB  1 
ATOM   350  C CG  . TYR A 1 47  ? 0.298   11.168  11.330  1.00 5.46  ? 47  TYR A CG  1 
ATOM   351  C CD1 . TYR A 1 47  ? 0.161   10.753  12.654  1.00 5.80  ? 47  TYR A CD1 1 
ATOM   352  C CD2 . TYR A 1 47  ? 1.287   12.100  11.038  1.00 4.80  ? 47  TYR A CD2 1 
ATOM   353  C CE1 . TYR A 1 47  ? 0.977   11.249  13.653  1.00 2.00  ? 47  TYR A CE1 1 
ATOM   354  C CE2 . TYR A 1 47  ? 2.113   12.609  12.048  1.00 2.00  ? 47  TYR A CE2 1 
ATOM   355  C CZ  . TYR A 1 47  ? 1.944   12.173  13.351  1.00 2.00  ? 47  TYR A CZ  1 
ATOM   356  O OH  . TYR A 1 47  ? 2.728   12.663  14.372  1.00 5.04  ? 47  TYR A OH  1 
ATOM   357  N N   . THR A 1 48  ? -2.916  8.738   8.945   1.00 18.35 ? 48  THR A N   1 
ATOM   358  C CA  . THR A 1 48  ? -4.023  8.584   8.012   1.00 11.11 ? 48  THR A CA  1 
ATOM   359  C C   . THR A 1 48  ? -5.290  8.140   8.754   1.00 15.56 ? 48  THR A C   1 
ATOM   360  O O   . THR A 1 48  ? -6.371  8.664   8.495   1.00 28.99 ? 48  THR A O   1 
ATOM   361  C CB  . THR A 1 48  ? -3.700  7.599   6.848   1.00 6.75  ? 48  THR A CB  1 
ATOM   362  O OG1 . THR A 1 48  ? -3.433  6.292   7.356   1.00 5.60  ? 48  THR A OG1 1 
ATOM   363  C CG2 . THR A 1 48  ? -2.506  8.087   6.045   1.00 5.07  ? 48  THR A CG2 1 
ATOM   364  N N   . TRP A 1 49  ? -5.146  7.232   9.716   1.00 12.88 ? 49  TRP A N   1 
ATOM   365  C CA  . TRP A 1 49  ? -6.287  6.738   10.482  1.00 9.81  ? 49  TRP A CA  1 
ATOM   366  C C   . TRP A 1 49  ? -6.882  7.813   11.390  1.00 13.94 ? 49  TRP A C   1 
ATOM   367  O O   . TRP A 1 49  ? -8.097  7.951   11.473  1.00 23.67 ? 49  TRP A O   1 
ATOM   368  C CB  . TRP A 1 49  ? -5.895  5.548   11.359  1.00 5.80  ? 49  TRP A CB  1 
ATOM   369  C CG  . TRP A 1 49  ? -5.299  4.360   10.660  1.00 11.68 ? 49  TRP A CG  1 
ATOM   370  C CD1 . TRP A 1 49  ? -5.476  3.986   9.361   1.00 14.75 ? 49  TRP A CD1 1 
ATOM   371  C CD2 . TRP A 1 49  ? -4.430  3.381   11.244  1.00 15.71 ? 49  TRP A CD2 1 
ATOM   372  N NE1 . TRP A 1 49  ? -4.775  2.832   9.102   1.00 20.07 ? 49  TRP A NE1 1 
ATOM   373  C CE2 . TRP A 1 49  ? -4.122  2.440   10.239  1.00 19.03 ? 49  TRP A CE2 1 
ATOM   374  C CE3 . TRP A 1 49  ? -3.881  3.209   12.524  1.00 15.85 ? 49  TRP A CE3 1 
ATOM   375  C CZ2 . TRP A 1 49  ? -3.284  1.340   10.468  1.00 18.96 ? 49  TRP A CZ2 1 
ATOM   376  C CZ3 . TRP A 1 49  ? -3.050  2.116   12.754  1.00 19.82 ? 49  TRP A CZ3 1 
ATOM   377  C CH2 . TRP A 1 49  ? -2.760  1.195   11.727  1.00 12.74 ? 49  TRP A CH2 1 
ATOM   378  N N   . LEU A 1 50  ? -6.024  8.508   12.130  1.00 14.63 ? 50  LEU A N   1 
ATOM   379  C CA  . LEU A 1 50  ? -6.460  9.553   13.049  1.00 13.07 ? 50  LEU A CA  1 
ATOM   380  C C   . LEU A 1 50  ? -7.044  10.776  12.355  1.00 13.76 ? 50  LEU A C   1 
ATOM   381  O O   . LEU A 1 50  ? -8.037  11.331  12.825  1.00 19.22 ? 50  LEU A O   1 
ATOM   382  C CB  . LEU A 1 50  ? -5.316  9.977   13.970  1.00 10.90 ? 50  LEU A CB  1 
ATOM   383  C CG  . LEU A 1 50  ? -4.862  8.931   14.986  1.00 19.01 ? 50  LEU A CG  1 
ATOM   384  C CD1 . LEU A 1 50  ? -3.654  9.458   15.729  1.00 19.51 ? 50  LEU A CD1 1 
ATOM   385  C CD2 . LEU A 1 50  ? -5.989  8.589   15.948  1.00 12.05 ? 50  LEU A CD2 1 
ATOM   386  N N   . ARG A 1 51  ? -6.390  11.239  11.294  1.00 11.79 ? 51  ARG A N   1 
ATOM   387  C CA  . ARG A 1 51  ? -6.880  12.391  10.545  1.00 10.67 ? 51  ARG A CA  1 
ATOM   388  C C   . ARG A 1 51  ? -8.255  12.084  9.943   1.00 14.58 ? 51  ARG A C   1 
ATOM   389  O O   . ARG A 1 51  ? -9.093  12.971  9.814   1.00 13.80 ? 51  ARG A O   1 
ATOM   390  C CB  . ARG A 1 51  ? -5.894  12.794  9.449   1.00 2.00  ? 51  ARG A CB  1 
ATOM   391  C CG  . ARG A 1 51  ? -4.891  13.848  9.877   1.00 2.00  ? 51  ARG A CG  1 
ATOM   392  C CD  . ARG A 1 51  ? -4.046  14.276  8.695   1.00 2.00  ? 51  ARG A CD  1 
ATOM   393  N NE  . ARG A 1 51  ? -3.124  15.361  9.023   1.00 4.97  ? 51  ARG A NE  1 
ATOM   394  C CZ  . ARG A 1 51  ? -3.477  16.628  9.224   1.00 11.54 ? 51  ARG A CZ  1 
ATOM   395  N NH1 . ARG A 1 51  ? -4.748  16.990  9.146   1.00 25.28 ? 51  ARG A NH1 1 
ATOM   396  N NH2 . ARG A 1 51  ? -2.557  17.541  9.513   1.00 11.63 ? 51  ARG A NH2 1 
ATOM   397  N N   . SER A 1 52  ? -8.469  10.831  9.556   1.00 12.41 ? 52  SER A N   1 
ATOM   398  C CA  . SER A 1 52  ? -9.751  10.416  9.007   1.00 14.09 ? 52  SER A CA  1 
ATOM   399  C C   . SER A 1 52  ? -10.822 10.536  10.102  1.00 12.37 ? 52  SER A C   1 
ATOM   400  O O   . SER A 1 52  ? -11.848 11.177  9.903   1.00 20.91 ? 52  SER A O   1 
ATOM   401  C CB  . SER A 1 52  ? -9.671  8.975   8.478   1.00 14.56 ? 52  SER A CB  1 
ATOM   402  O OG  . SER A 1 52  ? -9.041  8.911   7.199   1.00 11.26 ? 52  SER A OG  1 
ATOM   403  N N   . LEU A 1 53  ? -10.556 9.954   11.267  1.00 13.07 ? 53  LEU A N   1 
ATOM   404  C CA  . LEU A 1 53  ? -11.486 10.007  12.394  1.00 10.10 ? 53  LEU A CA  1 
ATOM   405  C C   . LEU A 1 53  ? -11.758 11.441  12.869  1.00 11.28 ? 53  LEU A C   1 
ATOM   406  O O   . LEU A 1 53  ? -12.836 11.738  13.382  1.00 15.75 ? 53  LEU A O   1 
ATOM   407  C CB  . LEU A 1 53  ? -10.957 9.157   13.556  1.00 2.00  ? 53  LEU A CB  1 
ATOM   408  C CG  . LEU A 1 53  ? -11.184 7.649   13.445  1.00 8.23  ? 53  LEU A CG  1 
ATOM   409  C CD1 . LEU A 1 53  ? -10.388 6.888   14.498  1.00 5.46  ? 53  LEU A CD1 1 
ATOM   410  C CD2 . LEU A 1 53  ? -12.661 7.357   13.588  1.00 9.45  ? 53  LEU A CD2 1 
ATOM   411  N N   . MET A 1 54  ? -10.762 12.312  12.736  1.00 14.24 ? 54  MET A N   1 
ATOM   412  C CA  . MET A 1 54  ? -10.897 13.709  13.135  1.00 14.34 ? 54  MET A CA  1 
ATOM   413  C C   . MET A 1 54  ? -11.507 14.510  11.991  1.00 17.98 ? 54  MET A C   1 
ATOM   414  O O   . MET A 1 54  ? -11.701 15.727  12.106  1.00 11.44 ? 54  MET A O   1 
ATOM   415  C CB  . MET A 1 54  ? -9.532  14.317  13.464  1.00 8.96  ? 54  MET A CB  1 
ATOM   416  C CG  . MET A 1 54  ? -8.801  13.696  14.627  1.00 15.86 ? 54  MET A CG  1 
ATOM   417  S SD  . MET A 1 54  ? -7.349  14.676  15.058  1.00 24.33 ? 54  MET A SD  1 
ATOM   418  C CE  . MET A 1 54  ? -6.431  14.620  13.529  1.00 23.16 ? 54  MET A CE  1 
ATOM   419  N N   . ASN A 1 55  ? -11.749 13.828  10.874  1.00 18.28 ? 55  ASN A N   1 
ATOM   420  C CA  . ASN A 1 55  ? -12.314 14.441  9.675   1.00 27.69 ? 55  ASN A CA  1 
ATOM   421  C C   . ASN A 1 55  ? -11.440 15.617  9.223   1.00 28.26 ? 55  ASN A C   1 
ATOM   422  O O   . ASN A 1 55  ? -11.929 16.621  8.703   1.00 32.65 ? 55  ASN A O   1 
ATOM   423  C CB  . ASN A 1 55  ? -13.758 14.886  9.939   1.00 32.53 ? 55  ASN A CB  1 
ATOM   424  C CG  . ASN A 1 55  ? -14.545 15.117  8.663   1.00 42.17 ? 55  ASN A CG  1 
ATOM   425  O OD1 . ASN A 1 55  ? -14.354 14.425  7.660   1.00 47.35 ? 55  ASN A OD1 1 
ATOM   426  N ND2 . ASN A 1 55  ? -15.461 16.080  8.704   1.00 55.52 ? 55  ASN A ND2 1 
ATOM   427  N N   . ARG A 1 56  ? -10.138 15.491  9.463   1.00 28.08 ? 56  ARG A N   1 
ATOM   428  C CA  . ARG A 1 56  ? -9.166  16.512  9.092   1.00 29.47 ? 56  ARG A CA  1 
ATOM   429  C C   . ARG A 1 56  ? -8.174  15.915  8.099   1.00 31.17 ? 56  ARG A C   1 
ATOM   430  O O   . ARG A 1 56  ? -7.026  15.627  8.436   1.00 45.28 ? 56  ARG A O   1 
ATOM   431  C CB  . ARG A 1 56  ? -8.446  17.031  10.339  1.00 18.14 ? 56  ARG A CB  1 
ATOM   432  C CG  . ARG A 1 56  ? -9.280  17.976  11.174  1.00 14.54 ? 56  ARG A CG  1 
ATOM   433  C CD  . ARG A 1 56  ? -9.644  19.215  10.368  1.00 23.55 ? 56  ARG A CD  1 
ATOM   434  N NE  . ARG A 1 56  ? -10.174 20.303  11.189  1.00 34.98 ? 56  ARG A NE  1 
ATOM   435  C CZ  . ARG A 1 56  ? -11.269 20.227  11.944  1.00 44.63 ? 56  ARG A CZ  1 
ATOM   436  N NH1 . ARG A 1 56  ? -11.977 19.104  12.002  1.00 52.62 ? 56  ARG A NH1 1 
ATOM   437  N NH2 . ARG A 1 56  ? -11.665 21.286  12.639  1.00 46.60 ? 56  ARG A NH2 1 
ATOM   438  N N   . TYR A 1 57  ? -8.623  15.758  6.863   1.00 24.27 ? 57  TYR A N   1 
ATOM   439  C CA  . TYR A 1 57  ? -7.819  15.165  5.807   1.00 16.97 ? 57  TYR A CA  1 
ATOM   440  C C   . TYR A 1 57  ? -6.763  16.069  5.162   1.00 22.85 ? 57  TYR A C   1 
ATOM   441  O O   . TYR A 1 57  ? -6.922  17.288  5.075   1.00 30.72 ? 57  TYR A O   1 
ATOM   442  C CB  . TYR A 1 57  ? -8.768  14.603  4.738   1.00 14.35 ? 57  TYR A CB  1 
ATOM   443  C CG  . TYR A 1 57  ? -8.110  14.017  3.505   1.00 13.07 ? 57  TYR A CG  1 
ATOM   444  C CD1 . TYR A 1 57  ? -7.756  14.833  2.429   1.00 9.96  ? 57  TYR A CD1 1 
ATOM   445  C CD2 . TYR A 1 57  ? -7.855  12.648  3.405   1.00 7.04  ? 57  TYR A CD2 1 
ATOM   446  C CE1 . TYR A 1 57  ? -7.166  14.303  1.290   1.00 5.29  ? 57  TYR A CE1 1 
ATOM   447  C CE2 . TYR A 1 57  ? -7.265  12.106  2.261   1.00 2.00  ? 57  TYR A CE2 1 
ATOM   448  C CZ  . TYR A 1 57  ? -6.928  12.943  1.213   1.00 2.00  ? 57  TYR A CZ  1 
ATOM   449  O OH  . TYR A 1 57  ? -6.376  12.437  0.067   1.00 12.38 ? 57  TYR A OH  1 
ATOM   450  N N   . VAL A 1 58  ? -5.667  15.435  4.747   1.00 22.96 ? 58  VAL A N   1 
ATOM   451  C CA  . VAL A 1 58  ? -4.545  16.058  4.035   1.00 17.47 ? 58  VAL A CA  1 
ATOM   452  C C   . VAL A 1 58  ? -4.024  14.913  3.182   1.00 17.79 ? 58  VAL A C   1 
ATOM   453  O O   . VAL A 1 58  ? -4.097  13.755  3.596   1.00 15.05 ? 58  VAL A O   1 
ATOM   454  C CB  . VAL A 1 58  ? -3.398  16.553  4.955   1.00 23.63 ? 58  VAL A CB  1 
ATOM   455  C CG1 . VAL A 1 58  ? -3.888  17.653  5.887   1.00 29.20 ? 58  VAL A CG1 1 
ATOM   456  C CG2 . VAL A 1 58  ? -2.786  15.398  5.731   1.00 27.39 ? 58  VAL A CG2 1 
ATOM   457  N N   . ASN A 1 59  ? -3.569  15.221  1.974   1.00 17.83 ? 59  ASN A N   1 
ATOM   458  C CA  . ASN A 1 59  ? -3.066  14.194  1.063   1.00 22.27 ? 59  ASN A CA  1 
ATOM   459  C C   . ASN A 1 59  ? -1.936  13.351  1.643   1.00 23.58 ? 59  ASN A C   1 
ATOM   460  O O   . ASN A 1 59  ? -1.245  13.768  2.573   1.00 28.14 ? 59  ASN A O   1 
ATOM   461  C CB  . ASN A 1 59  ? -2.651  14.813  -0.275  1.00 25.63 ? 59  ASN A CB  1 
ATOM   462  C CG  . ASN A 1 59  ? -1.749  16.018  -0.109  1.00 36.71 ? 59  ASN A CG  1 
ATOM   463  O OD1 . ASN A 1 59  ? -0.664  16.073  -0.682  1.00 50.65 ? 59  ASN A OD1 1 
ATOM   464  N ND2 . ASN A 1 59  ? -2.212  17.013  0.644   1.00 37.59 ? 59  ASN A ND2 1 
ATOM   465  N N   . PHE A 1 60  ? -1.733  12.173  1.065   1.00 24.45 ? 60  PHE A N   1 
ATOM   466  C CA  . PHE A 1 60  ? -0.706  11.254  1.529   1.00 24.89 ? 60  PHE A CA  1 
ATOM   467  C C   . PHE A 1 60  ? 0.692   11.854  1.514   1.00 26.57 ? 60  PHE A C   1 
ATOM   468  O O   . PHE A 1 60  ? 1.501   11.560  2.387   1.00 25.81 ? 60  PHE A O   1 
ATOM   469  C CB  . PHE A 1 60  ? -0.724  9.975   0.700   1.00 18.87 ? 60  PHE A CB  1 
ATOM   470  C CG  . PHE A 1 60  ? 0.014   8.836   1.336   1.00 20.38 ? 60  PHE A CG  1 
ATOM   471  C CD1 . PHE A 1 60  ? -0.345  8.379   2.601   1.00 17.49 ? 60  PHE A CD1 1 
ATOM   472  C CD2 . PHE A 1 60  ? 1.054   8.200   0.664   1.00 19.59 ? 60  PHE A CD2 1 
ATOM   473  C CE1 . PHE A 1 60  ? 0.314   7.307   3.185   1.00 19.12 ? 60  PHE A CE1 1 
ATOM   474  C CE2 . PHE A 1 60  ? 1.721   7.127   1.238   1.00 18.16 ? 60  PHE A CE2 1 
ATOM   475  C CZ  . PHE A 1 60  ? 1.350   6.677   2.501   1.00 23.51 ? 60  PHE A CZ  1 
ATOM   476  N N   . GLN A 1 61  ? 0.987   12.666  0.507   1.00 29.68 ? 61  GLN A N   1 
ATOM   477  C CA  . GLN A 1 61  ? 2.299   13.296  0.405   1.00 33.05 ? 61  GLN A CA  1 
ATOM   478  C C   . GLN A 1 61  ? 2.543   14.188  1.623   1.00 30.01 ? 61  GLN A C   1 
ATOM   479  O O   . GLN A 1 61  ? 3.673   14.334  2.085   1.00 38.67 ? 61  GLN A O   1 
ATOM   480  C CB  . GLN A 1 61  ? 2.394   14.114  -0.886  1.00 44.08 ? 61  GLN A CB  1 
ATOM   481  C CG  . GLN A 1 61  ? 2.122   13.305  -2.158  1.00 59.96 ? 61  GLN A CG  1 
ATOM   482  C CD  . GLN A 1 61  ? 2.181   14.151  -3.418  1.00 73.58 ? 61  GLN A CD  1 
ATOM   483  O OE1 . GLN A 1 61  ? 1.153   14.586  -3.942  1.00 74.03 ? 61  GLN A OE1 1 
ATOM   484  N NE2 . GLN A 1 61  ? 3.397   14.415  -3.899  1.00 79.10 ? 61  GLN A NE2 1 
ATOM   485  N N   . GLN A 1 62  ? 1.470   14.785  2.125   1.00 29.68 ? 62  GLN A N   1 
ATOM   486  C CA  . GLN A 1 62  ? 1.526   15.658  3.288   1.00 24.49 ? 62  GLN A CA  1 
ATOM   487  C C   . GLN A 1 62  ? 1.758   14.819  4.546   1.00 25.12 ? 62  GLN A C   1 
ATOM   488  O O   . GLN A 1 62  ? 2.603   15.146  5.381   1.00 26.58 ? 62  GLN A O   1 
ATOM   489  C CB  . GLN A 1 62  ? 0.211   16.432  3.402   1.00 25.22 ? 62  GLN A CB  1 
ATOM   490  C CG  . GLN A 1 62  ? 0.122   17.390  4.572   1.00 37.51 ? 62  GLN A CG  1 
ATOM   491  C CD  . GLN A 1 62  ? 0.961   18.636  4.386   1.00 48.07 ? 62  GLN A CD  1 
ATOM   492  O OE1 . GLN A 1 62  ? 2.091   18.579  3.898   1.00 53.40 ? 62  GLN A OE1 1 
ATOM   493  N NE2 . GLN A 1 62  ? 0.413   19.776  4.788   1.00 56.07 ? 62  GLN A NE2 1 
ATOM   494  N N   . ALA A 1 63  ? 0.996   13.739  4.672   1.00 23.30 ? 63  ALA A N   1 
ATOM   495  C CA  . ALA A 1 63  ? 1.098   12.841  5.817   1.00 26.49 ? 63  ALA A CA  1 
ATOM   496  C C   . ALA A 1 63  ? 2.468   12.165  5.908   1.00 25.10 ? 63  ALA A C   1 
ATOM   497  O O   . ALA A 1 63  ? 2.965   11.920  7.003   1.00 25.90 ? 63  ALA A O   1 
ATOM   498  C CB  . ALA A 1 63  ? -0.012  11.790  5.765   1.00 23.00 ? 63  ALA A CB  1 
ATOM   499  N N   . THR A 1 64  ? 3.050   11.825  4.760   1.00 30.55 ? 64  THR A N   1 
ATOM   500  C CA  . THR A 1 64  ? 4.368   11.194  4.719   1.00 21.65 ? 64  THR A CA  1 
ATOM   501  C C   . THR A 1 64  ? 5.432   12.211  5.158   1.00 19.63 ? 64  THR A C   1 
ATOM   502  O O   . THR A 1 64  ? 6.413   11.849  5.805   1.00 28.13 ? 64  THR A O   1 
ATOM   503  C CB  . THR A 1 64  ? 4.706   10.648  3.301   1.00 20.13 ? 64  THR A CB  1 
ATOM   504  O OG1 . THR A 1 64  ? 3.718   9.695   2.895   1.00 24.86 ? 64  THR A OG1 1 
ATOM   505  C CG2 . THR A 1 64  ? 6.052   9.950   3.299   1.00 24.05 ? 64  THR A CG2 1 
ATOM   506  N N   . GLU A 1 65  ? 5.245   13.482  4.816   1.00 15.42 ? 65  GLU A N   1 
ATOM   507  C CA  . GLU A 1 65  ? 6.203   14.501  5.220   1.00 18.05 ? 65  GLU A CA  1 
ATOM   508  C C   . GLU A 1 65  ? 6.099   14.817  6.707   1.00 21.68 ? 65  GLU A C   1 
ATOM   509  O O   . GLU A 1 65  ? 7.109   15.097  7.357   1.00 23.28 ? 65  GLU A O   1 
ATOM   510  C CB  . GLU A 1 65  ? 6.026   15.788  4.421   1.00 22.49 ? 65  GLU A CB  1 
ATOM   511  C CG  . GLU A 1 65  ? 7.006   16.882  4.859   1.00 36.05 ? 65  GLU A CG  1 
ATOM   512  C CD  . GLU A 1 65  ? 6.836   18.198  4.119   1.00 45.12 ? 65  GLU A CD  1 
ATOM   513  O OE1 . GLU A 1 65  ? 5.828   18.367  3.399   1.00 47.14 ? 65  GLU A OE1 1 
ATOM   514  O OE2 . GLU A 1 65  ? 7.719   19.073  4.270   1.00 43.08 ? 65  GLU A OE2 1 
ATOM   515  N N   . ASP A 1 66  ? 4.873   14.839  7.223   1.00 23.91 ? 66  ASP A N   1 
ATOM   516  C CA  . ASP A 1 66  ? 4.644   15.127  8.637   1.00 25.27 ? 66  ASP A CA  1 
ATOM   517  C C   . ASP A 1 66  ? 5.130   13.984  9.528   1.00 24.99 ? 66  ASP A C   1 
ATOM   518  O O   . ASP A 1 66  ? 5.604   14.216  10.644  1.00 19.19 ? 66  ASP A O   1 
ATOM   519  C CB  . ASP A 1 66  ? 3.158   15.375  8.917   1.00 29.12 ? 66  ASP A CB  1 
ATOM   520  C CG  . ASP A 1 66  ? 2.621   16.624  8.239   1.00 27.85 ? 66  ASP A CG  1 
ATOM   521  O OD1 . ASP A 1 66  ? 3.395   17.573  7.979   1.00 22.76 ? 66  ASP A OD1 1 
ATOM   522  O OD2 . ASP A 1 66  ? 1.399   16.653  7.987   1.00 29.67 ? 66  ASP A OD2 1 
ATOM   523  N N   . ALA A 1 67  ? 4.955   12.755  9.045   1.00 21.81 ? 67  ALA A N   1 
ATOM   524  C CA  . ALA A 1 67  ? 5.361   11.555  9.771   1.00 18.16 ? 67  ALA A CA  1 
ATOM   525  C C   . ALA A 1 67  ? 6.876   11.461  9.894   1.00 19.28 ? 67  ALA A C   1 
ATOM   526  O O   . ALA A 1 67  ? 7.386   10.847  10.822  1.00 19.86 ? 67  ALA A O   1 
ATOM   527  C CB  . ALA A 1 67  ? 4.816   10.319  9.083   1.00 11.67 ? 67  ALA A CB  1 
ATOM   528  N N   . LEU A 1 68  ? 7.591   12.031  8.931   1.00 22.64 ? 68  LEU A N   1 
ATOM   529  C CA  . LEU A 1 68  ? 9.043   12.011  8.967   1.00 25.52 ? 68  LEU A CA  1 
ATOM   530  C C   . LEU A 1 68  ? 9.525   13.087  9.935   1.00 26.74 ? 68  LEU A C   1 
ATOM   531  O O   . LEU A 1 68  ? 10.432  12.857  10.738  1.00 25.56 ? 68  LEU A O   1 
ATOM   532  C CB  . LEU A 1 68  ? 9.621   12.256  7.571   1.00 18.96 ? 68  LEU A CB  1 
ATOM   533  C CG  . LEU A 1 68  ? 11.143  12.174  7.450   1.00 17.31 ? 68  LEU A CG  1 
ATOM   534  C CD1 . LEU A 1 68  ? 11.657  10.876  8.075   1.00 10.11 ? 68  LEU A CD1 1 
ATOM   535  C CD2 . LEU A 1 68  ? 11.548  12.281  5.984   1.00 6.89  ? 68  LEU A CD2 1 
ATOM   536  N N   . ARG A 1 69  ? 8.913   14.265  9.835   1.00 26.18 ? 69  ARG A N   1 
ATOM   537  C CA  . ARG A 1 69  ? 9.236   15.407  10.687  1.00 21.41 ? 69  ARG A CA  1 
ATOM   538  C C   . ARG A 1 69  ? 9.106   15.057  12.171  1.00 17.46 ? 69  ARG A C   1 
ATOM   539  O O   . ARG A 1 69  ? 9.800   15.623  13.008  1.00 25.12 ? 69  ARG A O   1 
ATOM   540  C CB  . ARG A 1 69  ? 8.314   16.573  10.338  1.00 23.77 ? 69  ARG A CB  1 
ATOM   541  C CG  . ARG A 1 69  ? 8.644   17.880  11.029  1.00 31.89 ? 69  ARG A CG  1 
ATOM   542  C CD  . ARG A 1 69  ? 7.672   18.968  10.595  1.00 39.45 ? 69  ARG A CD  1 
ATOM   543  N NE  . ARG A 1 69  ? 7.637   19.132  9.141   1.00 40.80 ? 69  ARG A NE  1 
ATOM   544  C CZ  . ARG A 1 69  ? 6.524   19.290  8.431   1.00 46.53 ? 69  ARG A CZ  1 
ATOM   545  N NH1 . ARG A 1 69  ? 5.340   19.304  9.033   1.00 45.13 ? 69  ARG A NH1 1 
ATOM   546  N NH2 . ARG A 1 69  ? 6.593   19.443  7.115   1.00 43.05 ? 69  ARG A NH2 1 
ATOM   547  N N   . PHE A 1 70  ? 8.189   14.149  12.486  1.00 19.10 ? 70  PHE A N   1 
ATOM   548  C CA  . PHE A 1 70  ? 7.956   13.701  13.850  1.00 16.72 ? 70  PHE A CA  1 
ATOM   549  C C   . PHE A 1 70  ? 9.006   12.675  14.238  1.00 27.21 ? 70  PHE A C   1 
ATOM   550  O O   . PHE A 1 70  ? 9.575   12.747  15.326  1.00 32.96 ? 70  PHE A O   1 
ATOM   551  C CB  . PHE A 1 70  ? 6.567   13.069  13.978  1.00 9.38  ? 70  PHE A CB  1 
ATOM   552  C CG  . PHE A 1 70  ? 6.327   12.390  15.300  1.00 6.90  ? 70  PHE A CG  1 
ATOM   553  C CD1 . PHE A 1 70  ? 6.648   11.048  15.477  1.00 3.44  ? 70  PHE A CD1 1 
ATOM   554  C CD2 . PHE A 1 70  ? 5.800   13.094  16.371  1.00 2.00  ? 70  PHE A CD2 1 
ATOM   555  C CE1 . PHE A 1 70  ? 6.452   10.419  16.694  1.00 3.59  ? 70  PHE A CE1 1 
ATOM   556  C CE2 . PHE A 1 70  ? 5.599   12.469  17.599  1.00 3.42  ? 70  PHE A CE2 1 
ATOM   557  C CZ  . PHE A 1 70  ? 5.926   11.128  17.759  1.00 3.90  ? 70  PHE A CZ  1 
ATOM   558  N N   . THR A 1 71  ? 9.188   11.679  13.374  1.00 36.86 ? 71  THR A N   1 
ATOM   559  C CA  . THR A 1 71  ? 10.160  10.609  13.592  1.00 41.19 ? 71  THR A CA  1 
ATOM   560  C C   . THR A 1 71  ? 11.547  11.172  13.910  1.00 45.47 ? 71  THR A C   1 
ATOM   561  O O   . THR A 1 71  ? 12.166  10.781  14.904  1.00 49.42 ? 71  THR A O   1 
ATOM   562  C CB  . THR A 1 71  ? 10.246  9.670   12.361  1.00 36.58 ? 71  THR A CB  1 
ATOM   563  O OG1 . THR A 1 71  ? 9.028   8.925   12.239  1.00 34.53 ? 71  THR A OG1 1 
ATOM   564  C CG2 . THR A 1 71  ? 11.400  8.694   12.503  1.00 39.27 ? 71  THR A CG2 1 
ATOM   565  N N   . CYS A 1 72  ? 12.030  12.077  13.062  1.00 43.01 ? 72  CYS A N   1 
ATOM   566  C CA  . CYS A 1 72  ? 13.335  12.692  13.262  1.00 38.90 ? 72  CYS A CA  1 
ATOM   567  C C   . CYS A 1 72  ? 13.373  13.495  14.558  1.00 40.47 ? 72  CYS A C   1 
ATOM   568  O O   . CYS A 1 72  ? 14.339  13.402  15.315  1.00 46.86 ? 72  CYS A O   1 
ATOM   569  C CB  . CYS A 1 72  ? 13.718  13.575  12.066  1.00 38.79 ? 72  CYS A CB  1 
ATOM   570  S SG  . CYS A 1 72  ? 14.228  12.661  10.567  1.00 32.88 ? 72  CYS A SG  1 
ATOM   571  N N   . ARG A 1 73  ? 12.321  14.270  14.822  1.00 36.18 ? 73  ARG A N   1 
ATOM   572  C CA  . ARG A 1 73  ? 12.263  15.069  16.044  1.00 31.50 ? 73  ARG A CA  1 
ATOM   573  C C   . ARG A 1 73  ? 12.157  14.196  17.282  1.00 27.28 ? 73  ARG A C   1 
ATOM   574  O O   . ARG A 1 73  ? 12.526  14.613  18.378  1.00 28.02 ? 73  ARG A O   1 
ATOM   575  C CB  . ARG A 1 73  ? 11.077  16.034  16.027  1.00 37.14 ? 73  ARG A CB  1 
ATOM   576  C CG  . ARG A 1 73  ? 11.271  17.269  15.176  1.00 49.17 ? 73  ARG A CG  1 
ATOM   577  C CD  . ARG A 1 73  ? 10.570  18.470  15.800  1.00 62.01 ? 73  ARG A CD  1 
ATOM   578  N NE  . ARG A 1 73  ? 9.168   18.204  16.120  1.00 66.05 ? 73  ARG A NE  1 
ATOM   579  C CZ  . ARG A 1 73  ? 8.557   18.637  17.221  1.00 70.89 ? 73  ARG A CZ  1 
ATOM   580  N NH1 . ARG A 1 73  ? 9.224   19.360  18.113  1.00 71.68 ? 73  ARG A NH1 1 
ATOM   581  N NH2 . ARG A 1 73  ? 7.280   18.343  17.434  1.00 69.25 ? 73  ARG A NH2 1 
ATOM   582  N N   . HIS A 1 74  ? 11.585  13.011  17.115  1.00 22.56 ? 74  HIS A N   1 
ATOM   583  C CA  . HIS A 1 74  ? 11.417  12.084  18.216  1.00 20.80 ? 74  HIS A CA  1 
ATOM   584  C C   . HIS A 1 74  ? 12.706  11.349  18.540  1.00 28.25 ? 74  HIS A C   1 
ATOM   585  O O   . HIS A 1 74  ? 12.883  10.853  19.656  1.00 34.03 ? 74  HIS A O   1 
ATOM   586  C CB  . HIS A 1 74  ? 10.327  11.075  17.888  1.00 16.51 ? 74  HIS A CB  1 
ATOM   587  C CG  . HIS A 1 74  ? 10.239  9.955   18.871  1.00 17.75 ? 74  HIS A CG  1 
ATOM   588  N ND1 . HIS A 1 74  ? 10.755  8.702   18.618  1.00 24.04 ? 74  HIS A ND1 1 
ATOM   589  C CD2 . HIS A 1 74  ? 9.711   9.900   20.116  1.00 21.23 ? 74  HIS A CD2 1 
ATOM   590  C CE1 . HIS A 1 74  ? 10.547  7.922   19.663  1.00 24.76 ? 74  HIS A CE1 1 
ATOM   591  N NE2 . HIS A 1 74  ? 9.915   8.626   20.587  1.00 27.52 ? 74  HIS A NE2 1 
ATOM   592  N N   . LEU A 1 75  ? 13.570  11.212  17.543  1.00 30.81 ? 75  LEU A N   1 
ATOM   593  C CA  . LEU A 1 75  ? 14.839  10.531  17.725  1.00 34.52 ? 75  LEU A CA  1 
ATOM   594  C C   . LEU A 1 75  ? 15.967  11.536  17.944  1.00 36.54 ? 75  LEU A C   1 
ATOM   595  O O   . LEU A 1 75  ? 17.138  11.160  18.041  1.00 43.60 ? 75  LEU A O   1 
ATOM   596  C CB  . LEU A 1 75  ? 15.146  9.645   16.513  1.00 32.56 ? 75  LEU A CB  1 
ATOM   597  C CG  . LEU A 1 75  ? 14.217  8.464   16.221  1.00 31.16 ? 75  LEU A CG  1 
ATOM   598  C CD1 . LEU A 1 75  ? 14.677  7.757   14.960  1.00 30.21 ? 75  LEU A CD1 1 
ATOM   599  C CD2 . LEU A 1 75  ? 14.182  7.495   17.401  1.00 28.97 ? 75  LEU A CD2 1 
ATOM   600  N N   . GLY A 1 76  ? 15.607  12.809  18.053  1.00 37.01 ? 76  GLY A N   1 
ATOM   601  C CA  . GLY A 1 76  ? 16.600  13.847  18.252  1.00 35.26 ? 76  GLY A CA  1 
ATOM   602  C C   . GLY A 1 76  ? 17.380  14.182  16.991  1.00 38.31 ? 76  GLY A C   1 
ATOM   603  O O   . GLY A 1 76  ? 18.245  15.062  17.011  1.00 46.48 ? 76  GLY A O   1 
ATOM   604  N N   . LEU A 1 77  ? 17.095  13.475  15.902  1.00 34.41 ? 77  LEU A N   1 
ATOM   605  C CA  . LEU A 1 77  ? 17.774  13.713  14.637  1.00 36.09 ? 77  LEU A CA  1 
ATOM   606  C C   . LEU A 1 77  ? 17.433  15.070  14.039  1.00 40.08 ? 77  LEU A C   1 
ATOM   607  O O   . LEU A 1 77  ? 16.283  15.508  14.078  1.00 46.47 ? 77  LEU A O   1 
ATOM   608  C CB  . LEU A 1 77  ? 17.437  12.610  13.630  1.00 40.39 ? 77  LEU A CB  1 
ATOM   609  C CG  . LEU A 1 77  ? 18.255  11.317  13.686  1.00 49.14 ? 77  LEU A CG  1 
ATOM   610  C CD1 . LEU A 1 77  ? 19.729  11.662  13.584  1.00 54.67 ? 77  LEU A CD1 1 
ATOM   611  C CD2 . LEU A 1 77  ? 17.993  10.547  14.963  1.00 50.65 ? 77  LEU A CD2 1 
ATOM   612  N N   . ASP A 1 78  ? 18.442  15.735  13.490  1.00 45.64 ? 78  ASP A N   1 
ATOM   613  C CA  . ASP A 1 78  ? 18.250  17.038  12.863  1.00 52.23 ? 78  ASP A CA  1 
ATOM   614  C C   . ASP A 1 78  ? 17.890  16.822  11.395  1.00 51.63 ? 78  ASP A C   1 
ATOM   615  O O   . ASP A 1 78  ? 18.687  16.283  10.622  1.00 48.38 ? 78  ASP A O   1 
ATOM   616  C CB  . ASP A 1 78  ? 19.525  17.883  12.973  1.00 66.36 ? 78  ASP A CB  1 
ATOM   617  C CG  . ASP A 1 78  ? 19.884  18.235  14.413  1.00 76.58 ? 78  ASP A CG  1 
ATOM   618  O OD1 . ASP A 1 78  ? 19.731  17.378  15.311  1.00 83.38 ? 78  ASP A OD1 1 
ATOM   619  O OD2 . ASP A 1 78  ? 20.338  19.377  14.644  1.00 79.06 ? 78  ASP A OD2 1 
ATOM   620  N N   . LEU A 1 79  ? 16.679  17.223  11.019  1.00 54.47 ? 79  LEU A N   1 
ATOM   621  C CA  . LEU A 1 79  ? 16.210  17.062  9.645   1.00 55.12 ? 79  LEU A CA  1 
ATOM   622  C C   . LEU A 1 79  ? 16.029  18.402  8.936   1.00 54.82 ? 79  LEU A C   1 
ATOM   623  O O   . LEU A 1 79  ? 15.051  19.113  9.176   1.00 57.30 ? 79  LEU A O   1 
ATOM   624  C CB  . LEU A 1 79  ? 14.886  16.289  9.628   1.00 53.07 ? 79  LEU A CB  1 
ATOM   625  C CG  . LEU A 1 79  ? 14.263  15.996  8.261   1.00 51.18 ? 79  LEU A CG  1 
ATOM   626  C CD1 . LEU A 1 79  ? 15.069  14.932  7.535   1.00 51.57 ? 79  LEU A CD1 1 
ATOM   627  C CD2 . LEU A 1 79  ? 12.833  15.533  8.447   1.00 58.26 ? 79  LEU A CD2 1 
ATOM   628  N N   . ASP A 1 80  ? 16.987  18.761  8.089   1.00 53.43 ? 80  ASP A N   1 
ATOM   629  C CA  . ASP A 1 80  ? 16.906  20.011  7.341   1.00 51.50 ? 80  ASP A CA  1 
ATOM   630  C C   . ASP A 1 80  ? 15.927  19.867  6.172   1.00 47.84 ? 80  ASP A C   1 
ATOM   631  O O   . ASP A 1 80  ? 15.397  18.781  5.923   1.00 46.01 ? 80  ASP A O   1 
ATOM   632  C CB  . ASP A 1 80  ? 18.290  20.430  6.835   1.00 55.13 ? 80  ASP A CB  1 
ATOM   633  C CG  . ASP A 1 80  ? 18.971  19.340  6.039   1.00 59.19 ? 80  ASP A CG  1 
ATOM   634  O OD1 . ASP A 1 80  ? 19.509  18.403  6.665   1.00 68.57 ? 80  ASP A OD1 1 
ATOM   635  O OD2 . ASP A 1 80  ? 18.958  19.415  4.792   1.00 63.68 ? 80  ASP A OD2 1 
ATOM   636  N N   . ALA A 1 81  ? 15.711  20.963  5.452   1.00 42.78 ? 81  ALA A N   1 
ATOM   637  C CA  . ALA A 1 81  ? 14.785  20.990  4.323   1.00 40.81 ? 81  ALA A CA  1 
ATOM   638  C C   . ALA A 1 81  ? 15.102  20.023  3.178   1.00 42.67 ? 81  ALA A C   1 
ATOM   639  O O   . ALA A 1 81  ? 14.216  19.312  2.701   1.00 43.93 ? 81  ALA A O   1 
ATOM   640  C CB  . ALA A 1 81  ? 14.660  22.413  3.791   1.00 35.01 ? 81  ALA A CB  1 
ATOM   641  N N   . ARG A 1 82  ? 16.353  20.022  2.725   1.00 43.13 ? 82  ARG A N   1 
ATOM   642  C CA  . ARG A 1 82  ? 16.776  19.160  1.618   1.00 36.48 ? 82  ARG A CA  1 
ATOM   643  C C   . ARG A 1 82  ? 16.745  17.672  1.940   1.00 31.31 ? 82  ARG A C   1 
ATOM   644  O O   . ARG A 1 82  ? 16.362  16.859  1.098   1.00 26.96 ? 82  ARG A O   1 
ATOM   645  C CB  . ARG A 1 82  ? 18.167  19.564  1.137   1.00 36.54 ? 82  ARG A CB  1 
ATOM   646  N N   . THR A 1 83  ? 17.199  17.320  3.139   1.00 32.53 ? 83  THR A N   1 
ATOM   647  C CA  . THR A 1 83  ? 17.227  15.929  3.580   1.00 33.79 ? 83  THR A CA  1 
ATOM   648  C C   . THR A 1 83  ? 15.804  15.376  3.688   1.00 38.55 ? 83  THR A C   1 
ATOM   649  O O   . THR A 1 83  ? 15.588  14.162  3.632   1.00 40.06 ? 83  THR A O   1 
ATOM   650  C CB  . THR A 1 83  ? 17.953  15.802  4.941   1.00 31.30 ? 83  THR A CB  1 
ATOM   651  O OG1 . THR A 1 83  ? 19.288  16.305  4.813   1.00 37.52 ? 83  THR A OG1 1 
ATOM   652  C CG2 . THR A 1 83  ? 18.033  14.354  5.392   1.00 32.29 ? 83  THR A CG2 1 
ATOM   653  N N   . ARG A 1 84  ? 14.841  16.275  3.863   1.00 41.30 ? 84  ARG A N   1 
ATOM   654  C CA  . ARG A 1 84  ? 13.438  15.895  3.977   1.00 39.36 ? 84  ARG A CA  1 
ATOM   655  C C   . ARG A 1 84  ? 12.845  15.567  2.609   1.00 38.93 ? 84  ARG A C   1 
ATOM   656  O O   . ARG A 1 84  ? 12.041  14.639  2.481   1.00 36.61 ? 84  ARG A O   1 
ATOM   657  C CB  . ARG A 1 84  ? 12.647  17.021  4.647   1.00 41.96 ? 84  ARG A CB  1 
ATOM   658  C CG  . ARG A 1 84  ? 11.188  16.696  4.921   1.00 43.33 ? 84  ARG A CG  1 
ATOM   659  C CD  . ARG A 1 84  ? 10.585  17.694  5.897   1.00 43.96 ? 84  ARG A CD  1 
ATOM   660  N NE  . ARG A 1 84  ? 10.670  19.072  5.415   1.00 48.89 ? 84  ARG A NE  1 
ATOM   661  C CZ  . ARG A 1 84  ? 11.202  20.076  6.108   1.00 51.28 ? 84  ARG A CZ  1 
ATOM   662  N NH1 . ARG A 1 84  ? 11.701  19.864  7.319   1.00 45.21 ? 84  ARG A NH1 1 
ATOM   663  N NH2 . ARG A 1 84  ? 11.227  21.299  5.591   1.00 49.89 ? 84  ARG A NH2 1 
ATOM   664  N N   . SER A 1 85  ? 13.244  16.329  1.596   1.00 39.80 ? 85  SER A N   1 
ATOM   665  C CA  . SER A 1 85  ? 12.760  16.131  0.237   1.00 40.51 ? 85  SER A CA  1 
ATOM   666  C C   . SER A 1 85  ? 13.243  14.838  -0.424  1.00 45.62 ? 85  SER A C   1 
ATOM   667  O O   . SER A 1 85  ? 12.424  14.063  -0.931  1.00 51.34 ? 85  SER A O   1 
ATOM   668  C CB  . SER A 1 85  ? 13.126  17.332  -0.642  1.00 45.56 ? 85  SER A CB  1 
ATOM   669  O OG  . SER A 1 85  ? 12.344  18.476  -0.326  1.00 54.57 ? 85  SER A OG  1 
ATOM   670  N N   . THR A 1 86  ? 14.557  14.617  -0.457  1.00 45.66 ? 86  THR A N   1 
ATOM   671  C CA  . THR A 1 86  ? 15.114  13.415  -1.085  1.00 39.53 ? 86  THR A CA  1 
ATOM   672  C C   . THR A 1 86  ? 14.724  12.128  -0.381  1.00 31.96 ? 86  THR A C   1 
ATOM   673  O O   . THR A 1 86  ? 14.619  11.072  -1.013  1.00 36.32 ? 86  THR A O   1 
ATOM   674  C CB  . THR A 1 86  ? 16.656  13.478  -1.215  1.00 40.95 ? 86  THR A CB  1 
ATOM   675  O OG1 . THR A 1 86  ? 17.246  13.814  0.047   1.00 48.56 ? 86  THR A OG1 1 
ATOM   676  C CG2 . THR A 1 86  ? 17.059  14.509  -2.255  1.00 44.12 ? 86  THR A CG2 1 
ATOM   677  N N   . LEU A 1 87  ? 14.525  12.218  0.929   1.00 28.53 ? 87  LEU A N   1 
ATOM   678  C CA  . LEU A 1 87  ? 14.141  11.068  1.735   1.00 25.46 ? 87  LEU A CA  1 
ATOM   679  C C   . LEU A 1 87  ? 12.656  10.739  1.510   1.00 26.56 ? 87  LEU A C   1 
ATOM   680  O O   . LEU A 1 87  ? 12.247  9.580   1.602   1.00 24.52 ? 87  LEU A O   1 
ATOM   681  C CB  . LEU A 1 87  ? 14.445  11.353  3.208   1.00 19.94 ? 87  LEU A CB  1 
ATOM   682  C CG  . LEU A 1 87  ? 14.368  10.210  4.217   1.00 27.86 ? 87  LEU A CG  1 
ATOM   683  C CD1 . LEU A 1 87  ? 15.107  8.996   3.690   1.00 20.77 ? 87  LEU A CD1 1 
ATOM   684  C CD2 . LEU A 1 87  ? 14.948  10.672  5.548   1.00 20.28 ? 87  LEU A CD2 1 
ATOM   685  N N   . CYS A 1 88  ? 11.852  11.767  1.250   1.00 28.74 ? 88  CYS A N   1 
ATOM   686  C CA  . CYS A 1 88  ? 10.428  11.585  0.973   1.00 25.43 ? 88  CYS A CA  1 
ATOM   687  C C   . CYS A 1 88  ? 10.290  11.171  -0.487  1.00 25.40 ? 88  CYS A C   1 
ATOM   688  O O   . CYS A 1 88  ? 9.289   10.572  -0.888  1.00 27.42 ? 88  CYS A O   1 
ATOM   689  C CB  . CYS A 1 88  ? 9.650   12.881  1.215   1.00 18.35 ? 88  CYS A CB  1 
ATOM   690  S SG  . CYS A 1 88  ? 9.146   13.173  2.920   1.00 27.89 ? 88  CYS A SG  1 
ATOM   691  N N   . ASP A 1 89  ? 11.289  11.545  -1.283  1.00 29.73 ? 89  ASP A N   1 
ATOM   692  C CA  . ASP A 1 89  ? 11.338  11.218  -2.700  1.00 27.38 ? 89  ASP A CA  1 
ATOM   693  C C   . ASP A 1 89  ? 11.677  9.750   -2.876  1.00 29.19 ? 89  ASP A C   1 
ATOM   694  O O   . ASP A 1 89  ? 11.514  9.195   -3.961  1.00 36.19 ? 89  ASP A O   1 
ATOM   695  C CB  . ASP A 1 89  ? 12.402  12.063  -3.394  1.00 29.52 ? 89  ASP A CB  1 
ATOM   696  C CG  . ASP A 1 89  ? 11.813  13.085  -4.338  1.00 39.01 ? 89  ASP A CG  1 
ATOM   697  O OD1 . ASP A 1 89  ? 10.786  13.708  -3.994  1.00 46.10 ? 89  ASP A OD1 1 
ATOM   698  O OD2 . ASP A 1 89  ? 12.382  13.266  -5.434  1.00 45.36 ? 89  ASP A OD2 1 
ATOM   699  N N   . ALA A 1 90  ? 12.171  9.134   -1.806  1.00 33.32 ? 90  ALA A N   1 
ATOM   700  C CA  . ALA A 1 90  ? 12.550  7.728   -1.812  1.00 35.08 ? 90  ALA A CA  1 
ATOM   701  C C   . ALA A 1 90  ? 11.378  6.802   -2.107  1.00 34.56 ? 90  ALA A C   1 
ATOM   702  O O   . ALA A 1 90  ? 11.549  5.763   -2.744  1.00 38.68 ? 90  ALA A O   1 
ATOM   703  C CB  . ALA A 1 90  ? 13.184  7.352   -0.479  1.00 43.38 ? 90  ALA A CB  1 
ATOM   704  N N   . TYR A 1 91  ? 10.202  7.154   -1.595  1.00 34.98 ? 91  TYR A N   1 
ATOM   705  C CA  . TYR A 1 91  ? 9.006   6.349   -1.812  1.00 27.84 ? 91  TYR A CA  1 
ATOM   706  C C   . TYR A 1 91  ? 8.579   6.307   -3.270  1.00 28.30 ? 91  TYR A C   1 
ATOM   707  O O   . TYR A 1 91  ? 8.001   5.327   -3.728  1.00 35.55 ? 91  TYR A O   1 
ATOM   708  C CB  . TYR A 1 91  ? 7.856   6.864   -0.958  1.00 23.50 ? 91  TYR A CB  1 
ATOM   709  C CG  . TYR A 1 91  ? 7.828   6.277   0.431   1.00 22.37 ? 91  TYR A CG  1 
ATOM   710  C CD1 . TYR A 1 91  ? 7.237   5.036   0.671   1.00 18.35 ? 91  TYR A CD1 1 
ATOM   711  C CD2 . TYR A 1 91  ? 8.378   6.961   1.507   1.00 20.81 ? 91  TYR A CD2 1 
ATOM   712  C CE1 . TYR A 1 91  ? 7.193   4.498   1.942   1.00 14.78 ? 91  TYR A CE1 1 
ATOM   713  C CE2 . TYR A 1 91  ? 8.336   6.427   2.786   1.00 21.39 ? 91  TYR A CE2 1 
ATOM   714  C CZ  . TYR A 1 91  ? 7.742   5.198   2.996   1.00 13.67 ? 91  TYR A CZ  1 
ATOM   715  O OH  . TYR A 1 91  ? 7.681   4.681   4.264   1.00 21.95 ? 91  TYR A OH  1 
ATOM   716  N N   . LEU A 1 92  ? 8.869   7.378   -3.995  1.00 30.13 ? 92  LEU A N   1 
ATOM   717  C CA  . LEU A 1 92  ? 8.511   7.469   -5.400  1.00 30.73 ? 92  LEU A CA  1 
ATOM   718  C C   . LEU A 1 92  ? 9.415   6.595   -6.262  1.00 32.70 ? 92  LEU A C   1 
ATOM   719  O O   . LEU A 1 92  ? 9.346   6.643   -7.496  1.00 39.12 ? 92  LEU A O   1 
ATOM   720  C CB  . LEU A 1 92  ? 8.611   8.924   -5.858  1.00 30.84 ? 92  LEU A CB  1 
ATOM   721  C CG  . LEU A 1 92  ? 8.010   9.946   -4.889  1.00 34.47 ? 92  LEU A CG  1 
ATOM   722  C CD1 . LEU A 1 92  ? 8.275   11.361  -5.391  1.00 41.68 ? 92  LEU A CD1 1 
ATOM   723  C CD2 . LEU A 1 92  ? 6.519   9.694   -4.708  1.00 22.61 ? 92  LEU A CD2 1 
ATOM   724  N N   . ARG A 1 93  ? 10.261  5.800   -5.617  1.00 29.73 ? 93  ARG A N   1 
ATOM   725  C CA  . ARG A 1 93  ? 11.185  4.936   -6.336  1.00 33.50 ? 93  ARG A CA  1 
ATOM   726  C C   . ARG A 1 93  ? 11.350  3.561   -5.702  1.00 33.46 ? 93  ARG A C   1 
ATOM   727  O O   . ARG A 1 93  ? 12.401  2.932   -5.841  1.00 40.89 ? 93  ARG A O   1 
ATOM   728  C CB  . ARG A 1 93  ? 12.550  5.621   -6.474  1.00 38.85 ? 93  ARG A CB  1 
ATOM   729  C CG  . ARG A 1 93  ? 12.572  6.754   -7.491  1.00 59.08 ? 93  ARG A CG  1 
ATOM   730  C CD  . ARG A 1 93  ? 13.828  7.600   -7.386  1.00 69.79 ? 93  ARG A CD  1 
ATOM   731  N NE  . ARG A 1 93  ? 13.868  8.381   -6.150  1.00 84.90 ? 93  ARG A NE  1 
ATOM   732  C CZ  . ARG A 1 93  ? 14.311  9.635   -6.066  1.00 93.05 ? 93  ARG A CZ  1 
ATOM   733  N NH1 . ARG A 1 93  ? 14.753  10.264  -7.149  1.00 97.68 ? 93  ARG A NH1 1 
ATOM   734  N NH2 . ARG A 1 93  ? 14.329  10.258  -4.894  1.00 93.96 ? 93  ARG A NH2 1 
ATOM   735  N N   . LEU A 1 94  ? 10.309  3.079   -5.033  1.00 30.15 ? 94  LEU A N   1 
ATOM   736  C CA  . LEU A 1 94  ? 10.370  1.766   -4.401  1.00 27.13 ? 94  LEU A CA  1 
ATOM   737  C C   . LEU A 1 94  ? 10.592  0.683   -5.447  1.00 29.38 ? 94  LEU A C   1 
ATOM   738  O O   . LEU A 1 94  ? 10.369  0.901   -6.642  1.00 39.47 ? 94  LEU A O   1 
ATOM   739  C CB  . LEU A 1 94  ? 9.083   1.461   -3.635  1.00 23.37 ? 94  LEU A CB  1 
ATOM   740  C CG  . LEU A 1 94  ? 8.640   2.377   -2.501  1.00 19.84 ? 94  LEU A CG  1 
ATOM   741  C CD1 . LEU A 1 94  ? 7.432   1.748   -1.834  1.00 29.06 ? 94  LEU A CD1 1 
ATOM   742  C CD2 . LEU A 1 94  ? 9.753   2.577   -1.489  1.00 32.47 ? 94  LEU A CD2 1 
ATOM   743  N N   . ALA A 1 95  ? 11.031  -0.484  -4.993  1.00 30.02 ? 95  ALA A N   1 
ATOM   744  C CA  . ALA A 1 95  ? 11.280  -1.611  -5.880  1.00 26.03 ? 95  ALA A CA  1 
ATOM   745  C C   . ALA A 1 95  ? 10.272  -2.717  -5.601  1.00 23.88 ? 95  ALA A C   1 
ATOM   746  O O   . ALA A 1 95  ? 9.909   -2.976  -4.455  1.00 18.10 ? 95  ALA A O   1 
ATOM   747  C CB  . ALA A 1 95  ? 12.700  -2.128  -5.701  1.00 30.06 ? 95  ALA A CB  1 
ATOM   748  N N   . PRO A 1 96  ? 9.757   -3.344  -6.662  1.00 21.90 ? 96  PRO A N   1 
ATOM   749  C CA  . PRO A 1 96  ? 8.780   -4.419  -6.498  1.00 25.72 ? 96  PRO A CA  1 
ATOM   750  C C   . PRO A 1 96  ? 9.433   -5.712  -6.051  1.00 28.34 ? 96  PRO A C   1 
ATOM   751  O O   . PRO A 1 96  ? 10.590  -5.969  -6.386  1.00 39.32 ? 96  PRO A O   1 
ATOM   752  C CB  . PRO A 1 96  ? 8.196   -4.551  -7.903  1.00 26.97 ? 96  PRO A CB  1 
ATOM   753  C CG  . PRO A 1 96  ? 9.357   -4.214  -8.772  1.00 21.95 ? 96  PRO A CG  1 
ATOM   754  C CD  . PRO A 1 96  ? 9.946   -3.014  -8.084  1.00 14.29 ? 96  PRO A CD  1 
ATOM   755  N N   . PHE A 1 97  ? 8.710   -6.502  -5.265  1.00 21.60 ? 97  PHE A N   1 
ATOM   756  C CA  . PHE A 1 97  ? 9.225   -7.784  -4.812  1.00 18.86 ? 97  PHE A CA  1 
ATOM   757  C C   . PHE A 1 97  ? 9.492   -8.605  -6.073  1.00 22.77 ? 97  PHE A C   1 
ATOM   758  O O   . PHE A 1 97  ? 8.759   -8.495  -7.054  1.00 31.67 ? 97  PHE A O   1 
ATOM   759  C CB  . PHE A 1 97  ? 8.208   -8.485  -3.908  1.00 15.06 ? 97  PHE A CB  1 
ATOM   760  C CG  . PHE A 1 97  ? 7.924   -7.749  -2.626  1.00 16.24 ? 97  PHE A CG  1 
ATOM   761  C CD1 . PHE A 1 97  ? 8.696   -7.978  -1.489  1.00 14.98 ? 97  PHE A CD1 1 
ATOM   762  C CD2 . PHE A 1 97  ? 6.874   -6.839  -2.547  1.00 18.84 ? 97  PHE A CD2 1 
ATOM   763  C CE1 . PHE A 1 97  ? 8.426   -7.313  -0.285  1.00 14.15 ? 97  PHE A CE1 1 
ATOM   764  C CE2 . PHE A 1 97  ? 6.595   -6.167  -1.350  1.00 26.42 ? 97  PHE A CE2 1 
ATOM   765  C CZ  . PHE A 1 97  ? 7.373   -6.406  -0.217  1.00 24.89 ? 97  PHE A CZ  1 
ATOM   766  N N   . SER A 1 98  ? 10.553  -9.403  -6.049  1.00 30.33 ? 98  SER A N   1 
ATOM   767  C CA  . SER A 1 98  ? 10.956  -10.217 -7.197  1.00 33.63 ? 98  SER A CA  1 
ATOM   768  C C   . SER A 1 98  ? 9.870   -10.923 -8.012  1.00 31.31 ? 98  SER A C   1 
ATOM   769  O O   . SER A 1 98  ? 9.930   -10.934 -9.248  1.00 30.80 ? 98  SER A O   1 
ATOM   770  C CB  . SER A 1 98  ? 12.040  -11.223 -6.781  1.00 41.16 ? 98  SER A CB  1 
ATOM   771  O OG  . SER A 1 98  ? 11.664  -11.973 -5.635  1.00 45.94 ? 98  SER A OG  1 
ATOM   772  N N   . GLU A 1 99  ? 8.884   -11.508 -7.338  1.00 28.24 ? 99  GLU A N   1 
ATOM   773  C CA  . GLU A 1 99  ? 7.828   -12.223 -8.043  1.00 25.88 ? 99  GLU A CA  1 
ATOM   774  C C   . GLU A 1 99  ? 6.805   -11.315 -8.721  1.00 29.75 ? 99  GLU A C   1 
ATOM   775  O O   . GLU A 1 99  ? 6.283   -11.651 -9.781  1.00 31.76 ? 99  GLU A O   1 
ATOM   776  C CB  . GLU A 1 99  ? 7.127   -13.221 -7.108  1.00 18.25 ? 99  GLU A CB  1 
ATOM   777  C CG  . GLU A 1 99  ? 5.965   -12.670 -6.278  1.00 20.94 ? 99  GLU A CG  1 
ATOM   778  C CD  . GLU A 1 99  ? 6.386   -11.980 -4.994  1.00 25.79 ? 99  GLU A CD  1 
ATOM   779  O OE1 . GLU A 1 99  ? 7.541   -11.516 -4.902  1.00 26.74 ? 99  GLU A OE1 1 
ATOM   780  O OE2 . GLU A 1 99  ? 5.545   -11.896 -4.070  1.00 15.63 ? 99  GLU A OE2 1 
ATOM   781  N N   . VAL A 1 100 ? 6.566   -10.144 -8.136  1.00 27.47 ? 100 VAL A N   1 
ATOM   782  C CA  . VAL A 1 100 ? 5.584   -9.196  -8.656  1.00 22.92 ? 100 VAL A CA  1 
ATOM   783  C C   . VAL A 1 100 ? 5.540   -9.013  -10.174 1.00 22.31 ? 100 VAL A C   1 
ATOM   784  O O   . VAL A 1 100 ? 4.526   -9.321  -10.798 1.00 26.12 ? 100 VAL A O   1 
ATOM   785  C CB  . VAL A 1 100 ? 5.688   -7.816  -7.949  1.00 21.95 ? 100 VAL A CB  1 
ATOM   786  C CG1 . VAL A 1 100 ? 4.774   -6.803  -8.610  1.00 22.87 ? 100 VAL A CG1 1 
ATOM   787  C CG2 . VAL A 1 100 ? 5.334   -7.953  -6.479  1.00 20.70 ? 100 VAL A CG2 1 
ATOM   788  N N   . PRO A 1 101 ? 6.630   -8.520  -10.788 1.00 22.08 ? 101 PRO A N   1 
ATOM   789  C CA  . PRO A 1 101 ? 6.643   -8.315  -12.242 1.00 23.96 ? 101 PRO A CA  1 
ATOM   790  C C   . PRO A 1 101 ? 6.130   -9.469  -13.106 1.00 31.09 ? 101 PRO A C   1 
ATOM   791  O O   . PRO A 1 101 ? 5.348   -9.245  -14.031 1.00 41.52 ? 101 PRO A O   1 
ATOM   792  C CB  . PRO A 1 101 ? 8.109   -8.003  -12.522 1.00 14.06 ? 101 PRO A CB  1 
ATOM   793  C CG  . PRO A 1 101 ? 8.509   -7.253  -11.295 1.00 21.98 ? 101 PRO A CG  1 
ATOM   794  C CD  . PRO A 1 101 ? 7.922   -8.119  -10.204 1.00 21.86 ? 101 PRO A CD  1 
ATOM   795  N N   . ASP A 1 102 ? 6.588   -10.686 -12.829 1.00 37.00 ? 102 ASP A N   1 
ATOM   796  C CA  . ASP A 1 102 ? 6.169   -11.854 -13.601 1.00 35.50 ? 102 ASP A CA  1 
ATOM   797  C C   . ASP A 1 102 ? 4.790   -12.361 -13.210 1.00 36.09 ? 102 ASP A C   1 
ATOM   798  O O   . ASP A 1 102 ? 4.062   -12.907 -14.043 1.00 33.47 ? 102 ASP A O   1 
ATOM   799  C CB  . ASP A 1 102 ? 7.190   -12.982 -13.460 1.00 46.22 ? 102 ASP A CB  1 
ATOM   800  C CG  . ASP A 1 102 ? 7.711   -13.468 -14.802 1.00 57.91 ? 102 ASP A CG  1 
ATOM   801  O OD1 . ASP A 1 102 ? 6.897   -13.668 -15.734 1.00 61.82 ? 102 ASP A OD1 1 
ATOM   802  O OD2 . ASP A 1 102 ? 8.941   -13.648 -14.923 1.00 61.80 ? 102 ASP A OD2 1 
ATOM   803  N N   . SER A 1 103 ? 4.457   -12.223 -11.932 1.00 37.57 ? 103 SER A N   1 
ATOM   804  C CA  . SER A 1 103 ? 3.164   -12.663 -11.428 1.00 31.43 ? 103 SER A CA  1 
ATOM   805  C C   . SER A 1 103 ? 2.052   -11.812 -12.028 1.00 29.61 ? 103 SER A C   1 
ATOM   806  O O   . SER A 1 103 ? 0.995   -12.334 -12.391 1.00 30.22 ? 103 SER A O   1 
ATOM   807  C CB  . SER A 1 103 ? 3.127   -12.590 -9.899  1.00 30.20 ? 103 SER A CB  1 
ATOM   808  O OG  . SER A 1 103 ? 3.956   -13.584 -9.310  1.00 21.91 ? 103 SER A OG  1 
ATOM   809  N N   . LEU A 1 104 ? 2.286   -10.503 -12.114 1.00 25.70 ? 104 LEU A N   1 
ATOM   810  C CA  . LEU A 1 104 ? 1.303   -9.588  -12.686 1.00 26.92 ? 104 LEU A CA  1 
ATOM   811  C C   . LEU A 1 104 ? 1.099   -9.889  -14.165 1.00 28.08 ? 104 LEU A C   1 
ATOM   812  O O   . LEU A 1 104 ? -0.026  -9.852  -14.665 1.00 26.68 ? 104 LEU A O   1 
ATOM   813  C CB  . LEU A 1 104 ? 1.737   -8.130  -12.517 1.00 16.16 ? 104 LEU A CB  1 
ATOM   814  C CG  . LEU A 1 104 ? 1.717   -7.544  -11.105 1.00 15.24 ? 104 LEU A CG  1 
ATOM   815  C CD1 . LEU A 1 104 ? 2.028   -6.055  -11.182 1.00 8.87  ? 104 LEU A CD1 1 
ATOM   816  C CD2 . LEU A 1 104 ? 0.360   -7.776  -10.446 1.00 7.99  ? 104 LEU A CD2 1 
ATOM   817  N N   . ARG A 1 105 ? 2.196   -10.170 -14.859 1.00 34.57 ? 105 ARG A N   1 
ATOM   818  C CA  . ARG A 1 105 ? 2.141   -10.480 -16.280 1.00 35.69 ? 105 ARG A CA  1 
ATOM   819  C C   . ARG A 1 105 ? 1.265   -11.696 -16.557 1.00 32.78 ? 105 ARG A C   1 
ATOM   820  O O   . ARG A 1 105 ? 0.404   -11.650 -17.428 1.00 38.32 ? 105 ARG A O   1 
ATOM   821  C CB  . ARG A 1 105 ? 3.545   -10.698 -16.837 1.00 39.94 ? 105 ARG A CB  1 
ATOM   822  N N   . GLU A 1 106 ? 1.492   -12.789 -15.838 1.00 32.02 ? 106 GLU A N   1 
ATOM   823  C CA  . GLU A 1 106 ? 0.696   -13.993 -16.049 1.00 39.84 ? 106 GLU A CA  1 
ATOM   824  C C   . GLU A 1 106 ? -0.745  -13.839 -15.589 1.00 36.25 ? 106 GLU A C   1 
ATOM   825  O O   . GLU A 1 106 ? -1.625  -14.591 -16.010 1.00 34.76 ? 106 GLU A O   1 
ATOM   826  C CB  . GLU A 1 106 ? 1.347   -15.205 -15.377 1.00 52.91 ? 106 GLU A CB  1 
ATOM   827  C CG  . GLU A 1 106 ? 2.174   -16.074 -16.326 1.00 71.95 ? 106 GLU A CG  1 
ATOM   828  C CD  . GLU A 1 106 ? 3.312   -15.316 -17.002 1.00 84.57 ? 106 GLU A CD  1 
ATOM   829  O OE1 . GLU A 1 106 ? 4.381   -15.160 -16.371 1.00 89.83 ? 106 GLU A OE1 1 
ATOM   830  O OE2 . GLU A 1 106 ? 3.141   -14.885 -18.166 1.00 83.85 ? 106 GLU A OE2 1 
ATOM   831  N N   . LEU A 1 107 ? -0.972  -12.881 -14.700 1.00 38.76 ? 107 LEU A N   1 
ATOM   832  C CA  . LEU A 1 107 ? -2.304  -12.615 -14.178 1.00 34.15 ? 107 LEU A CA  1 
ATOM   833  C C   . LEU A 1 107 ? -3.144  -11.940 -15.257 1.00 37.96 ? 107 LEU A C   1 
ATOM   834  O O   . LEU A 1 107 ? -4.261  -12.373 -15.546 1.00 38.45 ? 107 LEU A O   1 
ATOM   835  C CB  . LEU A 1 107 ? -2.202  -11.729 -12.938 1.00 19.32 ? 107 LEU A CB  1 
ATOM   836  C CG  . LEU A 1 107 ? -2.819  -12.259 -11.643 1.00 12.04 ? 107 LEU A CG  1 
ATOM   837  C CD1 . LEU A 1 107 ? -2.788  -13.760 -11.594 1.00 3.64  ? 107 LEU A CD1 1 
ATOM   838  C CD2 . LEU A 1 107 ? -2.086  -11.661 -10.458 1.00 11.03 ? 107 LEU A CD2 1 
ATOM   839  N N   . LYS A 1 108 ? -2.595  -10.881 -15.847 1.00 38.29 ? 108 LYS A N   1 
ATOM   840  C CA  . LYS A 1 108 ? -3.270  -10.141 -16.904 1.00 42.35 ? 108 LYS A CA  1 
ATOM   841  C C   . LYS A 1 108 ? -3.496  -11.040 -18.114 1.00 47.80 ? 108 LYS A C   1 
ATOM   842  O O   . LYS A 1 108 ? -4.481  -10.889 -18.839 1.00 52.93 ? 108 LYS A O   1 
ATOM   843  C CB  . LYS A 1 108 ? -2.437  -8.924  -17.305 1.00 46.24 ? 108 LYS A CB  1 
ATOM   844  C CG  . LYS A 1 108 ? -3.102  -8.024  -18.334 1.00 59.26 ? 108 LYS A CG  1 
ATOM   845  C CD  . LYS A 1 108 ? -2.340  -6.716  -18.508 1.00 65.25 ? 108 LYS A CD  1 
ATOM   846  C CE  . LYS A 1 108 ? -3.082  -5.765  -19.437 1.00 70.56 ? 108 LYS A CE  1 
ATOM   847  N NZ  . LYS A 1 108 ? -2.441  -4.421  -19.507 1.00 73.10 ? 108 LYS A NZ  1 
ATOM   848  N N   . ARG A 1 109 ? -2.559  -11.959 -18.343 1.00 50.47 ? 109 ARG A N   1 
ATOM   849  C CA  . ARG A 1 109 ? -2.644  -12.900 -19.456 1.00 47.30 ? 109 ARG A CA  1 
ATOM   850  C C   . ARG A 1 109 ? -3.876  -13.786 -19.337 1.00 43.31 ? 109 ARG A C   1 
ATOM   851  O O   . ARG A 1 109 ? -4.312  -14.382 -20.322 1.00 47.49 ? 109 ARG A O   1 
ATOM   852  C CB  . ARG A 1 109 ? -1.373  -13.753 -19.550 1.00 50.26 ? 109 ARG A CB  1 
ATOM   853  C CG  . ARG A 1 109 ? -0.335  -13.217 -20.532 1.00 53.82 ? 109 ARG A CG  1 
ATOM   854  C CD  . ARG A 1 109 ? -0.077  -11.739 -20.303 1.00 59.04 ? 109 ARG A CD  1 
ATOM   855  N NE  . ARG A 1 109 ? 0.823   -11.158 -21.295 1.00 73.11 ? 109 ARG A NE  1 
ATOM   856  C CZ  . ARG A 1 109 ? 1.002   -9.851  -21.469 1.00 78.79 ? 109 ARG A CZ  1 
ATOM   857  N NH1 . ARG A 1 109 ? 0.343   -8.976  -20.716 1.00 80.39 ? 109 ARG A NH1 1 
ATOM   858  N NH2 . ARG A 1 109 ? 1.842   -9.415  -22.398 1.00 81.44 ? 109 ARG A NH2 1 
ATOM   859  N N   . ARG A 1 110 ? -4.411  -13.898 -18.126 1.00 41.38 ? 110 ARG A N   1 
ATOM   860  C CA  . ARG A 1 110 ? -5.616  -14.685 -17.898 1.00 40.99 ? 110 ARG A CA  1 
ATOM   861  C C   . ARG A 1 110 ? -6.864  -13.817 -18.053 1.00 36.56 ? 110 ARG A C   1 
ATOM   862  O O   . ARG A 1 110 ? -7.970  -14.239 -17.716 1.00 35.10 ? 110 ARG A O   1 
ATOM   863  C CB  . ARG A 1 110 ? -5.587  -15.357 -16.525 1.00 47.55 ? 110 ARG A CB  1 
ATOM   864  C CG  . ARG A 1 110 ? -4.805  -16.652 -16.518 1.00 55.87 ? 110 ARG A CG  1 
ATOM   865  C CD  . ARG A 1 110 ? -4.766  -17.284 -15.140 1.00 63.53 ? 110 ARG A CD  1 
ATOM   866  N NE  . ARG A 1 110 ? -4.042  -18.554 -15.148 1.00 78.74 ? 110 ARG A NE  1 
ATOM   867  C CZ  . ARG A 1 110 ? -2.733  -18.683 -15.361 1.00 85.50 ? 110 ARG A CZ  1 
ATOM   868  N NH1 . ARG A 1 110 ? -1.974  -17.614 -15.587 1.00 86.38 ? 110 ARG A NH1 1 
ATOM   869  N NH2 . ARG A 1 110 ? -2.179  -19.889 -15.362 1.00 86.87 ? 110 ARG A NH2 1 
ATOM   870  N N   . GLY A 1 111 ? -6.667  -12.602 -18.561 1.00 33.48 ? 111 GLY A N   1 
ATOM   871  C CA  . GLY A 1 111 ? -7.765  -11.682 -18.802 1.00 35.78 ? 111 GLY A CA  1 
ATOM   872  C C   . GLY A 1 111 ? -8.502  -11.094 -17.615 1.00 38.73 ? 111 GLY A C   1 
ATOM   873  O O   . GLY A 1 111 ? -9.650  -10.662 -17.755 1.00 45.42 ? 111 GLY A O   1 
ATOM   874  N N   . LEU A 1 112 ? -7.876  -11.111 -16.444 1.00 38.33 ? 112 LEU A N   1 
ATOM   875  C CA  . LEU A 1 112 ? -8.483  -10.548 -15.244 1.00 29.64 ? 112 LEU A CA  1 
ATOM   876  C C   . LEU A 1 112 ? -8.179  -9.055  -15.231 1.00 31.23 ? 112 LEU A C   1 
ATOM   877  O O   . LEU A 1 112 ? -7.195  -8.616  -15.825 1.00 30.98 ? 112 LEU A O   1 
ATOM   878  C CB  . LEU A 1 112 ? -7.888  -11.200 -13.994 1.00 25.24 ? 112 LEU A CB  1 
ATOM   879  C CG  . LEU A 1 112 ? -8.072  -12.710 -13.854 1.00 28.11 ? 112 LEU A CG  1 
ATOM   880  C CD1 . LEU A 1 112 ? -7.028  -13.257 -12.904 1.00 33.52 ? 112 LEU A CD1 1 
ATOM   881  C CD2 . LEU A 1 112 ? -9.486  -13.042 -13.382 1.00 18.34 ? 112 LEU A CD2 1 
ATOM   882  N N   . LYS A 1 113 ? -9.048  -8.272  -14.597 1.00 30.43 ? 113 LYS A N   1 
ATOM   883  C CA  . LYS A 1 113 ? -8.826  -6.835  -14.501 1.00 32.79 ? 113 LYS A CA  1 
ATOM   884  C C   . LYS A 1 113 ? -7.981  -6.594  -13.259 1.00 26.17 ? 113 LYS A C   1 
ATOM   885  O O   . LYS A 1 113 ? -8.283  -7.113  -12.188 1.00 23.76 ? 113 LYS A O   1 
ATOM   886  C CB  . LYS A 1 113 ? -10.149 -6.076  -14.401 1.00 42.75 ? 113 LYS A CB  1 
ATOM   887  C CG  . LYS A 1 113 ? -10.947 -6.049  -15.690 1.00 57.89 ? 113 LYS A CG  1 
ATOM   888  C CD  . LYS A 1 113 ? -12.142 -5.110  -15.571 1.00 71.14 ? 113 LYS A CD  1 
ATOM   889  C CE  . LYS A 1 113 ? -12.962 -5.071  -16.859 1.00 78.56 ? 113 LYS A CE  1 
ATOM   890  N NZ  . LYS A 1 113 ? -13.580 -6.388  -17.193 1.00 78.10 ? 113 LYS A NZ  1 
ATOM   891  N N   . LEU A 1 114 ? -6.919  -5.815  -13.404 1.00 21.03 ? 114 LEU A N   1 
ATOM   892  C CA  . LEU A 1 114 ? -6.023  -5.540  -12.289 1.00 19.24 ? 114 LEU A CA  1 
ATOM   893  C C   . LEU A 1 114 ? -6.043  -4.070  -11.922 1.00 18.32 ? 114 LEU A C   1 
ATOM   894  O O   . LEU A 1 114 ? -5.877  -3.207  -12.786 1.00 23.81 ? 114 LEU A O   1 
ATOM   895  C CB  . LEU A 1 114 ? -4.594  -5.951  -12.658 1.00 16.87 ? 114 LEU A CB  1 
ATOM   896  C CG  . LEU A 1 114 ? -4.359  -7.369  -13.181 1.00 13.41 ? 114 LEU A CG  1 
ATOM   897  C CD1 . LEU A 1 114 ? -2.929  -7.495  -13.678 1.00 16.32 ? 114 LEU A CD1 1 
ATOM   898  C CD2 . LEU A 1 114 ? -4.657  -8.391  -12.099 1.00 6.38  ? 114 LEU A CD2 1 
ATOM   899  N N   . ALA A 1 115 ? -6.220  -3.784  -10.641 1.00 13.47 ? 115 ALA A N   1 
ATOM   900  C CA  . ALA A 1 115 ? -6.247  -2.404  -10.180 1.00 19.68 ? 115 ALA A CA  1 
ATOM   901  C C   . ALA A 1 115 ? -5.484  -2.226  -8.872  1.00 21.61 ? 115 ALA A C   1 
ATOM   902  O O   . ALA A 1 115 ? -5.287  -3.178  -8.114  1.00 25.02 ? 115 ALA A O   1 
ATOM   903  C CB  . ALA A 1 115 ? -7.690  -1.936  -10.008 1.00 11.98 ? 115 ALA A CB  1 
ATOM   904  N N   . ILE A 1 116 ? -5.036  -0.999  -8.635  1.00 20.28 ? 116 ILE A N   1 
ATOM   905  C CA  . ILE A 1 116 ? -4.325  -0.648  -7.418  1.00 15.32 ? 116 ILE A CA  1 
ATOM   906  C C   . ILE A 1 116 ? -5.182  0.327   -6.613  1.00 19.18 ? 116 ILE A C   1 
ATOM   907  O O   . ILE A 1 116 ? -5.520  1.409   -7.088  1.00 20.95 ? 116 ILE A O   1 
ATOM   908  C CB  . ILE A 1 116 ? -2.955  0.014   -7.718  1.00 14.09 ? 116 ILE A CB  1 
ATOM   909  C CG1 . ILE A 1 116 ? -1.956  -1.035  -8.204  1.00 18.20 ? 116 ILE A CG1 1 
ATOM   910  C CG2 . ILE A 1 116 ? -2.399  0.690   -6.476  1.00 13.56 ? 116 ILE A CG2 1 
ATOM   911  C CD1 . ILE A 1 116 ? -0.583  -0.472  -8.480  1.00 25.50 ? 116 ILE A CD1 1 
ATOM   912  N N   . LEU A 1 117 ? -5.605  -0.106  -5.434  1.00 16.73 ? 117 LEU A N   1 
ATOM   913  C CA  . LEU A 1 117 ? -6.386  0.726   -4.534  1.00 11.88 ? 117 LEU A CA  1 
ATOM   914  C C   . LEU A 1 117 ? -5.388  1.095   -3.432  1.00 14.53 ? 117 LEU A C   1 
ATOM   915  O O   . LEU A 1 117 ? -5.164  0.324   -2.494  1.00 6.20  ? 117 LEU A O   1 
ATOM   916  C CB  . LEU A 1 117 ? -7.574  -0.069  -3.986  1.00 5.62  ? 117 LEU A CB  1 
ATOM   917  C CG  . LEU A 1 117 ? -8.434  0.562   -2.888  1.00 8.70  ? 117 LEU A CG  1 
ATOM   918  C CD1 . LEU A 1 117 ? -8.964  1.928   -3.330  1.00 5.20  ? 117 LEU A CD1 1 
ATOM   919  C CD2 . LEU A 1 117 ? -9.562  -0.401  -2.524  1.00 3.43  ? 117 LEU A CD2 1 
ATOM   920  N N   . SER A 1 118 ? -4.749  2.248   -3.591  1.00 12.58 ? 118 SER A N   1 
ATOM   921  C CA  . SER A 1 118 ? -3.740  2.706   -2.648  1.00 12.96 ? 118 SER A CA  1 
ATOM   922  C C   . SER A 1 118 ? -4.099  4.017   -1.951  1.00 17.44 ? 118 SER A C   1 
ATOM   923  O O   . SER A 1 118 ? -4.948  4.774   -2.419  1.00 22.00 ? 118 SER A O   1 
ATOM   924  C CB  . SER A 1 118 ? -2.406  2.855   -3.387  1.00 19.39 ? 118 SER A CB  1 
ATOM   925  O OG  . SER A 1 118 ? -1.334  3.187   -2.519  1.00 17.29 ? 118 SER A OG  1 
ATOM   926  N N   . ASN A 1 119 ? -3.455  4.258   -0.811  1.00 17.61 ? 119 ASN A N   1 
ATOM   927  C CA  . ASN A 1 119 ? -3.653  5.471   -0.027  1.00 14.87 ? 119 ASN A CA  1 
ATOM   928  C C   . ASN A 1 119 ? -2.824  6.617   -0.575  1.00 16.38 ? 119 ASN A C   1 
ATOM   929  O O   . ASN A 1 119 ? -3.022  7.768   -0.201  1.00 21.40 ? 119 ASN A O   1 
ATOM   930  C CB  . ASN A 1 119 ? -3.245  5.241   1.426   1.00 13.18 ? 119 ASN A CB  1 
ATOM   931  C CG  . ASN A 1 119 ? -4.371  4.713   2.267   1.00 16.00 ? 119 ASN A CG  1 
ATOM   932  O OD1 . ASN A 1 119 ? -4.511  5.089   3.418   1.00 18.35 ? 119 ASN A OD1 1 
ATOM   933  N ND2 . ASN A 1 119 ? -5.204  3.859   1.685   1.00 27.96 ? 119 ASN A ND2 1 
ATOM   934  N N   . GLY A 1 120 ? -1.836  6.287   -1.396  1.00 15.22 ? 120 GLY A N   1 
ATOM   935  C CA  . GLY A 1 120 ? -0.980  7.313   -1.956  1.00 20.37 ? 120 GLY A CA  1 
ATOM   936  C C   . GLY A 1 120 ? -1.684  8.190   -2.963  1.00 20.73 ? 120 GLY A C   1 
ATOM   937  O O   . GLY A 1 120 ? -2.617  7.744   -3.633  1.00 26.69 ? 120 GLY A O   1 
ATOM   938  N N   . SER A 1 121 ? -1.201  9.418   -3.110  1.00 24.70 ? 121 SER A N   1 
ATOM   939  C CA  . SER A 1 121 ? -1.787  10.354  -4.058  1.00 31.86 ? 121 SER A CA  1 
ATOM   940  C C   . SER A 1 121 ? -1.615  9.796   -5.474  1.00 34.29 ? 121 SER A C   1 
ATOM   941  O O   . SER A 1 121 ? -0.693  9.018   -5.734  1.00 37.76 ? 121 SER A O   1 
ATOM   942  C CB  . SER A 1 121 ? -1.104  11.718  -3.939  1.00 30.37 ? 121 SER A CB  1 
ATOM   943  O OG  . SER A 1 121 ? 0.261   11.647  -4.309  1.00 37.19 ? 121 SER A OG  1 
ATOM   944  N N   . PRO A 1 122 ? -2.528  10.141  -6.401  1.00 35.90 ? 122 PRO A N   1 
ATOM   945  C CA  . PRO A 1 122 ? -2.393  9.626   -7.770  1.00 29.60 ? 122 PRO A CA  1 
ATOM   946  C C   . PRO A 1 122 ? -1.042  10.017  -8.362  1.00 31.87 ? 122 PRO A C   1 
ATOM   947  O O   . PRO A 1 122 ? -0.607  9.452   -9.369  1.00 24.25 ? 122 PRO A O   1 
ATOM   948  C CB  . PRO A 1 122 ? -3.565  10.280  -8.503  1.00 25.86 ? 122 PRO A CB  1 
ATOM   949  C CG  . PRO A 1 122 ? -3.842  11.521  -7.690  1.00 31.10 ? 122 PRO A CG  1 
ATOM   950  C CD  . PRO A 1 122 ? -3.695  11.033  -6.284  1.00 30.86 ? 122 PRO A CD  1 
ATOM   951  N N   . GLN A 1 123 ? -0.407  11.002  -7.725  1.00 42.41 ? 123 GLN A N   1 
ATOM   952  C CA  . GLN A 1 123 ? 0.911   11.507  -8.103  1.00 48.07 ? 123 GLN A CA  1 
ATOM   953  C C   . GLN A 1 123 ? 1.971   10.475  -7.731  1.00 45.93 ? 123 GLN A C   1 
ATOM   954  O O   . GLN A 1 123 ? 2.902   10.215  -8.500  1.00 45.35 ? 123 GLN A O   1 
ATOM   955  C CB  . GLN A 1 123 ? 1.207   12.818  -7.366  1.00 58.48 ? 123 GLN A CB  1 
ATOM   956  C CG  . GLN A 1 123 ? 0.806   14.088  -8.111  1.00 72.05 ? 123 GLN A CG  1 
ATOM   957  C CD  . GLN A 1 123 ? -0.677  14.160  -8.432  1.00 78.66 ? 123 GLN A CD  1 
ATOM   958  O OE1 . GLN A 1 123 ? -1.507  14.386  -7.549  1.00 85.67 ? 123 GLN A OE1 1 
ATOM   959  N NE2 . GLN A 1 123 ? -1.014  13.988  -9.708  1.00 78.89 ? 123 GLN A NE2 1 
ATOM   960  N N   . SER A 1 124 ? 1.831   9.919   -6.532  1.00 39.81 ? 124 SER A N   1 
ATOM   961  C CA  . SER A 1 124 ? 2.741   8.907   -6.016  1.00 37.14 ? 124 SER A CA  1 
ATOM   962  C C   . SER A 1 124 ? 2.543   7.561   -6.710  1.00 37.47 ? 124 SER A C   1 
ATOM   963  O O   . SER A 1 124 ? 3.504   6.960   -7.193  1.00 34.76 ? 124 SER A O   1 
ATOM   964  C CB  . SER A 1 124 ? 2.540   8.736   -4.509  1.00 40.63 ? 124 SER A CB  1 
ATOM   965  O OG  . SER A 1 124 ? 2.975   9.881   -3.792  1.00 56.15 ? 124 SER A OG  1 
ATOM   966  N N   . ILE A 1 125 ? 1.293   7.103   -6.765  1.00 33.47 ? 125 ILE A N   1 
ATOM   967  C CA  . ILE A 1 125 ? 0.958   5.822   -7.382  1.00 26.24 ? 125 ILE A CA  1 
ATOM   968  C C   . ILE A 1 125 ? 1.576   5.640   -8.755  1.00 24.17 ? 125 ILE A C   1 
ATOM   969  O O   . ILE A 1 125 ? 2.202   4.619   -9.023  1.00 33.18 ? 125 ILE A O   1 
ATOM   970  C CB  . ILE A 1 125 ? -0.563  5.622   -7.519  1.00 23.35 ? 125 ILE A CB  1 
ATOM   971  C CG1 . ILE A 1 125 ? -1.253  5.755   -6.163  1.00 17.08 ? 125 ILE A CG1 1 
ATOM   972  C CG2 . ILE A 1 125 ? -0.852  4.240   -8.088  1.00 30.42 ? 125 ILE A CG2 1 
ATOM   973  C CD1 . ILE A 1 125 ? -2.726  5.383   -6.205  1.00 16.71 ? 125 ILE A CD1 1 
ATOM   974  N N   . ASP A 1 126 ? 1.344   6.596   -9.643  1.00 30.19 ? 126 ASP A N   1 
ATOM   975  C CA  . ASP A 1 126 ? 1.888   6.522   -10.996 1.00 35.06 ? 126 ASP A CA  1 
ATOM   976  C C   . ASP A 1 126 ? 3.417   6.585   -10.985 1.00 33.20 ? 126 ASP A C   1 
ATOM   977  O O   . ASP A 1 126 ? 4.068   5.981   -11.832 1.00 35.19 ? 126 ASP A O   1 
ATOM   978  C CB  . ASP A 1 126 ? 1.311   7.646   -11.868 1.00 31.95 ? 126 ASP A CB  1 
ATOM   979  C CG  . ASP A 1 126 ? 1.860   7.630   -13.294 1.00 43.47 ? 126 ASP A CG  1 
ATOM   980  O OD1 . ASP A 1 126 ? 1.420   6.782   -14.105 1.00 40.83 ? 126 ASP A OD1 1 
ATOM   981  O OD2 . ASP A 1 126 ? 2.731   8.476   -13.602 1.00 46.67 ? 126 ASP A OD2 1 
ATOM   982  N N   . ALA A 1 127 ? 3.981   7.321   -10.031 1.00 32.34 ? 127 ALA A N   1 
ATOM   983  C CA  . ALA A 1 127 ? 5.431   7.465   -9.924  1.00 29.80 ? 127 ALA A CA  1 
ATOM   984  C C   . ALA A 1 127 ? 6.156   6.148   -9.644  1.00 29.91 ? 127 ALA A C   1 
ATOM   985  O O   . ALA A 1 127 ? 7.093   5.797   -10.358 1.00 28.63 ? 127 ALA A O   1 
ATOM   986  C CB  . ALA A 1 127 ? 5.787   8.504   -8.867  1.00 15.68 ? 127 ALA A CB  1 
ATOM   987  N N   . VAL A 1 128 ? 5.730   5.426   -8.610  1.00 29.46 ? 128 VAL A N   1 
ATOM   988  C CA  . VAL A 1 128 ? 6.366   4.160   -8.254  1.00 28.27 ? 128 VAL A CA  1 
ATOM   989  C C   . VAL A 1 128 ? 6.077   3.046   -9.263  1.00 34.59 ? 128 VAL A C   1 
ATOM   990  O O   . VAL A 1 128 ? 6.933   2.196   -9.516  1.00 43.93 ? 128 VAL A O   1 
ATOM   991  C CB  . VAL A 1 128 ? 5.979   3.696   -6.811  1.00 19.89 ? 128 VAL A CB  1 
ATOM   992  C CG1 . VAL A 1 128 ? 5.874   4.894   -5.874  1.00 17.29 ? 128 VAL A CG1 1 
ATOM   993  C CG2 . VAL A 1 128 ? 4.691   2.901   -6.809  1.00 24.89 ? 128 VAL A CG2 1 
ATOM   994  N N   . VAL A 1 129 ? 4.870   3.042   -9.823  1.00 37.84 ? 129 VAL A N   1 
ATOM   995  C CA  . VAL A 1 129 ? 4.476   2.026   -10.798 1.00 39.28 ? 129 VAL A CA  1 
ATOM   996  C C   . VAL A 1 129 ? 5.199   2.219   -12.129 1.00 42.51 ? 129 VAL A C   1 
ATOM   997  O O   . VAL A 1 129 ? 5.707   1.256   -12.710 1.00 36.92 ? 129 VAL A O   1 
ATOM   998  C CB  . VAL A 1 129 ? 2.937   2.008   -11.001 1.00 41.29 ? 129 VAL A CB  1 
ATOM   999  C CG1 . VAL A 1 129 ? 2.558   1.104   -12.149 1.00 39.60 ? 129 VAL A CG1 1 
ATOM   1000 C CG2 . VAL A 1 129 ? 2.253   1.518   -9.733  1.00 42.64 ? 129 VAL A CG2 1 
ATOM   1001 N N   . SER A 1 130 ? 5.231   3.457   -12.614 1.00 46.31 ? 130 SER A N   1 
ATOM   1002 C CA  . SER A 1 130 ? 5.911   3.769   -13.868 1.00 50.83 ? 130 SER A CA  1 
ATOM   1003 C C   . SER A 1 130 ? 7.414   3.565   -13.705 1.00 51.72 ? 130 SER A C   1 
ATOM   1004 O O   . SER A 1 130 ? 8.091   3.098   -14.626 1.00 48.57 ? 130 SER A O   1 
ATOM   1005 C CB  . SER A 1 130 ? 5.620   5.210   -14.303 1.00 48.38 ? 130 SER A CB  1 
ATOM   1006 O OG  . SER A 1 130 ? 4.293   5.347   -14.789 1.00 54.74 ? 130 SER A OG  1 
ATOM   1007 N N   . HIS A 1 131 ? 7.929   3.947   -12.537 1.00 52.17 ? 131 HIS A N   1 
ATOM   1008 C CA  . HIS A 1 131 ? 9.345   3.805   -12.212 1.00 52.93 ? 131 HIS A CA  1 
ATOM   1009 C C   . HIS A 1 131 ? 9.782   2.352   -12.373 1.00 51.02 ? 131 HIS A C   1 
ATOM   1010 O O   . HIS A 1 131 ? 10.889  2.076   -12.845 1.00 53.47 ? 131 HIS A O   1 
ATOM   1011 C CB  . HIS A 1 131 ? 9.599   4.275   -10.776 1.00 63.10 ? 131 HIS A CB  1 
ATOM   1012 C CG  . HIS A 1 131 ? 10.886  3.781   -10.192 1.00 72.67 ? 131 HIS A CG  1 
ATOM   1013 N ND1 . HIS A 1 131 ? 10.942  2.727   -9.305  1.00 77.98 ? 131 HIS A ND1 1 
ATOM   1014 C CD2 . HIS A 1 131 ? 12.163  4.195   -10.366 1.00 76.00 ? 131 HIS A CD2 1 
ATOM   1015 C CE1 . HIS A 1 131 ? 12.198  2.513   -8.957  1.00 80.51 ? 131 HIS A CE1 1 
ATOM   1016 N NE2 . HIS A 1 131 ? 12.960  3.391   -9.586  1.00 79.85 ? 131 HIS A NE2 1 
ATOM   1017 N N   . ALA A 1 132 ? 8.925   1.435   -11.943 1.00 42.24 ? 132 ALA A N   1 
ATOM   1018 C CA  . ALA A 1 132 ? 9.213   0.015   -12.049 1.00 33.12 ? 132 ALA A CA  1 
ATOM   1019 C C   . ALA A 1 132 ? 8.827   -0.517  -13.428 1.00 32.09 ? 132 ALA A C   1 
ATOM   1020 O O   . ALA A 1 132 ? 9.020   -1.700  -13.719 1.00 28.50 ? 132 ALA A O   1 
ATOM   1021 C CB  . ALA A 1 132 ? 8.473   -0.743  -10.965 1.00 29.72 ? 132 ALA A CB  1 
ATOM   1022 N N   . GLY A 1 133 ? 8.294   0.365   -14.274 1.00 37.36 ? 133 GLY A N   1 
ATOM   1023 C CA  . GLY A 1 133 ? 7.874   -0.025  -15.612 1.00 38.22 ? 133 GLY A CA  1 
ATOM   1024 C C   . GLY A 1 133 ? 6.670   -0.954  -15.599 1.00 39.31 ? 133 GLY A C   1 
ATOM   1025 O O   . GLY A 1 133 ? 6.441   -1.709  -16.549 1.00 33.97 ? 133 GLY A O   1 
ATOM   1026 N N   . LEU A 1 134 ? 5.888   -0.879  -14.527 1.00 42.17 ? 134 LEU A N   1 
ATOM   1027 C CA  . LEU A 1 134 ? 4.709   -1.716  -14.354 1.00 41.46 ? 134 LEU A CA  1 
ATOM   1028 C C   . LEU A 1 134 ? 3.391   -1.023  -14.700 1.00 42.60 ? 134 LEU A C   1 
ATOM   1029 O O   . LEU A 1 134 ? 2.318   -1.573  -14.443 1.00 45.00 ? 134 LEU A O   1 
ATOM   1030 C CB  . LEU A 1 134 ? 4.657   -2.242  -12.915 1.00 41.77 ? 134 LEU A CB  1 
ATOM   1031 C CG  . LEU A 1 134 ? 5.747   -3.231  -12.484 1.00 42.44 ? 134 LEU A CG  1 
ATOM   1032 C CD1 . LEU A 1 134 ? 5.757   -3.377  -10.971 1.00 46.16 ? 134 LEU A CD1 1 
ATOM   1033 C CD2 . LEU A 1 134 ? 5.524   -4.579  -13.148 1.00 36.87 ? 134 LEU A CD2 1 
ATOM   1034 N N   . ARG A 1 135 ? 3.459   0.177   -15.271 1.00 43.67 ? 135 ARG A N   1 
ATOM   1035 C CA  . ARG A 1 135 ? 2.244   0.907   -15.633 1.00 46.49 ? 135 ARG A CA  1 
ATOM   1036 C C   . ARG A 1 135 ? 1.402   0.154   -16.657 1.00 41.29 ? 135 ARG A C   1 
ATOM   1037 O O   . ARG A 1 135 ? 0.182   0.108   -16.544 1.00 40.03 ? 135 ARG A O   1 
ATOM   1038 C CB  . ARG A 1 135 ? 2.574   2.307   -16.164 1.00 56.93 ? 135 ARG A CB  1 
ATOM   1039 C CG  . ARG A 1 135 ? 1.340   3.146   -16.502 1.00 61.06 ? 135 ARG A CG  1 
ATOM   1040 C CD  . ARG A 1 135 ? 0.442   3.325   -15.280 1.00 68.76 ? 135 ARG A CD  1 
ATOM   1041 N NE  . ARG A 1 135 ? -0.897  3.810   -15.616 1.00 75.30 ? 135 ARG A NE  1 
ATOM   1042 C CZ  . ARG A 1 135 ? -1.989  3.047   -15.658 1.00 75.86 ? 135 ARG A CZ  1 
ATOM   1043 N NH1 . ARG A 1 135 ? -1.915  1.748   -15.391 1.00 73.04 ? 135 ARG A NH1 1 
ATOM   1044 N NH2 . ARG A 1 135 ? -3.165  3.586   -15.952 1.00 74.34 ? 135 ARG A NH2 1 
ATOM   1045 N N   . ASP A 1 136 ? 2.062   -0.414  -17.661 1.00 43.67 ? 136 ASP A N   1 
ATOM   1046 C CA  . ASP A 1 136 ? 1.386   -1.169  -18.716 1.00 47.16 ? 136 ASP A CA  1 
ATOM   1047 C C   . ASP A 1 136 ? 0.751   -2.472  -18.233 1.00 46.27 ? 136 ASP A C   1 
ATOM   1048 O O   . ASP A 1 136 ? 0.326   -3.295  -19.047 1.00 49.08 ? 136 ASP A O   1 
ATOM   1049 C CB  . ASP A 1 136 ? 2.364   -1.481  -19.859 1.00 54.10 ? 136 ASP A CB  1 
ATOM   1050 C CG  . ASP A 1 136 ? 2.609   -0.289  -20.774 1.00 64.71 ? 136 ASP A CG  1 
ATOM   1051 O OD1 . ASP A 1 136 ? 2.712   0.852   -20.272 1.00 70.91 ? 136 ASP A OD1 1 
ATOM   1052 O OD2 . ASP A 1 136 ? 2.704   -0.500  -22.003 1.00 69.40 ? 136 ASP A OD2 1 
ATOM   1053 N N   . GLY A 1 137 ? 0.694   -2.667  -16.920 1.00 41.14 ? 137 GLY A N   1 
ATOM   1054 C CA  . GLY A 1 137 ? 0.114   -3.886  -16.388 1.00 38.87 ? 137 GLY A CA  1 
ATOM   1055 C C   . GLY A 1 137 ? -1.193  -3.715  -15.639 1.00 33.69 ? 137 GLY A C   1 
ATOM   1056 O O   . GLY A 1 137 ? -1.914  -4.688  -15.432 1.00 31.14 ? 137 GLY A O   1 
ATOM   1057 N N   . PHE A 1 138 ? -1.491  -2.493  -15.215 1.00 31.11 ? 138 PHE A N   1 
ATOM   1058 C CA  . PHE A 1 138 ? -2.712  -2.220  -14.469 1.00 29.33 ? 138 PHE A CA  1 
ATOM   1059 C C   . PHE A 1 138 ? -3.758  -1.483  -15.286 1.00 28.52 ? 138 PHE A C   1 
ATOM   1060 O O   . PHE A 1 138 ? -3.437  -0.597  -16.079 1.00 27.52 ? 138 PHE A O   1 
ATOM   1061 C CB  . PHE A 1 138 ? -2.402  -1.401  -13.214 1.00 30.38 ? 138 PHE A CB  1 
ATOM   1062 C CG  . PHE A 1 138 ? -1.462  -2.078  -12.263 1.00 30.57 ? 138 PHE A CG  1 
ATOM   1063 C CD1 . PHE A 1 138 ? -1.920  -3.061  -11.394 1.00 34.40 ? 138 PHE A CD1 1 
ATOM   1064 C CD2 . PHE A 1 138 ? -0.121  -1.714  -12.216 1.00 35.04 ? 138 PHE A CD2 1 
ATOM   1065 C CE1 . PHE A 1 138 ? -1.058  -3.669  -10.491 1.00 35.65 ? 138 PHE A CE1 1 
ATOM   1066 C CE2 . PHE A 1 138 ? 0.749   -2.316  -11.317 1.00 31.72 ? 138 PHE A CE2 1 
ATOM   1067 C CZ  . PHE A 1 138 ? 0.280   -3.294  -10.452 1.00 36.41 ? 138 PHE A CZ  1 
ATOM   1068 N N   . ASP A 1 139 ? -5.017  -1.836  -15.055 1.00 31.00 ? 139 ASP A N   1 
ATOM   1069 C CA  . ASP A 1 139 ? -6.134  -1.209  -15.746 1.00 31.13 ? 139 ASP A CA  1 
ATOM   1070 C C   . ASP A 1 139 ? -6.507  0.126   -15.103 1.00 31.03 ? 139 ASP A C   1 
ATOM   1071 O O   . ASP A 1 139 ? -6.823  1.083   -15.806 1.00 37.59 ? 139 ASP A O   1 
ATOM   1072 C CB  . ASP A 1 139 ? -7.342  -2.144  -15.759 1.00 38.55 ? 139 ASP A CB  1 
ATOM   1073 C CG  . ASP A 1 139 ? -7.054  -3.455  -16.461 1.00 38.09 ? 139 ASP A CG  1 
ATOM   1074 O OD1 . ASP A 1 139 ? -6.384  -4.315  -15.853 1.00 48.62 ? 139 ASP A OD1 1 
ATOM   1075 O OD2 . ASP A 1 139 ? -7.491  -3.624  -17.617 1.00 42.54 ? 139 ASP A OD2 1 
ATOM   1076 N N   . HIS A 1 140 ? -6.508  0.177   -13.769 1.00 31.11 ? 140 HIS A N   1 
ATOM   1077 C CA  . HIS A 1 140 ? -6.843  1.405   -13.037 1.00 27.72 ? 140 HIS A CA  1 
ATOM   1078 C C   . HIS A 1 140 ? -5.901  1.626   -11.862 1.00 21.84 ? 140 HIS A C   1 
ATOM   1079 O O   . HIS A 1 140 ? -5.532  0.679   -11.171 1.00 26.64 ? 140 HIS A O   1 
ATOM   1080 C CB  . HIS A 1 140 ? -8.264  1.342   -12.464 1.00 30.32 ? 140 HIS A CB  1 
ATOM   1081 C CG  . HIS A 1 140 ? -9.255  0.667   -13.354 1.00 41.65 ? 140 HIS A CG  1 
ATOM   1082 N ND1 . HIS A 1 140 ? -10.065 1.358   -14.229 1.00 41.86 ? 140 HIS A ND1 1 
ATOM   1083 C CD2 . HIS A 1 140 ? -9.573  -0.642  -13.499 1.00 44.54 ? 140 HIS A CD2 1 
ATOM   1084 C CE1 . HIS A 1 140 ? -10.840 0.503   -14.874 1.00 46.26 ? 140 HIS A CE1 1 
ATOM   1085 N NE2 . HIS A 1 140 ? -10.560 -0.716  -14.450 1.00 47.14 ? 140 HIS A NE2 1 
ATOM   1086 N N   . LEU A 1 141 ? -5.556  2.884   -11.613 1.00 17.62 ? 141 LEU A N   1 
ATOM   1087 C CA  . LEU A 1 141 ? -4.695  3.247   -10.493 1.00 19.30 ? 141 LEU A CA  1 
ATOM   1088 C C   . LEU A 1 141 ? -5.538  4.113   -9.560  1.00 18.73 ? 141 LEU A C   1 
ATOM   1089 O O   . LEU A 1 141 ? -5.560  5.337   -9.681  1.00 29.53 ? 141 LEU A O   1 
ATOM   1090 C CB  . LEU A 1 141 ? -3.464  4.031   -10.970 1.00 15.53 ? 141 LEU A CB  1 
ATOM   1091 C CG  . LEU A 1 141 ? -2.420  3.362   -11.875 1.00 16.78 ? 141 LEU A CG  1 
ATOM   1092 C CD1 . LEU A 1 141 ? -1.331  4.376   -12.190 1.00 12.97 ? 141 LEU A CD1 1 
ATOM   1093 C CD2 . LEU A 1 141 ? -1.821  2.126   -11.210 1.00 9.40  ? 141 LEU A CD2 1 
ATOM   1094 N N   . LEU A 1 142 ? -6.237  3.470   -8.632  1.00 21.36 ? 142 LEU A N   1 
ATOM   1095 C CA  . LEU A 1 142 ? -7.117  4.163   -7.699  1.00 11.31 ? 142 LEU A CA  1 
ATOM   1096 C C   . LEU A 1 142 ? -6.489  4.748   -6.441  1.00 14.25 ? 142 LEU A C   1 
ATOM   1097 O O   . LEU A 1 142 ? -5.889  4.044   -5.635  1.00 19.57 ? 142 LEU A O   1 
ATOM   1098 C CB  . LEU A 1 142 ? -8.277  3.247   -7.306  1.00 8.31  ? 142 LEU A CB  1 
ATOM   1099 C CG  . LEU A 1 142 ? -9.089  2.698   -8.476  1.00 11.69 ? 142 LEU A CG  1 
ATOM   1100 C CD1 . LEU A 1 142 ? -10.122 1.716   -7.982  1.00 11.96 ? 142 LEU A CD1 1 
ATOM   1101 C CD2 . LEU A 1 142 ? -9.740  3.843   -9.230  1.00 13.40 ? 142 LEU A CD2 1 
ATOM   1102 N N   . SER A 1 143 ? -6.706  6.044   -6.262  1.00 18.29 ? 143 SER A N   1 
ATOM   1103 C CA  . SER A 1 143 ? -6.225  6.788   -5.109  1.00 12.37 ? 143 SER A CA  1 
ATOM   1104 C C   . SER A 1 143 ? -7.426  7.063   -4.213  1.00 17.89 ? 143 SER A C   1 
ATOM   1105 O O   . SER A 1 143 ? -8.568  7.056   -4.683  1.00 28.10 ? 143 SER A O   1 
ATOM   1106 C CB  . SER A 1 143 ? -5.618  8.105   -5.582  1.00 14.55 ? 143 SER A CB  1 
ATOM   1107 O OG  . SER A 1 143 ? -5.406  9.008   -4.516  1.00 14.63 ? 143 SER A OG  1 
ATOM   1108 N N   . VAL A 1 144 ? -7.180  7.283   -2.924  1.00 20.92 ? 144 VAL A N   1 
ATOM   1109 C CA  . VAL A 1 144 ? -8.252  7.564   -1.968  1.00 13.87 ? 144 VAL A CA  1 
ATOM   1110 C C   . VAL A 1 144 ? -8.545  9.059   -1.913  1.00 19.06 ? 144 VAL A C   1 
ATOM   1111 O O   . VAL A 1 144 ? -9.563  9.484   -1.368  1.00 16.87 ? 144 VAL A O   1 
ATOM   1112 C CB  . VAL A 1 144 ? -7.877  7.112   -0.536  1.00 2.00  ? 144 VAL A CB  1 
ATOM   1113 C CG1 . VAL A 1 144 ? -7.541  5.638   -0.515  1.00 5.89  ? 144 VAL A CG1 1 
ATOM   1114 C CG2 . VAL A 1 144 ? -6.714  7.935   -0.006  1.00 2.22  ? 144 VAL A CG2 1 
ATOM   1115 N N   . ASP A 1 145 ? -7.654  9.844   -2.507  1.00 22.37 ? 145 ASP A N   1 
ATOM   1116 C CA  . ASP A 1 145 ? -7.756  11.299  -2.517  1.00 24.05 ? 145 ASP A CA  1 
ATOM   1117 C C   . ASP A 1 145 ? -9.151  11.858  -2.818  1.00 25.51 ? 145 ASP A C   1 
ATOM   1118 O O   . ASP A 1 145 ? -9.601  12.798  -2.161  1.00 29.33 ? 145 ASP A O   1 
ATOM   1119 C CB  . ASP A 1 145 ? -6.716  11.882  -3.477  1.00 23.55 ? 145 ASP A CB  1 
ATOM   1120 C CG  . ASP A 1 145 ? -6.562  13.375  -3.327  1.00 28.35 ? 145 ASP A CG  1 
ATOM   1121 O OD1 . ASP A 1 145 ? -6.199  13.823  -2.220  1.00 22.36 ? 145 ASP A OD1 1 
ATOM   1122 O OD2 . ASP A 1 145 ? -6.798  14.098  -4.317  1.00 32.25 ? 145 ASP A OD2 1 
ATOM   1123 N N   . PRO A 1 146 ? -9.831  11.328  -3.851  1.00 24.73 ? 146 PRO A N   1 
ATOM   1124 C CA  . PRO A 1 146 ? -11.170 11.808  -4.196  1.00 21.84 ? 146 PRO A CA  1 
ATOM   1125 C C   . PRO A 1 146 ? -12.174 11.759  -3.047  1.00 24.07 ? 146 PRO A C   1 
ATOM   1126 O O   . PRO A 1 146 ? -12.878 12.738  -2.801  1.00 34.56 ? 146 PRO A O   1 
ATOM   1127 C CB  . PRO A 1 146 ? -11.569 10.873  -5.331  1.00 23.20 ? 146 PRO A CB  1 
ATOM   1128 C CG  . PRO A 1 146 ? -10.272 10.679  -6.037  1.00 26.32 ? 146 PRO A CG  1 
ATOM   1129 C CD  . PRO A 1 146 ? -9.339  10.402  -4.886  1.00 26.61 ? 146 PRO A CD  1 
ATOM   1130 N N   . VAL A 1 147 ? -12.266 10.619  -2.366  1.00 20.64 ? 147 VAL A N   1 
ATOM   1131 C CA  . VAL A 1 147 ? -13.203 10.483  -1.253  1.00 14.49 ? 147 VAL A CA  1 
ATOM   1132 C C   . VAL A 1 147 ? -12.761 11.219  0.012   1.00 13.89 ? 147 VAL A C   1 
ATOM   1133 O O   . VAL A 1 147 ? -13.504 11.285  0.994   1.00 13.08 ? 147 VAL A O   1 
ATOM   1134 C CB  . VAL A 1 147 ? -13.528 9.006   -0.945  1.00 15.07 ? 147 VAL A CB  1 
ATOM   1135 C CG1 . VAL A 1 147 ? -14.312 8.400   -2.107  1.00 16.60 ? 147 VAL A CG1 1 
ATOM   1136 C CG2 . VAL A 1 147 ? -12.258 8.215   -0.700  1.00 19.31 ? 147 VAL A CG2 1 
ATOM   1137 N N   . GLN A 1 148 ? -11.562 11.794  -0.038  1.00 13.89 ? 148 GLN A N   1 
ATOM   1138 C CA  . GLN A 1 148 ? -10.991 12.555  1.069   1.00 12.10 ? 148 GLN A CA  1 
ATOM   1139 C C   . GLN A 1 148 ? -10.938 11.835  2.414   1.00 12.07 ? 148 GLN A C   1 
ATOM   1140 O O   . GLN A 1 148 ? -11.012 12.472  3.468   1.00 11.56 ? 148 GLN A O   1 
ATOM   1141 C CB  . GLN A 1 148 ? -11.723 13.888  1.222   1.00 18.84 ? 148 GLN A CB  1 
ATOM   1142 C CG  . GLN A 1 148 ? -11.519 14.848  0.064   1.00 20.60 ? 148 GLN A CG  1 
ATOM   1143 C CD  . GLN A 1 148 ? -11.129 16.233  0.536   1.00 31.14 ? 148 GLN A CD  1 
ATOM   1144 O OE1 . GLN A 1 148 ? -11.883 16.897  1.252   1.00 40.38 ? 148 GLN A OE1 1 
ATOM   1145 N NE2 . GLN A 1 148 ? -9.938  16.675  0.147   1.00 46.87 ? 148 GLN A NE2 1 
ATOM   1146 N N   . VAL A 1 149 ? -10.757 10.519  2.375   1.00 11.93 ? 149 VAL A N   1 
ATOM   1147 C CA  . VAL A 1 149 ? -10.677 9.704   3.584   1.00 11.34 ? 149 VAL A CA  1 
ATOM   1148 C C   . VAL A 1 149 ? -9.801  8.471   3.292   1.00 16.45 ? 149 VAL A C   1 
ATOM   1149 O O   . VAL A 1 149 ? -9.715  8.021   2.149   1.00 17.25 ? 149 VAL A O   1 
ATOM   1150 C CB  . VAL A 1 149 ? -12.102 9.291   4.080   1.00 7.36  ? 149 VAL A CB  1 
ATOM   1151 C CG1 . VAL A 1 149 ? -12.763 8.329   3.099   1.00 5.62  ? 149 VAL A CG1 1 
ATOM   1152 C CG2 . VAL A 1 149 ? -12.036 8.680   5.472   1.00 12.90 ? 149 VAL A CG2 1 
ATOM   1153 N N   . TYR A 1 150 ? -9.136  7.947   4.319   1.00 21.32 ? 150 TYR A N   1 
ATOM   1154 C CA  . TYR A 1 150 ? -8.246  6.789   4.177   1.00 11.33 ? 150 TYR A CA  1 
ATOM   1155 C C   . TYR A 1 150 ? -8.877  5.470   4.607   1.00 6.33  ? 150 TYR A C   1 
ATOM   1156 O O   . TYR A 1 150 ? -9.935  5.448   5.232   1.00 14.86 ? 150 TYR A O   1 
ATOM   1157 C CB  . TYR A 1 150 ? -6.963  7.017   4.991   1.00 10.65 ? 150 TYR A CB  1 
ATOM   1158 C CG  . TYR A 1 150 ? -6.079  8.138   4.485   1.00 2.00  ? 150 TYR A CG  1 
ATOM   1159 C CD1 . TYR A 1 150 ? -5.248  7.946   3.390   1.00 3.56  ? 150 TYR A CD1 1 
ATOM   1160 C CD2 . TYR A 1 150 ? -6.063  9.385   5.108   1.00 4.42  ? 150 TYR A CD2 1 
ATOM   1161 C CE1 . TYR A 1 150 ? -4.421  8.958   2.921   1.00 4.22  ? 150 TYR A CE1 1 
ATOM   1162 C CE2 . TYR A 1 150 ? -5.230  10.412  4.648   1.00 5.03  ? 150 TYR A CE2 1 
ATOM   1163 C CZ  . TYR A 1 150 ? -4.410  10.181  3.553   1.00 5.38  ? 150 TYR A CZ  1 
ATOM   1164 O OH  . TYR A 1 150 ? -3.544  11.148  3.110   1.00 6.89  ? 150 TYR A OH  1 
ATOM   1165 N N   . LYS A 1 151 ? -8.241  4.362   4.239   1.00 7.70  ? 151 LYS A N   1 
ATOM   1166 C CA  . LYS A 1 151 ? -8.726  3.036   4.623   1.00 3.69  ? 151 LYS A CA  1 
ATOM   1167 C C   . LYS A 1 151 ? -8.543  2.927   6.133   1.00 7.68  ? 151 LYS A C   1 
ATOM   1168 O O   . LYS A 1 151 ? -7.759  3.670   6.720   1.00 2.70  ? 151 LYS A O   1 
ATOM   1169 C CB  . LYS A 1 151 ? -7.896  1.941   3.956   1.00 13.22 ? 151 LYS A CB  1 
ATOM   1170 C CG  . LYS A 1 151 ? -7.724  2.070   2.459   1.00 12.68 ? 151 LYS A CG  1 
ATOM   1171 C CD  . LYS A 1 151 ? -6.782  0.998   1.976   1.00 12.30 ? 151 LYS A CD  1 
ATOM   1172 C CE  . LYS A 1 151 ? -6.417  1.180   0.533   1.00 15.02 ? 151 LYS A CE  1 
ATOM   1173 N NZ  . LYS A 1 151 ? -5.383  0.190   0.145   1.00 17.82 ? 151 LYS A NZ  1 
ATOM   1174 N N   . PRO A 1 152 ? -9.264  2.002   6.789   1.00 8.70  ? 152 PRO A N   1 
ATOM   1175 C CA  . PRO A 1 152 ? -10.234 1.048   6.255   1.00 18.80 ? 152 PRO A CA  1 
ATOM   1176 C C   . PRO A 1 152 ? -11.665 1.595   6.127   1.00 23.36 ? 152 PRO A C   1 
ATOM   1177 O O   . PRO A 1 152 ? -12.625 0.858   6.334   1.00 24.04 ? 152 PRO A O   1 
ATOM   1178 C CB  . PRO A 1 152 ? -10.170 -0.076  7.282   1.00 13.48 ? 152 PRO A CB  1 
ATOM   1179 C CG  . PRO A 1 152 ? -10.063 0.682   8.545   1.00 4.28  ? 152 PRO A CG  1 
ATOM   1180 C CD  . PRO A 1 152 ? -9.035  1.748   8.224   1.00 6.26  ? 152 PRO A CD  1 
ATOM   1181 N N   . ASP A 1 153 ? -11.808 2.885   5.833   1.00 26.62 ? 153 ASP A N   1 
ATOM   1182 C CA  . ASP A 1 153 ? -13.134 3.485   5.667   1.00 28.02 ? 153 ASP A CA  1 
ATOM   1183 C C   . ASP A 1 153 ? -13.760 2.876   4.402   1.00 28.38 ? 153 ASP A C   1 
ATOM   1184 O O   . ASP A 1 153 ? -13.097 2.767   3.366   1.00 31.18 ? 153 ASP A O   1 
ATOM   1185 C CB  . ASP A 1 153 ? -13.008 5.008   5.534   1.00 30.46 ? 153 ASP A CB  1 
ATOM   1186 C CG  . ASP A 1 153 ? -14.352 5.718   5.586   1.00 31.13 ? 153 ASP A CG  1 
ATOM   1187 O OD1 . ASP A 1 153 ? -14.894 5.900   6.694   1.00 29.06 ? 153 ASP A OD1 1 
ATOM   1188 O OD2 . ASP A 1 153 ? -14.857 6.108   4.518   1.00 25.95 ? 153 ASP A OD2 1 
ATOM   1189 N N   . ASN A 1 154 ? -15.023 2.466   4.499   1.00 28.44 ? 154 ASN A N   1 
ATOM   1190 C CA  . ASN A 1 154 ? -15.730 1.836   3.381   1.00 20.65 ? 154 ASN A CA  1 
ATOM   1191 C C   . ASN A 1 154 ? -15.899 2.692   2.133   1.00 18.08 ? 154 ASN A C   1 
ATOM   1192 O O   . ASN A 1 154 ? -16.091 2.165   1.037   1.00 11.90 ? 154 ASN A O   1 
ATOM   1193 C CB  . ASN A 1 154 ? -17.086 1.291   3.834   1.00 27.26 ? 154 ASN A CB  1 
ATOM   1194 C CG  . ASN A 1 154 ? -16.976 -0.065  4.531   1.00 43.76 ? 154 ASN A CG  1 
ATOM   1195 O OD1 . ASN A 1 154 ? -17.857 -0.920  4.395   1.00 50.71 ? 154 ASN A OD1 1 
ATOM   1196 N ND2 . ASN A 1 154 ? -15.897 -0.269  5.277   1.00 45.20 ? 154 ASN A ND2 1 
ATOM   1197 N N   . ARG A 1 155 ? -15.842 4.009   2.289   1.00 14.46 ? 155 ARG A N   1 
ATOM   1198 C CA  . ARG A 1 155 ? -15.974 4.895   1.140   1.00 16.69 ? 155 ARG A CA  1 
ATOM   1199 C C   . ARG A 1 155 ? -14.811 4.677   0.173   1.00 20.50 ? 155 ARG A C   1 
ATOM   1200 O O   . ARG A 1 155 ? -14.883 5.059   -0.998  1.00 27.60 ? 155 ARG A O   1 
ATOM   1201 C CB  . ARG A 1 155 ? -16.022 6.363   1.582   1.00 19.82 ? 155 ARG A CB  1 
ATOM   1202 C CG  . ARG A 1 155 ? -17.281 6.736   2.355   1.00 22.72 ? 155 ARG A CG  1 
ATOM   1203 C CD  . ARG A 1 155 ? -17.524 8.243   2.345   1.00 27.10 ? 155 ARG A CD  1 
ATOM   1204 N NE  . ARG A 1 155 ? -16.613 8.998   3.205   1.00 29.19 ? 155 ARG A NE  1 
ATOM   1205 C CZ  . ARG A 1 155 ? -16.642 8.963   4.535   1.00 33.20 ? 155 ARG A CZ  1 
ATOM   1206 N NH1 . ARG A 1 155 ? -17.529 8.200   5.161   1.00 43.85 ? 155 ARG A NH1 1 
ATOM   1207 N NH2 . ARG A 1 155 ? -15.821 9.729   5.241   1.00 28.75 ? 155 ARG A NH2 1 
ATOM   1208 N N   . VAL A 1 156 ? -13.729 4.095   0.687   1.00 24.39 ? 156 VAL A N   1 
ATOM   1209 C CA  . VAL A 1 156 ? -12.535 3.808   -0.105  1.00 20.91 ? 156 VAL A CA  1 
ATOM   1210 C C   . VAL A 1 156 ? -12.728 2.524   -0.916  1.00 16.55 ? 156 VAL A C   1 
ATOM   1211 O O   . VAL A 1 156 ? -12.411 2.476   -2.107  1.00 12.12 ? 156 VAL A O   1 
ATOM   1212 C CB  . VAL A 1 156 ? -11.276 3.670   0.799   1.00 20.98 ? 156 VAL A CB  1 
ATOM   1213 C CG1 . VAL A 1 156 ? -10.060 3.307   -0.038  1.00 25.03 ? 156 VAL A CG1 1 
ATOM   1214 C CG2 . VAL A 1 156 ? -11.017 4.970   1.552   1.00 9.11  ? 156 VAL A CG2 1 
ATOM   1215 N N   . TYR A 1 157 ? -13.240 1.489   -0.258  1.00 12.67 ? 157 TYR A N   1 
ATOM   1216 C CA  . TYR A 1 157 ? -13.475 0.204   -0.901  1.00 20.44 ? 157 TYR A CA  1 
ATOM   1217 C C   . TYR A 1 157 ? -14.508 0.262   -2.025  1.00 27.37 ? 157 TYR A C   1 
ATOM   1218 O O   . TYR A 1 157 ? -14.504 -0.586  -2.919  1.00 33.84 ? 157 TYR A O   1 
ATOM   1219 C CB  . TYR A 1 157 ? -13.901 -0.839  0.137   1.00 19.09 ? 157 TYR A CB  1 
ATOM   1220 C CG  . TYR A 1 157 ? -12.880 -1.081  1.222   1.00 17.28 ? 157 TYR A CG  1 
ATOM   1221 C CD1 . TYR A 1 157 ? -11.515 -1.167  0.922   1.00 20.50 ? 157 TYR A CD1 1 
ATOM   1222 C CD2 . TYR A 1 157 ? -13.271 -1.196  2.553   1.00 20.87 ? 157 TYR A CD2 1 
ATOM   1223 C CE1 . TYR A 1 157 ? -10.567 -1.355  1.925   1.00 11.60 ? 157 TYR A CE1 1 
ATOM   1224 C CE2 . TYR A 1 157 ? -12.329 -1.386  3.565   1.00 27.94 ? 157 TYR A CE2 1 
ATOM   1225 C CZ  . TYR A 1 157 ? -10.980 -1.461  3.244   1.00 17.89 ? 157 TYR A CZ  1 
ATOM   1226 O OH  . TYR A 1 157 ? -10.052 -1.608  4.243   1.00 20.33 ? 157 TYR A OH  1 
ATOM   1227 N N   . GLU A 1 158 ? -15.425 1.221   -1.948  1.00 29.99 ? 158 GLU A N   1 
ATOM   1228 C CA  . GLU A 1 158 ? -16.455 1.368   -2.967  1.00 27.14 ? 158 GLU A CA  1 
ATOM   1229 C C   . GLU A 1 158 ? -15.852 1.829   -4.285  1.00 21.56 ? 158 GLU A C   1 
ATOM   1230 O O   . GLU A 1 158 ? -16.236 1.343   -5.348  1.00 21.04 ? 158 GLU A O   1 
ATOM   1231 C CB  . GLU A 1 158 ? -17.533 2.351   -2.504  1.00 34.06 ? 158 GLU A CB  1 
ATOM   1232 C CG  . GLU A 1 158 ? -18.954 1.798   -2.573  1.00 53.70 ? 158 GLU A CG  1 
ATOM   1233 C CD  . GLU A 1 158 ? -19.464 1.615   -3.999  1.00 64.72 ? 158 GLU A CD  1 
ATOM   1234 O OE1 . GLU A 1 158 ? -18.932 0.751   -4.729  1.00 71.63 ? 158 GLU A OE1 1 
ATOM   1235 O OE2 . GLU A 1 158 ? -20.413 2.331   -4.389  1.00 72.12 ? 158 GLU A OE2 1 
ATOM   1236 N N   . LEU A 1 159 ? -14.923 2.777   -4.208  1.00 20.55 ? 159 LEU A N   1 
ATOM   1237 C CA  . LEU A 1 159 ? -14.247 3.304   -5.390  1.00 18.86 ? 159 LEU A CA  1 
ATOM   1238 C C   . LEU A 1 159 ? -13.756 2.173   -6.281  1.00 23.10 ? 159 LEU A C   1 
ATOM   1239 O O   . LEU A 1 159 ? -13.809 2.276   -7.501  1.00 34.95 ? 159 LEU A O   1 
ATOM   1240 C CB  . LEU A 1 159 ? -13.034 4.138   -4.985  1.00 20.62 ? 159 LEU A CB  1 
ATOM   1241 C CG  . LEU A 1 159 ? -13.188 5.550   -4.431  1.00 31.25 ? 159 LEU A CG  1 
ATOM   1242 C CD1 . LEU A 1 159 ? -11.868 6.004   -3.826  1.00 34.66 ? 159 LEU A CD1 1 
ATOM   1243 C CD2 . LEU A 1 159 ? -13.615 6.491   -5.546  1.00 42.38 ? 159 LEU A CD2 1 
ATOM   1244 N N   . ALA A 1 160 ? -13.216 1.129   -5.658  1.00 24.55 ? 160 ALA A N   1 
ATOM   1245 C CA  . ALA A 1 160 ? -12.692 -0.024  -6.382  1.00 22.31 ? 160 ALA A CA  1 
ATOM   1246 C C   . ALA A 1 160 ? -13.797 -0.794  -7.078  1.00 21.56 ? 160 ALA A C   1 
ATOM   1247 O O   . ALA A 1 160 ? -13.582 -1.365  -8.148  1.00 28.97 ? 160 ALA A O   1 
ATOM   1248 C CB  . ALA A 1 160 ? -11.929 -0.942  -5.434  1.00 25.19 ? 160 ALA A CB  1 
ATOM   1249 N N   . GLU A 1 161 ? -14.963 -0.837  -6.441  1.00 22.49 ? 161 GLU A N   1 
ATOM   1250 C CA  . GLU A 1 161 ? -16.130 -1.540  -6.969  1.00 24.00 ? 161 GLU A CA  1 
ATOM   1251 C C   . GLU A 1 161 ? -16.766 -0.744  -8.113  1.00 29.23 ? 161 GLU A C   1 
ATOM   1252 O O   . GLU A 1 161 ? -17.377 -1.314  -9.018  1.00 31.28 ? 161 GLU A O   1 
ATOM   1253 C CB  . GLU A 1 161 ? -17.137 -1.751  -5.836  1.00 19.58 ? 161 GLU A CB  1 
ATOM   1254 C CG  . GLU A 1 161 ? -18.325 -2.634  -6.164  1.00 10.99 ? 161 GLU A CG  1 
ATOM   1255 C CD  . GLU A 1 161 ? -19.199 -2.890  -4.950  1.00 9.51  ? 161 GLU A CD  1 
ATOM   1256 O OE1 . GLU A 1 161 ? -19.469 -1.936  -4.191  1.00 12.56 ? 161 GLU A OE1 1 
ATOM   1257 O OE2 . GLU A 1 161 ? -19.613 -4.047  -4.743  1.00 10.23 ? 161 GLU A OE2 1 
ATOM   1258 N N   . GLN A 1 162 ? -16.602 0.574   -8.070  1.00 30.94 ? 162 GLN A N   1 
ATOM   1259 C CA  . GLN A 1 162 ? -17.153 1.460   -9.086  1.00 31.70 ? 162 GLN A CA  1 
ATOM   1260 C C   . GLN A 1 162 ? -16.251 1.644   -10.302 1.00 31.50 ? 162 GLN A C   1 
ATOM   1261 O O   . GLN A 1 162 ? -16.741 1.792   -11.427 1.00 34.28 ? 162 GLN A O   1 
ATOM   1262 C CB  . GLN A 1 162 ? -17.469 2.826   -8.477  1.00 33.55 ? 162 GLN A CB  1 
ATOM   1263 C CG  . GLN A 1 162 ? -18.562 2.801   -7.425  1.00 48.77 ? 162 GLN A CG  1 
ATOM   1264 C CD  . GLN A 1 162 ? -18.940 4.191   -6.940  1.00 63.23 ? 162 GLN A CD  1 
ATOM   1265 O OE1 . GLN A 1 162 ? -18.164 5.143   -7.059  1.00 71.69 ? 162 GLN A OE1 1 
ATOM   1266 N NE2 . GLN A 1 162 ? -20.146 4.317   -6.393  1.00 72.97 ? 162 GLN A NE2 1 
ATOM   1267 N N   . ALA A 1 163 ? -14.941 1.691   -10.073 1.00 30.00 ? 163 ALA A N   1 
ATOM   1268 C CA  . ALA A 1 163 ? -13.974 1.867   -11.156 1.00 25.16 ? 163 ALA A CA  1 
ATOM   1269 C C   . ALA A 1 163 ? -13.797 0.604   -11.995 1.00 22.74 ? 163 ALA A C   1 
ATOM   1270 O O   . ALA A 1 163 ? -13.519 0.680   -13.195 1.00 27.99 ? 163 ALA A O   1 
ATOM   1271 C CB  . ALA A 1 163 ? -12.637 2.321   -10.598 1.00 22.62 ? 163 ALA A CB  1 
ATOM   1272 N N   . LEU A 1 164 ? -13.916 -0.555  -11.354 1.00 19.00 ? 164 LEU A N   1 
ATOM   1273 C CA  . LEU A 1 164 ? -13.780 -1.834  -12.039 1.00 21.41 ? 164 LEU A CA  1 
ATOM   1274 C C   . LEU A 1 164 ? -15.075 -2.269  -12.720 1.00 25.26 ? 164 LEU A C   1 
ATOM   1275 O O   . LEU A 1 164 ? -15.060 -3.131  -13.603 1.00 30.20 ? 164 LEU A O   1 
ATOM   1276 C CB  . LEU A 1 164 ? -13.335 -2.922  -11.056 1.00 24.38 ? 164 LEU A CB  1 
ATOM   1277 C CG  . LEU A 1 164 ? -11.906 -2.857  -10.521 1.00 14.70 ? 164 LEU A CG  1 
ATOM   1278 C CD1 . LEU A 1 164 ? -11.702 -3.931  -9.472  1.00 21.63 ? 164 LEU A CD1 1 
ATOM   1279 C CD2 . LEU A 1 164 ? -10.930 -3.040  -11.662 1.00 10.64 ? 164 LEU A CD2 1 
ATOM   1280 N N   . GLY A 1 165 ? -16.193 -1.686  -12.290 1.00 23.70 ? 165 GLY A N   1 
ATOM   1281 C CA  . GLY A 1 165 ? -17.477 -2.032  -12.866 1.00 10.01 ? 165 GLY A CA  1 
ATOM   1282 C C   . GLY A 1 165 ? -17.819 -3.479  -12.601 1.00 9.14  ? 165 GLY A C   1 
ATOM   1283 O O   . GLY A 1 165 ? -18.321 -4.190  -13.477 1.00 16.61 ? 165 GLY A O   1 
ATOM   1284 N N   . LEU A 1 166 ? -17.541 -3.916  -11.383 1.00 5.24  ? 166 LEU A N   1 
ATOM   1285 C CA  . LEU A 1 166 ? -17.802 -5.290  -10.971 1.00 13.56 ? 166 LEU A CA  1 
ATOM   1286 C C   . LEU A 1 166 ? -18.313 -5.271  -9.543  1.00 14.41 ? 166 LEU A C   1 
ATOM   1287 O O   . LEU A 1 166 ? -18.077 -4.317  -8.800  1.00 20.50 ? 166 LEU A O   1 
ATOM   1288 C CB  . LEU A 1 166 ? -16.507 -6.117  -11.017 1.00 19.44 ? 166 LEU A CB  1 
ATOM   1289 C CG  . LEU A 1 166 ? -15.840 -6.476  -12.346 1.00 15.97 ? 166 LEU A CG  1 
ATOM   1290 C CD1 . LEU A 1 166 ? -14.386 -6.842  -12.119 1.00 17.40 ? 166 LEU A CD1 1 
ATOM   1291 C CD2 . LEU A 1 166 ? -16.584 -7.631  -12.986 1.00 18.26 ? 166 LEU A CD2 1 
ATOM   1292 N N   . ASP A 1 167 ? -19.029 -6.313  -9.155  1.00 10.33 ? 167 ASP A N   1 
ATOM   1293 C CA  . ASP A 1 167 ? -19.519 -6.372  -7.795  1.00 13.55 ? 167 ASP A CA  1 
ATOM   1294 C C   . ASP A 1 167 ? -18.350 -6.805  -6.907  1.00 23.30 ? 167 ASP A C   1 
ATOM   1295 O O   . ASP A 1 167 ? -17.444 -7.514  -7.362  1.00 21.62 ? 167 ASP A O   1 
ATOM   1296 C CB  . ASP A 1 167 ? -20.665 -7.368  -7.677  1.00 11.73 ? 167 ASP A CB  1 
ATOM   1297 C CG  . ASP A 1 167 ? -21.377 -7.260  -6.359  1.00 21.44 ? 167 ASP A CG  1 
ATOM   1298 O OD1 . ASP A 1 167 ? -21.692 -6.116  -5.958  1.00 25.38 ? 167 ASP A OD1 1 
ATOM   1299 O OD2 . ASP A 1 167 ? -21.605 -8.307  -5.719  1.00 24.89 ? 167 ASP A OD2 1 
ATOM   1300 N N   . ARG A 1 168 ? -18.368 -6.379  -5.648  1.00 24.91 ? 168 ARG A N   1 
ATOM   1301 C CA  . ARG A 1 168 ? -17.305 -6.720  -4.710  1.00 17.95 ? 168 ARG A CA  1 
ATOM   1302 C C   . ARG A 1 168 ? -17.064 -8.225  -4.611  1.00 23.77 ? 168 ARG A C   1 
ATOM   1303 O O   . ARG A 1 168 ? -15.972 -8.658  -4.258  1.00 26.52 ? 168 ARG A O   1 
ATOM   1304 C CB  . ARG A 1 168 ? -17.603 -6.131  -3.328  1.00 10.21 ? 168 ARG A CB  1 
ATOM   1305 C CG  . ARG A 1 168 ? -18.848 -6.676  -2.665  1.00 6.89  ? 168 ARG A CG  1 
ATOM   1306 C CD  . ARG A 1 168 ? -19.263 -5.813  -1.490  1.00 2.76  ? 168 ARG A CD  1 
ATOM   1307 N NE  . ARG A 1 168 ? -19.670 -4.468  -1.905  1.00 10.06 ? 168 ARG A NE  1 
ATOM   1308 C CZ  . ARG A 1 168 ? -20.297 -3.594  -1.115  1.00 10.39 ? 168 ARG A CZ  1 
ATOM   1309 N NH1 . ARG A 1 168 ? -20.600 -3.913  0.134   1.00 2.00  ? 168 ARG A NH1 1 
ATOM   1310 N NH2 . ARG A 1 168 ? -20.599 -2.382  -1.566  1.00 2.29  ? 168 ARG A NH2 1 
ATOM   1311 N N   . SER A 1 169 ? -18.086 -9.012  -4.924  1.00 25.61 ? 169 SER A N   1 
ATOM   1312 C CA  . SER A 1 169 ? -17.978 -10.467 -4.874  1.00 23.79 ? 169 SER A CA  1 
ATOM   1313 C C   . SER A 1 169 ? -17.152 -11.047 -6.027  1.00 24.87 ? 169 SER A C   1 
ATOM   1314 O O   . SER A 1 169 ? -16.741 -12.217 -5.989  1.00 23.27 ? 169 SER A O   1 
ATOM   1315 C CB  . SER A 1 169 ? -19.374 -11.094 -4.858  1.00 26.21 ? 169 SER A CB  1 
ATOM   1316 O OG  . SER A 1 169 ? -20.181 -10.592 -5.910  1.00 28.13 ? 169 SER A OG  1 
ATOM   1317 N N   . ALA A 1 170 ? -16.948 -10.240 -7.063  1.00 20.89 ? 170 ALA A N   1 
ATOM   1318 C CA  . ALA A 1 170 ? -16.172 -10.649 -8.223  1.00 18.01 ? 170 ALA A CA  1 
ATOM   1319 C C   . ALA A 1 170 ? -14.814 -9.944  -8.204  1.00 18.13 ? 170 ALA A C   1 
ATOM   1320 O O   . ALA A 1 170 ? -14.089 -9.939  -9.199  1.00 22.61 ? 170 ALA A O   1 
ATOM   1321 C CB  . ALA A 1 170 ? -16.933 -10.315 -9.506  1.00 13.55 ? 170 ALA A CB  1 
ATOM   1322 N N   . ILE A 1 171 ? -14.488 -9.322  -7.076  1.00 19.05 ? 171 ILE A N   1 
ATOM   1323 C CA  . ILE A 1 171 ? -13.222 -8.617  -6.923  1.00 20.91 ? 171 ILE A CA  1 
ATOM   1324 C C   . ILE A 1 171 ? -12.386 -9.204  -5.791  1.00 18.42 ? 171 ILE A C   1 
ATOM   1325 O O   . ILE A 1 171 ? -12.768 -9.138  -4.628  1.00 18.69 ? 171 ILE A O   1 
ATOM   1326 C CB  . ILE A 1 171 ? -13.435 -7.115  -6.635  1.00 17.45 ? 171 ILE A CB  1 
ATOM   1327 C CG1 . ILE A 1 171 ? -14.111 -6.437  -7.823  1.00 11.23 ? 171 ILE A CG1 1 
ATOM   1328 C CG2 . ILE A 1 171 ? -12.098 -6.437  -6.346  1.00 19.70 ? 171 ILE A CG2 1 
ATOM   1329 C CD1 . ILE A 1 171 ? -14.359 -4.968  -7.609  1.00 6.39  ? 171 ILE A CD1 1 
ATOM   1330 N N   . LEU A 1 172 ? -11.233 -9.764  -6.136  1.00 24.65 ? 172 LEU A N   1 
ATOM   1331 C CA  . LEU A 1 172 ? -10.332 -10.345 -5.146  1.00 14.60 ? 172 LEU A CA  1 
ATOM   1332 C C   . LEU A 1 172 ? -9.528  -9.216  -4.524  1.00 9.19  ? 172 LEU A C   1 
ATOM   1333 O O   . LEU A 1 172 ? -8.946  -8.406  -5.246  1.00 10.39 ? 172 LEU A O   1 
ATOM   1334 C CB  . LEU A 1 172 ? -9.379  -11.332 -5.829  1.00 14.54 ? 172 LEU A CB  1 
ATOM   1335 C CG  . LEU A 1 172 ? -8.413  -12.140 -4.963  1.00 12.56 ? 172 LEU A CG  1 
ATOM   1336 C CD1 . LEU A 1 172 ? -9.193  -13.039 -4.025  1.00 12.19 ? 172 LEU A CD1 1 
ATOM   1337 C CD2 . LEU A 1 172 ? -7.514  -12.975 -5.851  1.00 13.89 ? 172 LEU A CD2 1 
ATOM   1338 N N   . PHE A 1 173 ? -9.538  -9.115  -3.201  1.00 14.41 ? 173 PHE A N   1 
ATOM   1339 C CA  . PHE A 1 173 ? -8.764  -8.069  -2.537  1.00 14.84 ? 173 PHE A CA  1 
ATOM   1340 C C   . PHE A 1 173 ? -7.452  -8.657  -2.005  1.00 16.18 ? 173 PHE A C   1 
ATOM   1341 O O   . PHE A 1 173 ? -7.452  -9.526  -1.127  1.00 10.84 ? 173 PHE A O   1 
ATOM   1342 C CB  . PHE A 1 173 ? -9.558  -7.407  -1.409  1.00 9.00  ? 173 PHE A CB  1 
ATOM   1343 C CG  . PHE A 1 173 ? -8.878  -6.205  -0.834  1.00 9.71  ? 173 PHE A CG  1 
ATOM   1344 C CD1 . PHE A 1 173 ? -8.893  -4.993  -1.516  1.00 10.44 ? 173 PHE A CD1 1 
ATOM   1345 C CD2 . PHE A 1 173 ? -8.156  -6.299  0.353   1.00 13.38 ? 173 PHE A CD2 1 
ATOM   1346 C CE1 . PHE A 1 173 ? -8.195  -3.888  -1.033  1.00 8.46  ? 173 PHE A CE1 1 
ATOM   1347 C CE2 . PHE A 1 173 ? -7.455  -5.205  0.846   1.00 9.64  ? 173 PHE A CE2 1 
ATOM   1348 C CZ  . PHE A 1 173 ? -7.474  -3.994  0.147   1.00 10.36 ? 173 PHE A CZ  1 
ATOM   1349 N N   . VAL A 1 174 ? -6.341  -8.191  -2.567  1.00 14.07 ? 174 VAL A N   1 
ATOM   1350 C CA  . VAL A 1 174 ? -5.016  -8.671  -2.191  1.00 14.61 ? 174 VAL A CA  1 
ATOM   1351 C C   . VAL A 1 174 ? -4.289  -7.639  -1.347  1.00 12.38 ? 174 VAL A C   1 
ATOM   1352 O O   . VAL A 1 174 ? -4.115  -6.499  -1.773  1.00 15.27 ? 174 VAL A O   1 
ATOM   1353 C CB  . VAL A 1 174 ? -4.167  -9.013  -3.460  1.00 15.49 ? 174 VAL A CB  1 
ATOM   1354 C CG1 . VAL A 1 174 ? -2.742  -9.390  -3.076  1.00 18.11 ? 174 VAL A CG1 1 
ATOM   1355 C CG2 . VAL A 1 174 ? -4.810  -10.160 -4.234  1.00 2.00  ? 174 VAL A CG2 1 
ATOM   1356 N N   . SER A 1 175 ? -3.842  -8.046  -0.161  1.00 18.29 ? 175 SER A N   1 
ATOM   1357 C CA  . SER A 1 175 ? -3.132  -7.132  0.725   1.00 19.72 ? 175 SER A CA  1 
ATOM   1358 C C   . SER A 1 175 ? -2.189  -7.831  1.694   1.00 21.32 ? 175 SER A C   1 
ATOM   1359 O O   . SER A 1 175 ? -2.458  -8.950  2.136   1.00 15.20 ? 175 SER A O   1 
ATOM   1360 C CB  . SER A 1 175 ? -4.135  -6.299  1.520   1.00 21.57 ? 175 SER A CB  1 
ATOM   1361 O OG  . SER A 1 175 ? -3.496  -5.243  2.219   1.00 28.84 ? 175 SER A OG  1 
ATOM   1362 N N   . SER A 1 176 ? -1.072  -7.168  1.992   1.00 25.92 ? 176 SER A N   1 
ATOM   1363 C CA  . SER A 1 176 ? -0.077  -7.672  2.941   1.00 25.90 ? 176 SER A CA  1 
ATOM   1364 C C   . SER A 1 176 ? -0.437  -7.185  4.339   1.00 22.47 ? 176 SER A C   1 
ATOM   1365 O O   . SER A 1 176 ? -0.154  -7.855  5.328   1.00 30.71 ? 176 SER A O   1 
ATOM   1366 C CB  . SER A 1 176 ? 1.327   -7.180  2.578   1.00 22.42 ? 176 SER A CB  1 
ATOM   1367 O OG  . SER A 1 176 ? 1.860   -7.899  1.477   1.00 42.80 ? 176 SER A OG  1 
ATOM   1368 N N   . ASN A 1 177 ? -1.028  -5.992  4.411   1.00 27.01 ? 177 ASN A N   1 
ATOM   1369 C CA  . ASN A 1 177 ? -1.452  -5.392  5.677   1.00 19.36 ? 177 ASN A CA  1 
ATOM   1370 C C   . ASN A 1 177 ? -2.749  -6.036  6.168   1.00 17.80 ? 177 ASN A C   1 
ATOM   1371 O O   . ASN A 1 177 ? -3.823  -5.829  5.600   1.00 20.55 ? 177 ASN A O   1 
ATOM   1372 C CB  . ASN A 1 177 ? -1.627  -3.878  5.519   1.00 29.02 ? 177 ASN A CB  1 
ATOM   1373 C CG  . ASN A 1 177 ? -0.299  -3.140  5.424   1.00 33.49 ? 177 ASN A CG  1 
ATOM   1374 O OD1 . ASN A 1 177 ? 0.742   -3.736  5.140   1.00 39.30 ? 177 ASN A OD1 1 
ATOM   1375 N ND2 . ASN A 1 177 ? -0.325  -1.836  5.677   1.00 37.23 ? 177 ASN A ND2 1 
ATOM   1376 N N   . ALA A 1 178 ? -2.630  -6.847  7.211   1.00 15.79 ? 178 ALA A N   1 
ATOM   1377 C CA  . ALA A 1 178 ? -3.760  -7.556  7.784   1.00 17.40 ? 178 ALA A CA  1 
ATOM   1378 C C   . ALA A 1 178 ? -4.887  -6.663  8.299   1.00 19.60 ? 178 ALA A C   1 
ATOM   1379 O O   . ALA A 1 178 ? -5.994  -7.145  8.516   1.00 18.07 ? 178 ALA A O   1 
ATOM   1380 C CB  . ALA A 1 178 ? -3.281  -8.488  8.885   1.00 21.10 ? 178 ALA A CB  1 
ATOM   1381 N N   . TRP A 1 179 ? -4.609  -5.384  8.526   1.00 18.87 ? 179 TRP A N   1 
ATOM   1382 C CA  . TRP A 1 179 ? -5.645  -4.475  9.007   1.00 21.74 ? 179 TRP A CA  1 
ATOM   1383 C C   . TRP A 1 179 ? -6.538  -4.009  7.860   1.00 20.02 ? 179 TRP A C   1 
ATOM   1384 O O   . TRP A 1 179 ? -7.683  -3.614  8.077   1.00 17.77 ? 179 TRP A O   1 
ATOM   1385 C CB  . TRP A 1 179 ? -5.045  -3.273  9.757   1.00 16.56 ? 179 TRP A CB  1 
ATOM   1386 C CG  . TRP A 1 179 ? -4.113  -2.398  8.956   1.00 12.85 ? 179 TRP A CG  1 
ATOM   1387 C CD1 . TRP A 1 179 ? -2.753  -2.345  9.059   1.00 14.66 ? 179 TRP A CD1 1 
ATOM   1388 C CD2 . TRP A 1 179 ? -4.476  -1.419  7.972   1.00 19.54 ? 179 TRP A CD2 1 
ATOM   1389 N NE1 . TRP A 1 179 ? -2.246  -1.393  8.208   1.00 20.84 ? 179 TRP A NE1 1 
ATOM   1390 C CE2 . TRP A 1 179 ? -3.283  -0.810  7.528   1.00 20.59 ? 179 TRP A CE2 1 
ATOM   1391 C CE3 . TRP A 1 179 ? -5.694  -0.995  7.425   1.00 18.03 ? 179 TRP A CE3 1 
ATOM   1392 C CZ2 . TRP A 1 179 ? -3.273  0.200   6.562   1.00 23.86 ? 179 TRP A CZ2 1 
ATOM   1393 C CZ3 . TRP A 1 179 ? -5.681  0.010   6.464   1.00 19.97 ? 179 TRP A CZ3 1 
ATOM   1394 C CH2 . TRP A 1 179 ? -4.478  0.595   6.044   1.00 15.66 ? 179 TRP A CH2 1 
ATOM   1395 N N   . ASP A 1 180 ? -5.979  -4.006  6.652   1.00 17.89 ? 180 ASP A N   1 
ATOM   1396 C CA  . ASP A 1 180 ? -6.697  -3.600  5.450   1.00 21.58 ? 180 ASP A CA  1 
ATOM   1397 C C   . ASP A 1 180 ? -7.524  -4.766  4.924   1.00 22.53 ? 180 ASP A C   1 
ATOM   1398 O O   . ASP A 1 180 ? -8.589  -4.573  4.340   1.00 28.10 ? 180 ASP A O   1 
ATOM   1399 C CB  . ASP A 1 180 ? -5.705  -3.155  4.373   1.00 16.75 ? 180 ASP A CB  1 
ATOM   1400 C CG  . ASP A 1 180 ? -6.332  -2.234  3.347   1.00 23.31 ? 180 ASP A CG  1 
ATOM   1401 O OD1 . ASP A 1 180 ? -7.366  -1.607  3.655   1.00 24.33 ? 180 ASP A OD1 1 
ATOM   1402 O OD2 . ASP A 1 180 ? -5.778  -2.112  2.241   1.00 15.71 ? 180 ASP A OD2 1 
ATOM   1403 N N   . ALA A 1 181 ? -6.991  -5.972  5.086   1.00 19.53 ? 181 ALA A N   1 
ATOM   1404 C CA  . ALA A 1 181 ? -7.661  -7.189  4.652   1.00 14.24 ? 181 ALA A CA  1 
ATOM   1405 C C   . ALA A 1 181 ? -8.838  -7.503  5.570   1.00 12.07 ? 181 ALA A C   1 
ATOM   1406 O O   . ALA A 1 181 ? -9.698  -8.310  5.236   1.00 22.58 ? 181 ALA A O   1 
ATOM   1407 C CB  . ALA A 1 181 ? -6.675  -8.350  4.638   1.00 12.15 ? 181 ALA A CB  1 
ATOM   1408 N N   . THR A 1 182 ? -8.835  -6.909  6.755   1.00 22.89 ? 182 THR A N   1 
ATOM   1409 C CA  . THR A 1 182 ? -9.913  -7.104  7.722   1.00 26.70 ? 182 THR A CA  1 
ATOM   1410 C C   . THR A 1 182 ? -11.094 -6.224  7.315   1.00 24.87 ? 182 THR A C   1 
ATOM   1411 O O   . THR A 1 182 ? -12.243 -6.664  7.356   1.00 21.25 ? 182 THR A O   1 
ATOM   1412 C CB  . THR A 1 182 ? -9.458  -6.736  9.162   1.00 25.92 ? 182 THR A CB  1 
ATOM   1413 O OG1 . THR A 1 182 ? -8.545  -7.729  9.649   1.00 21.04 ? 182 THR A OG1 1 
ATOM   1414 C CG2 . THR A 1 182 ? -10.647 -6.640  10.099  1.00 20.13 ? 182 THR A CG2 1 
ATOM   1415 N N   . GLY A 1 183 ? -10.792 -4.980  6.939   1.00 21.39 ? 183 GLY A N   1 
ATOM   1416 C CA  . GLY A 1 183 ? -11.814 -4.041  6.516   1.00 20.66 ? 183 GLY A CA  1 
ATOM   1417 C C   . GLY A 1 183 ? -12.464 -4.453  5.209   1.00 23.41 ? 183 GLY A C   1 
ATOM   1418 O O   . GLY A 1 183 ? -13.683 -4.362  5.056   1.00 25.45 ? 183 GLY A O   1 
ATOM   1419 N N   . ALA A 1 184 ? -11.644 -4.915  4.269   1.00 20.99 ? 184 ALA A N   1 
ATOM   1420 C CA  . ALA A 1 184 ? -12.110 -5.353  2.959   1.00 12.35 ? 184 ALA A CA  1 
ATOM   1421 C C   . ALA A 1 184 ? -13.057 -6.536  3.042   1.00 11.82 ? 184 ALA A C   1 
ATOM   1422 O O   . ALA A 1 184 ? -13.988 -6.647  2.245   1.00 20.75 ? 184 ALA A O   1 
ATOM   1423 C CB  . ALA A 1 184 ? -10.927 -5.715  2.088   1.00 10.77 ? 184 ALA A CB  1 
ATOM   1424 N N   . ARG A 1 185 ? -12.776 -7.437  3.976   1.00 13.75 ? 185 ARG A N   1 
ATOM   1425 C CA  . ARG A 1 185 ? -13.570 -8.644  4.182   1.00 17.13 ? 185 ARG A CA  1 
ATOM   1426 C C   . ARG A 1 185 ? -14.912 -8.276  4.780   1.00 20.34 ? 185 ARG A C   1 
ATOM   1427 O O   . ARG A 1 185 ? -15.916 -8.945  4.536   1.00 24.04 ? 185 ARG A O   1 
ATOM   1428 C CB  . ARG A 1 185 ? -12.830 -9.605  5.114   1.00 15.51 ? 185 ARG A CB  1 
ATOM   1429 C CG  . ARG A 1 185 ? -12.732 -11.042 4.618   1.00 22.16 ? 185 ARG A CG  1 
ATOM   1430 C CD  . ARG A 1 185 ? -14.078 -11.741 4.598   1.00 32.28 ? 185 ARG A CD  1 
ATOM   1431 N NE  . ARG A 1 185 ? -13.936 -13.172 4.341   1.00 43.32 ? 185 ARG A NE  1 
ATOM   1432 C CZ  . ARG A 1 185 ? -14.308 -14.127 5.190   1.00 46.84 ? 185 ARG A CZ  1 
ATOM   1433 N NH1 . ARG A 1 185 ? -14.862 -13.811 6.353   1.00 46.93 ? 185 ARG A NH1 1 
ATOM   1434 N NH2 . ARG A 1 185 ? -14.136 -15.402 4.874   1.00 51.85 ? 185 ARG A NH2 1 
ATOM   1435 N N   . TYR A 1 186 ? -14.904 -7.249  5.623   1.00 21.06 ? 186 TYR A N   1 
ATOM   1436 C CA  . TYR A 1 186 ? -16.119 -6.754  6.244   1.00 16.54 ? 186 TYR A CA  1 
ATOM   1437 C C   . TYR A 1 186 ? -16.972 -6.121  5.147   1.00 20.16 ? 186 TYR A C   1 
ATOM   1438 O O   . TYR A 1 186 ? -18.185 -6.324  5.096   1.00 31.09 ? 186 TYR A O   1 
ATOM   1439 C CB  . TYR A 1 186 ? -15.780 -5.715  7.315   1.00 10.33 ? 186 TYR A CB  1 
ATOM   1440 C CG  . TYR A 1 186 ? -15.554 -6.307  8.684   1.00 7.95  ? 186 TYR A CG  1 
ATOM   1441 C CD1 . TYR A 1 186 ? -16.371 -7.326  9.157   1.00 5.10  ? 186 TYR A CD1 1 
ATOM   1442 C CD2 . TYR A 1 186 ? -14.543 -5.832  9.517   1.00 5.06  ? 186 TYR A CD2 1 
ATOM   1443 C CE1 . TYR A 1 186 ? -16.192 -7.861  10.426  1.00 16.56 ? 186 TYR A CE1 1 
ATOM   1444 C CE2 . TYR A 1 186 ? -14.354 -6.362  10.797  1.00 9.25  ? 186 TYR A CE2 1 
ATOM   1445 C CZ  . TYR A 1 186 ? -15.184 -7.376  11.241  1.00 13.46 ? 186 TYR A CZ  1 
ATOM   1446 O OH  . TYR A 1 186 ? -15.027 -7.915  12.499  1.00 18.71 ? 186 TYR A OH  1 
ATOM   1447 N N   . PHE A 1 187 ? -16.317 -5.363  4.270   1.00 15.96 ? 187 PHE A N   1 
ATOM   1448 C CA  . PHE A 1 187 ? -16.968 -4.692  3.153   1.00 14.84 ? 187 PHE A CA  1 
ATOM   1449 C C   . PHE A 1 187 ? -17.647 -5.732  2.254   1.00 18.07 ? 187 PHE A C   1 
ATOM   1450 O O   . PHE A 1 187 ? -18.753 -5.508  1.755   1.00 19.84 ? 187 PHE A O   1 
ATOM   1451 C CB  . PHE A 1 187 ? -15.932 -3.890  2.367   1.00 17.21 ? 187 PHE A CB  1 
ATOM   1452 C CG  . PHE A 1 187 ? -16.498 -3.126  1.212   1.00 18.79 ? 187 PHE A CG  1 
ATOM   1453 C CD1 . PHE A 1 187 ? -17.181 -1.933  1.418   1.00 26.94 ? 187 PHE A CD1 1 
ATOM   1454 C CD2 . PHE A 1 187 ? -16.327 -3.583  -0.091  1.00 20.85 ? 187 PHE A CD2 1 
ATOM   1455 C CE1 . PHE A 1 187 ? -17.684 -1.199  0.338   1.00 27.73 ? 187 PHE A CE1 1 
ATOM   1456 C CE2 . PHE A 1 187 ? -16.824 -2.861  -1.178  1.00 18.83 ? 187 PHE A CE2 1 
ATOM   1457 C CZ  . PHE A 1 187 ? -17.502 -1.666  -0.963  1.00 19.35 ? 187 PHE A CZ  1 
ATOM   1458 N N   . GLY A 1 188 ? -16.980 -6.863  2.047   1.00 18.32 ? 188 GLY A N   1 
ATOM   1459 C CA  . GLY A 1 188 ? -17.559 -7.913  1.231   1.00 10.66 ? 188 GLY A CA  1 
ATOM   1460 C C   . GLY A 1 188 ? -16.637 -8.598  0.244   1.00 8.68  ? 188 GLY A C   1 
ATOM   1461 O O   . GLY A 1 188 ? -17.032 -9.592  -0.363  1.00 12.82 ? 188 GLY A O   1 
ATOM   1462 N N   . PHE A 1 189 ? -15.428 -8.070  0.058   1.00 12.88 ? 189 PHE A N   1 
ATOM   1463 C CA  . PHE A 1 189 ? -14.461 -8.653  -0.879  1.00 15.41 ? 189 PHE A CA  1 
ATOM   1464 C C   . PHE A 1 189 ? -13.879 -10.009 -0.473  1.00 19.03 ? 189 PHE A C   1 
ATOM   1465 O O   . PHE A 1 189 ? -13.765 -10.319 0.717   1.00 19.85 ? 189 PHE A O   1 
ATOM   1466 C CB  . PHE A 1 189 ? -13.244 -7.741  -1.036  1.00 9.40  ? 189 PHE A CB  1 
ATOM   1467 C CG  . PHE A 1 189 ? -13.509 -6.458  -1.745  1.00 13.52 ? 189 PHE A CG  1 
ATOM   1468 C CD1 . PHE A 1 189 ? -13.928 -6.447  -3.066  1.00 13.07 ? 189 PHE A CD1 1 
ATOM   1469 C CD2 . PHE A 1 189 ? -13.260 -5.250  -1.112  1.00 8.91  ? 189 PHE A CD2 1 
ATOM   1470 C CE1 . PHE A 1 189 ? -14.090 -5.245  -3.750  1.00 19.77 ? 189 PHE A CE1 1 
ATOM   1471 C CE2 . PHE A 1 189 ? -13.418 -4.044  -1.788  1.00 22.74 ? 189 PHE A CE2 1 
ATOM   1472 C CZ  . PHE A 1 189 ? -13.834 -4.042  -3.110  1.00 11.02 ? 189 PHE A CZ  1 
ATOM   1473 N N   . PRO A 1 190 ? -13.632 -10.891 -1.457  1.00 20.24 ? 190 PRO A N   1 
ATOM   1474 C CA  . PRO A 1 190 ? -13.035 -12.175 -1.087  1.00 18.45 ? 190 PRO A CA  1 
ATOM   1475 C C   . PRO A 1 190 ? -11.616 -11.691 -0.774  1.00 21.04 ? 190 PRO A C   1 
ATOM   1476 O O   . PRO A 1 190 ? -11.070 -10.874 -1.526  1.00 18.98 ? 190 PRO A O   1 
ATOM   1477 C CB  . PRO A 1 190 ? -13.069 -12.950 -2.402  1.00 19.75 ? 190 PRO A CB  1 
ATOM   1478 C CG  . PRO A 1 190 ? -14.297 -12.432 -3.059  1.00 12.08 ? 190 PRO A CG  1 
ATOM   1479 C CD  . PRO A 1 190 ? -14.175 -10.947 -2.824  1.00 19.24 ? 190 PRO A CD  1 
ATOM   1480 N N   . THR A 1 191 ? -11.019 -12.152 0.314   1.00 23.12 ? 191 THR A N   1 
ATOM   1481 C CA  . THR A 1 191 ? -9.697  -11.638 0.653   1.00 26.66 ? 191 THR A CA  1 
ATOM   1482 C C   . THR A 1 191 ? -8.512  -12.596 0.672   1.00 25.44 ? 191 THR A C   1 
ATOM   1483 O O   . THR A 1 191 ? -8.594  -13.727 1.163   1.00 16.98 ? 191 THR A O   1 
ATOM   1484 C CB  . THR A 1 191 ? -9.752  -10.856 1.976   1.00 25.78 ? 191 THR A CB  1 
ATOM   1485 O OG1 . THR A 1 191 ? -10.777 -9.860  1.893   1.00 30.55 ? 191 THR A OG1 1 
ATOM   1486 C CG2 . THR A 1 191 ? -8.433  -10.161 2.239   1.00 38.05 ? 191 THR A CG2 1 
ATOM   1487 N N   . CYS A 1 192 ? -7.404  -12.117 0.117   1.00 26.39 ? 192 CYS A N   1 
ATOM   1488 C CA  . CYS A 1 192 ? -6.163  -12.874 0.071   1.00 26.07 ? 192 CYS A CA  1 
ATOM   1489 C C   . CYS A 1 192 ? -5.079  -12.106 0.824   1.00 19.27 ? 192 CYS A C   1 
ATOM   1490 O O   . CYS A 1 192 ? -4.723  -10.986 0.452   1.00 21.20 ? 192 CYS A O   1 
ATOM   1491 C CB  . CYS A 1 192 ? -5.732  -13.098 -1.378  1.00 28.23 ? 192 CYS A CB  1 
ATOM   1492 S SG  . CYS A 1 192 ? -4.223  -14.069 -1.555  1.00 28.21 ? 192 CYS A SG  1 
ATOM   1493 N N   . TRP A 1 193 ? -4.610  -12.682 1.923   1.00 14.73 ? 193 TRP A N   1 
ATOM   1494 C CA  . TRP A 1 193 ? -3.562  -12.071 2.722   1.00 15.12 ? 193 TRP A CA  1 
ATOM   1495 C C   . TRP A 1 193 ? -2.193  -12.604 2.288   1.00 16.60 ? 193 TRP A C   1 
ATOM   1496 O O   . TRP A 1 193 ? -1.981  -13.814 2.257   1.00 16.49 ? 193 TRP A O   1 
ATOM   1497 C CB  . TRP A 1 193 ? -3.786  -12.389 4.197   1.00 16.83 ? 193 TRP A CB  1 
ATOM   1498 C CG  . TRP A 1 193 ? -2.808  -11.730 5.118   1.00 14.84 ? 193 TRP A CG  1 
ATOM   1499 C CD1 . TRP A 1 193 ? -2.298  -10.467 5.009   1.00 11.24 ? 193 TRP A CD1 1 
ATOM   1500 C CD2 . TRP A 1 193 ? -2.263  -12.281 6.321   1.00 5.79  ? 193 TRP A CD2 1 
ATOM   1501 N NE1 . TRP A 1 193 ? -1.480  -10.193 6.076   1.00 2.31  ? 193 TRP A NE1 1 
ATOM   1502 C CE2 . TRP A 1 193 ? -1.440  -11.290 6.897   1.00 5.37  ? 193 TRP A CE2 1 
ATOM   1503 C CE3 . TRP A 1 193 ? -2.399  -13.512 6.974   1.00 8.07  ? 193 TRP A CE3 1 
ATOM   1504 C CZ2 . TRP A 1 193 ? -0.753  -11.493 8.098   1.00 2.00  ? 193 TRP A CZ2 1 
ATOM   1505 C CZ3 . TRP A 1 193 ? -1.719  -13.711 8.172   1.00 3.95  ? 193 TRP A CZ3 1 
ATOM   1506 C CH2 . TRP A 1 193 ? -0.908  -12.704 8.719   1.00 2.00  ? 193 TRP A CH2 1 
ATOM   1507 N N   . ILE A 1 194 ? -1.295  -11.695 1.912   1.00 19.49 ? 194 ILE A N   1 
ATOM   1508 C CA  . ILE A 1 194 ? 0.069   -12.031 1.497   1.00 20.44 ? 194 ILE A CA  1 
ATOM   1509 C C   . ILE A 1 194 ? 0.943   -12.032 2.757   1.00 19.61 ? 194 ILE A C   1 
ATOM   1510 O O   . ILE A 1 194 ? 1.264   -10.971 3.294   1.00 19.03 ? 194 ILE A O   1 
ATOM   1511 C CB  . ILE A 1 194 ? 0.633   -10.964 0.527   1.00 20.20 ? 194 ILE A CB  1 
ATOM   1512 C CG1 . ILE A 1 194 ? -0.216  -10.886 -0.747  1.00 26.77 ? 194 ILE A CG1 1 
ATOM   1513 C CG2 . ILE A 1 194 ? 2.093   -11.251 0.205   1.00 17.14 ? 194 ILE A CG2 1 
ATOM   1514 C CD1 . ILE A 1 194 ? -0.109  -12.085 -1.662  1.00 24.57 ? 194 ILE A CD1 1 
ATOM   1515 N N   . ASN A 1 195 ? 1.329   -13.214 3.224   1.00 18.15 ? 195 ASN A N   1 
ATOM   1516 C CA  . ASN A 1 195 ? 2.149   -13.324 4.429   1.00 19.43 ? 195 ASN A CA  1 
ATOM   1517 C C   . ASN A 1 195 ? 3.564   -13.853 4.152   1.00 21.56 ? 195 ASN A C   1 
ATOM   1518 O O   . ASN A 1 195 ? 3.822   -15.058 4.231   1.00 23.23 ? 195 ASN A O   1 
ATOM   1519 C CB  . ASN A 1 195 ? 1.443   -14.217 5.444   1.00 19.33 ? 195 ASN A CB  1 
ATOM   1520 C CG  . ASN A 1 195 ? 2.024   -14.086 6.827   1.00 10.48 ? 195 ASN A CG  1 
ATOM   1521 O OD1 . ASN A 1 195 ? 2.773   -13.152 7.103   1.00 11.76 ? 195 ASN A OD1 1 
ATOM   1522 N ND2 . ASN A 1 195 ? 1.656   -15.001 7.719   1.00 2.00  ? 195 ASN A ND2 1 
ATOM   1523 N N   . ARG A 1 196 ? 4.474   -12.944 3.815   1.00 19.54 ? 196 ARG A N   1 
ATOM   1524 C CA  . ARG A 1 196 ? 5.858   -13.297 3.519   1.00 25.30 ? 196 ARG A CA  1 
ATOM   1525 C C   . ARG A 1 196 ? 6.720   -13.434 4.776   1.00 30.58 ? 196 ARG A C   1 
ATOM   1526 O O   . ARG A 1 196 ? 7.638   -14.251 4.816   1.00 32.85 ? 196 ARG A O   1 
ATOM   1527 C CB  . ARG A 1 196 ? 6.489   -12.229 2.626   1.00 26.84 ? 196 ARG A CB  1 
ATOM   1528 C CG  . ARG A 1 196 ? 5.832   -12.027 1.277   1.00 33.27 ? 196 ARG A CG  1 
ATOM   1529 C CD  . ARG A 1 196 ? 6.403   -10.801 0.585   1.00 28.04 ? 196 ARG A CD  1 
ATOM   1530 N NE  . ARG A 1 196 ? 5.891   -10.629 -0.773  1.00 34.10 ? 196 ARG A NE  1 
ATOM   1531 C CZ  . ARG A 1 196 ? 5.134   -9.610  -1.172  1.00 32.35 ? 196 ARG A CZ  1 
ATOM   1532 N NH1 . ARG A 1 196 ? 4.778   -8.656  -0.317  1.00 31.27 ? 196 ARG A NH1 1 
ATOM   1533 N NH2 . ARG A 1 196 ? 4.773   -9.521  -2.444  1.00 25.77 ? 196 ARG A NH2 1 
ATOM   1534 N N   . THR A 1 197 ? 6.435   -12.610 5.780   1.00 30.55 ? 197 THR A N   1 
ATOM   1535 C CA  . THR A 1 197 ? 7.189   -12.587 7.032   1.00 28.53 ? 197 THR A CA  1 
ATOM   1536 C C   . THR A 1 197 ? 6.634   -13.480 8.152   1.00 26.97 ? 197 THR A C   1 
ATOM   1537 O O   . THR A 1 197 ? 7.095   -13.422 9.293   1.00 28.22 ? 197 THR A O   1 
ATOM   1538 C CB  . THR A 1 197 ? 7.312   -11.134 7.529   1.00 33.95 ? 197 THR A CB  1 
ATOM   1539 O OG1 . THR A 1 197 ? 7.771   -10.310 6.444   1.00 45.52 ? 197 THR A OG1 1 
ATOM   1540 C CG2 . THR A 1 197 ? 8.305   -11.020 8.684   1.00 40.49 ? 197 THR A CG2 1 
ATOM   1541 N N   . GLY A 1 198 ? 5.687   -14.348 7.813   1.00 24.97 ? 198 GLY A N   1 
ATOM   1542 C CA  . GLY A 1 198 ? 5.106   -15.232 8.810   1.00 20.74 ? 198 GLY A CA  1 
ATOM   1543 C C   . GLY A 1 198 ? 4.431   -14.532 9.981   1.00 23.24 ? 198 GLY A C   1 
ATOM   1544 O O   . GLY A 1 198 ? 4.549   -14.982 11.125  1.00 24.19 ? 198 GLY A O   1 
ATOM   1545 N N   . ASN A 1 199 ? 3.764   -13.415 9.706   1.00 22.28 ? 199 ASN A N   1 
ATOM   1546 C CA  . ASN A 1 199 ? 3.045   -12.657 10.726  1.00 22.18 ? 199 ASN A CA  1 
ATOM   1547 C C   . ASN A 1 199 ? 1.743   -13.373 11.084  1.00 19.17 ? 199 ASN A C   1 
ATOM   1548 O O   . ASN A 1 199 ? 1.347   -14.329 10.422  1.00 20.32 ? 199 ASN A O   1 
ATOM   1549 C CB  . ASN A 1 199 ? 2.689   -11.261 10.204  1.00 32.91 ? 199 ASN A CB  1 
ATOM   1550 C CG  . ASN A 1 199 ? 3.897   -10.370 10.030  1.00 45.39 ? 199 ASN A CG  1 
ATOM   1551 O OD1 . ASN A 1 199 ? 4.739   -10.259 10.926  1.00 61.29 ? 199 ASN A OD1 1 
ATOM   1552 N ND2 . ASN A 1 199 ? 3.981   -9.702  8.884   1.00 47.95 ? 199 ASN A ND2 1 
ATOM   1553 N N   . VAL A 1 200 ? 1.109   -12.951 12.171  1.00 19.00 ? 200 VAL A N   1 
ATOM   1554 C CA  . VAL A 1 200 ? -0.173  -13.528 12.570  1.00 22.77 ? 200 VAL A CA  1 
ATOM   1555 C C   . VAL A 1 200 ? -1.240  -12.489 12.240  1.00 20.77 ? 200 VAL A C   1 
ATOM   1556 O O   . VAL A 1 200 ? -0.962  -11.297 12.256  1.00 19.50 ? 200 VAL A O   1 
ATOM   1557 C CB  . VAL A 1 200 ? -0.226  -13.873 14.077  1.00 30.33 ? 200 VAL A CB  1 
ATOM   1558 C CG1 . VAL A 1 200 ? 0.469   -15.211 14.342  1.00 28.48 ? 200 VAL A CG1 1 
ATOM   1559 C CG2 . VAL A 1 200 ? 0.413   -12.760 14.897  1.00 28.54 ? 200 VAL A CG2 1 
ATOM   1560 N N   . PHE A 1 201 ? -2.451  -12.935 11.921  1.00 24.29 ? 201 PHE A N   1 
ATOM   1561 C CA  . PHE A 1 201 ? -3.523  -11.999 11.571  1.00 25.77 ? 201 PHE A CA  1 
ATOM   1562 C C   . PHE A 1 201 ? -3.972  -11.139 12.755  1.00 24.76 ? 201 PHE A C   1 
ATOM   1563 O O   . PHE A 1 201 ? -3.790  -11.515 13.919  1.00 27.00 ? 201 PHE A O   1 
ATOM   1564 C CB  . PHE A 1 201 ? -4.724  -12.757 10.976  1.00 23.84 ? 201 PHE A CB  1 
ATOM   1565 C CG  . PHE A 1 201 ? -5.481  -11.978 9.928   1.00 22.99 ? 201 PHE A CG  1 
ATOM   1566 C CD1 . PHE A 1 201 ? -4.821  -11.458 8.817   1.00 25.40 ? 201 PHE A CD1 1 
ATOM   1567 C CD2 . PHE A 1 201 ? -6.846  -11.753 10.058  1.00 26.78 ? 201 PHE A CD2 1 
ATOM   1568 C CE1 . PHE A 1 201 ? -5.508  -10.722 7.852   1.00 25.62 ? 201 PHE A CE1 1 
ATOM   1569 C CE2 . PHE A 1 201 ? -7.542  -11.017 9.096   1.00 30.53 ? 201 PHE A CE2 1 
ATOM   1570 C CZ  . PHE A 1 201 ? -6.868  -10.501 7.992   1.00 31.90 ? 201 PHE A CZ  1 
ATOM   1571 N N   . GLU A 1 202 ? -4.563  -9.986  12.450  1.00 23.54 ? 202 GLU A N   1 
ATOM   1572 C CA  . GLU A 1 202 ? -5.058  -9.078  13.480  1.00 20.30 ? 202 GLU A CA  1 
ATOM   1573 C C   . GLU A 1 202 ? -6.207  -9.743  14.236  1.00 22.44 ? 202 GLU A C   1 
ATOM   1574 O O   . GLU A 1 202 ? -6.791  -10.723 13.768  1.00 26.31 ? 202 GLU A O   1 
ATOM   1575 C CB  . GLU A 1 202 ? -5.546  -7.773  12.850  1.00 15.69 ? 202 GLU A CB  1 
ATOM   1576 C CG  . GLU A 1 202 ? -4.503  -7.041  12.015  1.00 16.28 ? 202 GLU A CG  1 
ATOM   1577 C CD  . GLU A 1 202 ? -3.436  -6.331  12.842  1.00 27.46 ? 202 GLU A CD  1 
ATOM   1578 O OE1 . GLU A 1 202 ? -3.355  -6.545  14.076  1.00 18.59 ? 202 GLU A OE1 1 
ATOM   1579 O OE2 . GLU A 1 202 ? -2.669  -5.544  12.244  1.00 27.30 ? 202 GLU A OE2 1 
ATOM   1580 N N   . GLU A 1 203 ? -6.491  -9.254  15.433  1.00 21.14 ? 203 GLU A N   1 
ATOM   1581 C CA  . GLU A 1 203 ? -7.570  -9.825  16.219  1.00 23.23 ? 203 GLU A CA  1 
ATOM   1582 C C   . GLU A 1 203 ? -8.765  -8.888  16.201  1.00 22.79 ? 203 GLU A C   1 
ATOM   1583 O O   . GLU A 1 203 ? -9.236  -8.444  17.245  1.00 29.21 ? 203 GLU A O   1 
ATOM   1584 C CB  . GLU A 1 203 ? -7.118  -10.097 17.658  1.00 32.49 ? 203 GLU A CB  1 
ATOM   1585 C CG  . GLU A 1 203 ? -6.040  -11.169 17.803  1.00 37.58 ? 203 GLU A CG  1 
ATOM   1586 C CD  . GLU A 1 203 ? -6.505  -12.562 17.401  1.00 40.78 ? 203 GLU A CD  1 
ATOM   1587 O OE1 . GLU A 1 203 ? -7.590  -12.989 17.854  1.00 40.27 ? 203 GLU A OE1 1 
ATOM   1588 O OE2 . GLU A 1 203 ? -5.773  -13.238 16.643  1.00 40.35 ? 203 GLU A OE2 1 
ATOM   1589 N N   . MET A 1 204 ? -9.231  -8.561  15.005  1.00 20.11 ? 204 MET A N   1 
ATOM   1590 C CA  . MET A 1 204 ? -10.378 -7.687  14.866  1.00 17.99 ? 204 MET A CA  1 
ATOM   1591 C C   . MET A 1 204 ? -11.635 -8.387  14.361  1.00 19.70 ? 204 MET A C   1 
ATOM   1592 O O   . MET A 1 204 ? -12.517 -7.750  13.788  1.00 24.90 ? 204 MET A O   1 
ATOM   1593 C CB  . MET A 1 204 ? -10.033 -6.474  14.008  1.00 12.52 ? 204 MET A CB  1 
ATOM   1594 C CG  . MET A 1 204 ? -9.149  -5.488  14.735  1.00 2.00  ? 204 MET A CG  1 
ATOM   1595 S SD  . MET A 1 204 ? -8.914  -3.971  13.830  1.00 19.11 ? 204 MET A SD  1 
ATOM   1596 C CE  . MET A 1 204 ? -7.877  -4.571  12.504  1.00 9.23  ? 204 MET A CE  1 
ATOM   1597 N N   . GLY A 1 205 ? -11.723 -9.691  14.622  1.00 24.95 ? 205 GLY A N   1 
ATOM   1598 C CA  . GLY A 1 205 ? -12.888 -10.477 14.244  1.00 21.37 ? 205 GLY A CA  1 
ATOM   1599 C C   . GLY A 1 205 ? -13.004 -11.048 12.843  1.00 21.07 ? 205 GLY A C   1 
ATOM   1600 O O   . GLY A 1 205 ? -14.002 -11.699 12.527  1.00 21.24 ? 205 GLY A O   1 
ATOM   1601 N N   . GLN A 1 206 ? -11.966 -10.910 12.035  1.00 21.33 ? 206 GLN A N   1 
ATOM   1602 C CA  . GLN A 1 206 ? -12.025 -11.404 10.671  1.00 15.34 ? 206 GLN A CA  1 
ATOM   1603 C C   . GLN A 1 206 ? -10.890 -12.360 10.314  1.00 20.25 ? 206 GLN A C   1 
ATOM   1604 O O   . GLN A 1 206 ? -9.887  -12.459 11.019  1.00 24.15 ? 206 GLN A O   1 
ATOM   1605 C CB  . GLN A 1 206 ? -12.018 -10.208 9.718   1.00 20.06 ? 206 GLN A CB  1 
ATOM   1606 C CG  . GLN A 1 206 ? -12.501 -10.507 8.318   1.00 24.82 ? 206 GLN A CG  1 
ATOM   1607 C CD  . GLN A 1 206 ? -13.955 -10.922 8.277   1.00 17.09 ? 206 GLN A CD  1 
ATOM   1608 O OE1 . GLN A 1 206 ? -14.267 -12.107 8.236   1.00 32.88 ? 206 GLN A OE1 1 
ATOM   1609 N NE2 . GLN A 1 206 ? -14.852 -9.947  8.276   1.00 20.11 ? 206 GLN A NE2 1 
ATOM   1610 N N   . THR A 1 207 ? -11.078 -13.096 9.224   1.00 24.99 ? 207 THR A N   1 
ATOM   1611 C CA  . THR A 1 207 ? -10.080 -14.028 8.721   1.00 19.81 ? 207 THR A CA  1 
ATOM   1612 C C   . THR A 1 207 ? -10.099 -13.952 7.198   1.00 26.15 ? 207 THR A C   1 
ATOM   1613 O O   . THR A 1 207 ? -11.162 -13.903 6.581   1.00 30.26 ? 207 THR A O   1 
ATOM   1614 C CB  . THR A 1 207 ? -10.341 -15.491 9.180   1.00 27.16 ? 207 THR A CB  1 
ATOM   1615 O OG1 . THR A 1 207 ? -11.679 -15.886 8.857   1.00 33.44 ? 207 THR A OG1 1 
ATOM   1616 C CG2 . THR A 1 207 ? -10.123 -15.634 10.677  1.00 26.94 ? 207 THR A CG2 1 
ATOM   1617 N N   . PRO A 1 208 ? -8.917  -13.847 6.571   1.00 27.20 ? 208 PRO A N   1 
ATOM   1618 C CA  . PRO A 1 208 ? -8.878  -13.772 5.111   1.00 22.52 ? 208 PRO A CA  1 
ATOM   1619 C C   . PRO A 1 208 ? -9.288  -15.114 4.512   1.00 20.32 ? 208 PRO A C   1 
ATOM   1620 O O   . PRO A 1 208 ? -9.180  -16.153 5.168   1.00 23.04 ? 208 PRO A O   1 
ATOM   1621 C CB  . PRO A 1 208 ? -7.412  -13.448 4.833   1.00 25.30 ? 208 PRO A CB  1 
ATOM   1622 C CG  . PRO A 1 208 ? -6.704  -14.173 5.926   1.00 19.55 ? 208 PRO A CG  1 
ATOM   1623 C CD  . PRO A 1 208 ? -7.556  -13.848 7.134   1.00 29.81 ? 208 PRO A CD  1 
ATOM   1624 N N   . ASP A 1 209 ? -9.788  -15.087 3.284   1.00 22.24 ? 209 ASP A N   1 
ATOM   1625 C CA  . ASP A 1 209 ? -10.214 -16.308 2.611   1.00 19.35 ? 209 ASP A CA  1 
ATOM   1626 C C   . ASP A 1 209 ? -9.006  -17.143 2.219   1.00 17.67 ? 209 ASP A C   1 
ATOM   1627 O O   . ASP A 1 209 ? -9.065  -18.373 2.208   1.00 13.77 ? 209 ASP A O   1 
ATOM   1628 C CB  . ASP A 1 209 ? -11.066 -15.969 1.386   1.00 21.99 ? 209 ASP A CB  1 
ATOM   1629 C CG  . ASP A 1 209 ? -12.351 -15.246 1.754   1.00 22.67 ? 209 ASP A CG  1 
ATOM   1630 O OD1 . ASP A 1 209 ? -13.286 -15.903 2.257   1.00 24.93 ? 209 ASP A OD1 1 
ATOM   1631 O OD2 . ASP A 1 209 ? -12.423 -14.020 1.556   1.00 20.71 ? 209 ASP A OD2 1 
ATOM   1632 N N   . TRP A 1 210 ? -7.907  -16.464 1.917   1.00 21.16 ? 210 TRP A N   1 
ATOM   1633 C CA  . TRP A 1 210 ? -6.669  -17.126 1.536   1.00 22.02 ? 210 TRP A CA  1 
ATOM   1634 C C   . TRP A 1 210 ? -5.464  -16.468 2.184   1.00 22.92 ? 210 TRP A C   1 
ATOM   1635 O O   . TRP A 1 210 ? -5.419  -15.253 2.344   1.00 23.39 ? 210 TRP A O   1 
ATOM   1636 C CB  . TRP A 1 210 ? -6.484  -17.096 0.016   1.00 30.03 ? 210 TRP A CB  1 
ATOM   1637 C CG  . TRP A 1 210 ? -7.562  -17.801 -0.727  1.00 35.86 ? 210 TRP A CG  1 
ATOM   1638 C CD1 . TRP A 1 210 ? -7.717  -19.148 -0.860  1.00 36.14 ? 210 TRP A CD1 1 
ATOM   1639 C CD2 . TRP A 1 210 ? -8.672  -17.199 -1.399  1.00 39.91 ? 210 TRP A CD2 1 
ATOM   1640 N NE1 . TRP A 1 210 ? -8.861  -19.426 -1.569  1.00 42.09 ? 210 TRP A NE1 1 
ATOM   1641 C CE2 . TRP A 1 210 ? -9.468  -18.247 -1.911  1.00 42.10 ? 210 TRP A CE2 1 
ATOM   1642 C CE3 . TRP A 1 210 ? -9.076  -15.874 -1.614  1.00 42.43 ? 210 TRP A CE3 1 
ATOM   1643 C CZ2 . TRP A 1 210 ? -10.649 -18.013 -2.627  1.00 42.95 ? 210 TRP A CZ2 1 
ATOM   1644 C CZ3 . TRP A 1 210 ? -10.254 -15.641 -2.328  1.00 43.79 ? 210 TRP A CZ3 1 
ATOM   1645 C CH2 . TRP A 1 210 ? -11.024 -16.707 -2.824  1.00 41.62 ? 210 TRP A CH2 1 
ATOM   1646 N N   . GLU A 1 211 ? -4.524  -17.295 2.621   1.00 27.26 ? 211 GLU A N   1 
ATOM   1647 C CA  . GLU A 1 211 ? -3.280  -16.808 3.198   1.00 21.64 ? 211 GLU A CA  1 
ATOM   1648 C C   . GLU A 1 211 ? -2.176  -17.432 2.348   1.00 17.54 ? 211 GLU A C   1 
ATOM   1649 O O   . GLU A 1 211 ? -2.129  -18.650 2.161   1.00 16.30 ? 211 GLU A O   1 
ATOM   1650 C CB  . GLU A 1 211 ? -3.120  -17.226 4.657   1.00 22.88 ? 211 GLU A CB  1 
ATOM   1651 C CG  . GLU A 1 211 ? -1.867  -16.617 5.283   1.00 29.78 ? 211 GLU A CG  1 
ATOM   1652 C CD  . GLU A 1 211 ? -1.584  -17.094 6.689   1.00 34.82 ? 211 GLU A CD  1 
ATOM   1653 O OE1 . GLU A 1 211 ? -2.472  -17.693 7.335   1.00 36.79 ? 211 GLU A OE1 1 
ATOM   1654 O OE2 . GLU A 1 211 ? -0.452  -16.855 7.153   1.00 45.87 ? 211 GLU A OE2 1 
ATOM   1655 N N   . VAL A 1 212 ? -1.335  -16.588 1.776   1.00 12.27 ? 212 VAL A N   1 
ATOM   1656 C CA  . VAL A 1 212 ? -0.256  -17.050 0.927   1.00 14.71 ? 212 VAL A CA  1 
ATOM   1657 C C   . VAL A 1 212 ? 1.048   -16.337 1.289   1.00 17.11 ? 212 VAL A C   1 
ATOM   1658 O O   . VAL A 1 212 ? 1.039   -15.339 2.014   1.00 11.58 ? 212 VAL A O   1 
ATOM   1659 C CB  . VAL A 1 212 ? -0.602  -16.820 -0.565  1.00 20.89 ? 212 VAL A CB  1 
ATOM   1660 C CG1 . VAL A 1 212 ? -1.906  -17.523 -0.918  1.00 10.92 ? 212 VAL A CG1 1 
ATOM   1661 C CG2 . VAL A 1 212 ? -0.714  -15.340 -0.865  1.00 19.00 ? 212 VAL A CG2 1 
ATOM   1662 N N   . THR A 1 213 ? 2.164   -16.835 0.766   1.00 12.72 ? 213 THR A N   1 
ATOM   1663 C CA  . THR A 1 213 ? 3.470   -16.256 1.072   1.00 11.28 ? 213 THR A CA  1 
ATOM   1664 C C   . THR A 1 213 ? 4.027   -15.333 -0.002  1.00 12.36 ? 213 THR A C   1 
ATOM   1665 O O   . THR A 1 213 ? 5.015   -14.628 0.229   1.00 16.34 ? 213 THR A O   1 
ATOM   1666 C CB  . THR A 1 213 ? 4.508   -17.364 1.380   1.00 10.17 ? 213 THR A CB  1 
ATOM   1667 O OG1 . THR A 1 213 ? 4.696   -18.188 0.220   1.00 21.10 ? 213 THR A OG1 1 
ATOM   1668 C CG2 . THR A 1 213 ? 4.025   -18.240 2.530   1.00 3.97  ? 213 THR A CG2 1 
ATOM   1669 N N   . SER A 1 214 ? 3.394   -15.324 -1.167  1.00 15.59 ? 214 SER A N   1 
ATOM   1670 C CA  . SER A 1 214 ? 3.841   -14.477 -2.269  1.00 16.66 ? 214 SER A CA  1 
ATOM   1671 C C   . SER A 1 214 ? 2.753   -14.365 -3.320  1.00 14.72 ? 214 SER A C   1 
ATOM   1672 O O   . SER A 1 214 ? 1.716   -15.016 -3.219  1.00 18.02 ? 214 SER A O   1 
ATOM   1673 C CB  . SER A 1 214 ? 5.127   -15.038 -2.899  1.00 18.27 ? 214 SER A CB  1 
ATOM   1674 O OG  . SER A 1 214 ? 4.955   -16.352 -3.413  1.00 27.33 ? 214 SER A OG  1 
ATOM   1675 N N   . LEU A 1 215 ? 2.977   -13.511 -4.313  1.00 19.23 ? 215 LEU A N   1 
ATOM   1676 C CA  . LEU A 1 215 ? 2.013   -13.328 -5.390  1.00 20.74 ? 215 LEU A CA  1 
ATOM   1677 C C   . LEU A 1 215 ? 1.984   -14.576 -6.281  1.00 26.80 ? 215 LEU A C   1 
ATOM   1678 O O   . LEU A 1 215 ? 1.071   -14.756 -7.090  1.00 32.31 ? 215 LEU A O   1 
ATOM   1679 C CB  . LEU A 1 215 ? 2.369   -12.076 -6.206  1.00 24.49 ? 215 LEU A CB  1 
ATOM   1680 C CG  . LEU A 1 215 ? 1.246   -11.092 -6.578  1.00 26.49 ? 215 LEU A CG  1 
ATOM   1681 C CD1 . LEU A 1 215 ? 1.842   -9.821  -7.135  1.00 23.53 ? 215 LEU A CD1 1 
ATOM   1682 C CD2 . LEU A 1 215 ? 0.290   -11.702 -7.589  1.00 24.40 ? 215 LEU A CD2 1 
ATOM   1683 N N   . ARG A 1 216 ? 2.987   -15.433 -6.126  1.00 32.83 ? 216 ARG A N   1 
ATOM   1684 C CA  . ARG A 1 216 ? 3.083   -16.665 -6.902  1.00 32.22 ? 216 ARG A CA  1 
ATOM   1685 C C   . ARG A 1 216 ? 1.871   -17.553 -6.667  1.00 29.01 ? 216 ARG A C   1 
ATOM   1686 O O   . ARG A 1 216 ? 1.394   -18.226 -7.584  1.00 29.26 ? 216 ARG A O   1 
ATOM   1687 C CB  . ARG A 1 216 ? 4.356   -17.437 -6.529  1.00 40.22 ? 216 ARG A CB  1 
ATOM   1688 C CG  . ARG A 1 216 ? 5.627   -16.943 -7.211  1.00 37.35 ? 216 ARG A CG  1 
ATOM   1689 C CD  . ARG A 1 216 ? 6.864   -17.646 -6.667  1.00 31.16 ? 216 ARG A CD  1 
ATOM   1690 N NE  . ARG A 1 216 ? 7.249   -17.138 -5.349  1.00 30.99 ? 216 ARG A NE  1 
ATOM   1691 C CZ  . ARG A 1 216 ? 8.347   -16.425 -5.111  1.00 21.59 ? 216 ARG A CZ  1 
ATOM   1692 N NH1 . ARG A 1 216 ? 9.191   -16.141 -6.094  1.00 12.99 ? 216 ARG A NH1 1 
ATOM   1693 N NH2 . ARG A 1 216 ? 8.610   -16.002 -3.884  1.00 25.48 ? 216 ARG A NH2 1 
ATOM   1694 N N   . ALA A 1 217 ? 1.398   -17.569 -5.424  1.00 28.59 ? 217 ALA A N   1 
ATOM   1695 C CA  . ALA A 1 217 ? 0.248   -18.378 -5.034  1.00 30.50 ? 217 ALA A CA  1 
ATOM   1696 C C   . ALA A 1 217 ? -1.067  -17.806 -5.552  1.00 30.87 ? 217 ALA A C   1 
ATOM   1697 O O   . ALA A 1 217 ? -2.051  -18.531 -5.719  1.00 29.35 ? 217 ALA A O   1 
ATOM   1698 C CB  . ALA A 1 217 ? 0.203   -18.508 -3.530  1.00 33.60 ? 217 ALA A CB  1 
ATOM   1699 N N   . VAL A 1 218 ? -1.090  -16.492 -5.737  1.00 29.55 ? 218 VAL A N   1 
ATOM   1700 C CA  . VAL A 1 218 ? -2.260  -15.796 -6.243  1.00 27.92 ? 218 VAL A CA  1 
ATOM   1701 C C   . VAL A 1 218 ? -2.465  -16.202 -7.700  1.00 31.17 ? 218 VAL A C   1 
ATOM   1702 O O   . VAL A 1 218 ? -3.591  -16.418 -8.143  1.00 32.58 ? 218 VAL A O   1 
ATOM   1703 C CB  . VAL A 1 218 ? -2.058  -14.267 -6.157  1.00 25.39 ? 218 VAL A CB  1 
ATOM   1704 C CG1 . VAL A 1 218 ? -3.294  -13.539 -6.648  1.00 19.90 ? 218 VAL A CG1 1 
ATOM   1705 C CG2 . VAL A 1 218 ? -1.718  -13.861 -4.723  1.00 15.91 ? 218 VAL A CG2 1 
ATOM   1706 N N   . VAL A 1 219 ? -1.358  -16.307 -8.431  1.00 34.58 ? 219 VAL A N   1 
ATOM   1707 C CA  . VAL A 1 219 ? -1.374  -16.685 -9.842  1.00 31.15 ? 219 VAL A CA  1 
ATOM   1708 C C   . VAL A 1 219 ? -1.824  -18.130 -10.022 1.00 29.73 ? 219 VAL A C   1 
ATOM   1709 O O   . VAL A 1 219 ? -2.307  -18.510 -11.086 1.00 33.99 ? 219 VAL A O   1 
ATOM   1710 C CB  . VAL A 1 219 ? 0.030   -16.520 -10.475 1.00 31.06 ? 219 VAL A CB  1 
ATOM   1711 C CG1 . VAL A 1 219 ? -0.004  -16.876 -11.951 1.00 31.97 ? 219 VAL A CG1 1 
ATOM   1712 C CG2 . VAL A 1 219 ? 0.531   -15.094 -10.291 1.00 30.66 ? 219 VAL A CG2 1 
ATOM   1713 N N   . GLU A 1 220 ? -1.640  -18.934 -8.984  1.00 28.17 ? 220 GLU A N   1 
ATOM   1714 C CA  . GLU A 1 220 ? -2.016  -20.336 -9.032  1.00 35.73 ? 220 GLU A CA  1 
ATOM   1715 C C   . GLU A 1 220 ? -3.444  -20.593 -8.584  1.00 39.34 ? 220 GLU A C   1 
ATOM   1716 O O   . GLU A 1 220 ? -3.937  -21.720 -8.673  1.00 45.03 ? 220 GLU A O   1 
ATOM   1717 C CB  . GLU A 1 220 ? -1.018  -21.175 -8.231  1.00 39.43 ? 220 GLU A CB  1 
ATOM   1718 C CG  . GLU A 1 220 ? 0.301   -21.387 -8.984  1.00 51.65 ? 220 GLU A CG  1 
ATOM   1719 C CD  . GLU A 1 220 ? 1.496   -21.630 -8.077  1.00 51.25 ? 220 GLU A CD  1 
ATOM   1720 O OE1 . GLU A 1 220 ? 1.312   -22.119 -6.939  1.00 54.20 ? 220 GLU A OE1 1 
ATOM   1721 O OE2 . GLU A 1 220 ? 2.629   -21.323 -8.513  1.00 49.90 ? 220 GLU A OE2 1 
ATOM   1722 N N   . LEU A 1 221 ? -4.094  -19.556 -8.066  1.00 45.20 ? 221 LEU A N   1 
ATOM   1723 C CA  . LEU A 1 221 ? -5.483  -19.658 -7.627  1.00 44.04 ? 221 LEU A CA  1 
ATOM   1724 C C   . LEU A 1 221 ? -6.374  -19.688 -8.864  1.00 46.40 ? 221 LEU A C   1 
ATOM   1725 O O   . LEU A 1 221 ? -7.579  -19.935 -8.768  1.00 52.60 ? 221 LEU A O   1 
ATOM   1726 C CB  . LEU A 1 221 ? -5.851  -18.455 -6.751  1.00 38.60 ? 221 LEU A CB  1 
ATOM   1727 C CG  . LEU A 1 221 ? -6.064  -18.669 -5.249  1.00 33.57 ? 221 LEU A CG  1 
ATOM   1728 C CD1 . LEU A 1 221 ? -5.082  -19.686 -4.681  1.00 37.57 ? 221 LEU A CD1 1 
ATOM   1729 C CD2 . LEU A 1 221 ? -5.928  -17.333 -4.539  1.00 27.53 ? 221 LEU A CD2 1 
ATOM   1730 N N   . PHE A 1 222 ? -5.767  -19.420 -10.018 1.00 47.79 ? 222 PHE A N   1 
ATOM   1731 C CA  . PHE A 1 222 ? -6.459  -19.392 -11.300 1.00 45.56 ? 222 PHE A CA  1 
ATOM   1732 C C   . PHE A 1 222 ? -5.971  -20.507 -12.241 1.00 46.37 ? 222 PHE A C   1 
ATOM   1733 O O   . PHE A 1 222 ? -5.497  -21.550 -11.739 1.00 43.87 ? 222 PHE A O   1 
ATOM   1734 C CB  . PHE A 1 222 ? -6.266  -18.014 -11.954 1.00 42.21 ? 222 PHE A CB  1 
ATOM   1735 C CG  . PHE A 1 222 ? -6.667  -16.860 -11.072 1.00 37.56 ? 222 PHE A CG  1 
ATOM   1736 C CD1 . PHE A 1 222 ? -8.009  -16.573 -10.839 1.00 36.86 ? 222 PHE A CD1 1 
ATOM   1737 C CD2 . PHE A 1 222 ? -5.702  -16.072 -10.459 1.00 37.25 ? 222 PHE A CD2 1 
ATOM   1738 C CE1 . PHE A 1 222 ? -8.384  -15.519 -10.004 1.00 37.19 ? 222 PHE A CE1 1 
ATOM   1739 C CE2 . PHE A 1 222 ? -6.067  -15.015 -9.624  1.00 42.18 ? 222 PHE A CE2 1 
ATOM   1740 C CZ  . PHE A 1 222 ? -7.412  -14.740 -9.397  1.00 38.02 ? 222 PHE A CZ  1 
ATOM   1741 N N   . GLU A 1 223 ? -6.078  -20.335 -13.477 1.00 51.71 ? 223 GLU A N   1 
HETATM 1742 C C   . LAC B 2 .   ? -1.413  1.263   0.419   1.00 9.82  ? 300 LAC A C   1 
HETATM 1743 C CA  . LAC B 2 .   ? -1.205  1.089   1.915   1.00 29.91 ? 300 LAC A CA  1 
HETATM 1744 C CB  . LAC B 2 .   ? -1.056  2.440   2.625   1.00 37.02 ? 300 LAC A CB  1 
HETATM 1745 O O   . LAC B 2 .   ? -1.027  2.315   -0.121  1.00 20.17 ? 300 LAC A O   1 
HETATM 1746 O OHN . LAC B 2 .   ? -2.351  0.378   2.402   1.00 43.33 ? 300 LAC A OHN 1 
HETATM 1747 O OXT . LAC B 2 .   ? -1.953  0.334   -0.203  1.00 14.02 ? 300 LAC A OXT 1 
HETATM 1748 O O   . HOH C 3 .   ? -3.545  11.054  -1.357  1.00 22.82 ? 501 HOH A O   1 
HETATM 1749 O O   . HOH C 3 .   ? -0.482  14.057  9.293   1.00 12.25 ? 502 HOH A O   1 
HETATM 1750 O O   . HOH C 3 .   ? -4.725  4.014   6.193   1.00 9.63  ? 503 HOH A O   1 
HETATM 1751 O O   . HOH C 3 .   ? -0.595  -8.758  11.366  1.00 21.96 ? 504 HOH A O   1 
HETATM 1752 O O   . HOH C 3 .   ? -1.614  -5.248  9.508   1.00 24.01 ? 505 HOH A O   1 
HETATM 1753 O O   . HOH C 3 .   ? -4.999  5.124   -14.462 1.00 43.99 ? 506 HOH A O   1 
HETATM 1754 O O   . HOH C 3 .   ? 7.276   7.493   19.383  1.00 46.29 ? 507 HOH A O   1 
HETATM 1755 O O   . HOH C 3 .   ? -9.557  -9.250  12.069  1.00 26.06 ? 508 HOH A O   1 
HETATM 1756 O O   . HOH C 3 .   ? -5.813  -6.479  -17.707 1.00 21.29 ? 509 HOH A O   1 
HETATM 1757 O O   . HOH C 3 .   ? -6.081  -24.079 -1.719  1.00 74.45 ? 510 HOH A O   1 
HETATM 1758 O O   . HOH C 3 .   ? 7.899   -4.519  3.454   1.00 33.76 ? 511 HOH A O   1 
HETATM 1759 O O   . HOH C 3 .   ? 6.272   -20.782 -7.662  1.00 44.48 ? 512 HOH A O   1 
HETATM 1760 O O   . HOH C 3 .   ? -14.055 9.206   8.408   1.00 41.49 ? 513 HOH A O   1 
HETATM 1761 O O   . HOH C 3 .   ? 9.857   3.037   5.943   1.00 34.58 ? 514 HOH A O   1 
HETATM 1762 O O   . HOH C 3 .   ? -18.655 13.144  13.672  1.00 60.74 ? 515 HOH A O   1 
HETATM 1763 O O   . HOH C 3 .   ? -0.018  8.320   17.167  1.00 32.73 ? 516 HOH A O   1 
# 
loop_
_pdbx_poly_seq_scheme.asym_id 
_pdbx_poly_seq_scheme.entity_id 
_pdbx_poly_seq_scheme.seq_id 
_pdbx_poly_seq_scheme.mon_id 
_pdbx_poly_seq_scheme.ndb_seq_num 
_pdbx_poly_seq_scheme.pdb_seq_num 
_pdbx_poly_seq_scheme.auth_seq_num 
_pdbx_poly_seq_scheme.pdb_mon_id 
_pdbx_poly_seq_scheme.auth_mon_id 
_pdbx_poly_seq_scheme.pdb_strand_id 
_pdbx_poly_seq_scheme.pdb_ins_code 
_pdbx_poly_seq_scheme.hetero 
A 1 1   MET 1   1   ?   ?   ?   A . n 
A 1 2   ASP 2   2   ?   ?   ?   A . n 
A 1 3   TYR 3   3   3   TYR TYR A . n 
A 1 4   ILE 4   4   4   ILE ILE A . n 
A 1 5   LYS 5   5   5   LYS LYS A . n 
A 1 6   GLY 6   6   6   GLY GLY A . n 
A 1 7   ILE 7   7   7   ILE ILE A . n 
A 1 8   ALA 8   8   8   ALA ALA A . n 
A 1 9   PHE 9   9   9   PHE PHE A . n 
A 1 10  ASP 10  10  10  ASP ASP A . n 
A 1 11  LEU 11  11  11  LEU LEU A . n 
A 1 12  TYR 12  12  12  TYR TYR A . n 
A 1 13  GLY 13  13  13  GLY GLY A . n 
A 1 14  THR 14  14  14  THR THR A . n 
A 1 15  LEU 15  15  15  LEU LEU A . n 
A 1 16  PHE 16  16  16  PHE PHE A . n 
A 1 17  ASP 17  17  17  ASP ASP A . n 
A 1 18  VAL 18  18  18  VAL VAL A . n 
A 1 19  HIS 19  19  19  HIS HIS A . n 
A 1 20  SER 20  20  20  SER SER A . n 
A 1 21  VAL 21  21  21  VAL VAL A . n 
A 1 22  VAL 22  22  22  VAL VAL A . n 
A 1 23  GLY 23  23  23  GLY GLY A . n 
A 1 24  ARG 24  24  24  ARG ARG A . n 
A 1 25  CYS 25  25  25  CYS CYS A . n 
A 1 26  ASP 26  26  26  ASP ASP A . n 
A 1 27  GLU 27  27  27  GLU GLU A . n 
A 1 28  ALA 28  28  28  ALA ALA A . n 
A 1 29  PHE 29  29  29  PHE PHE A . n 
A 1 30  PRO 30  30  30  PRO PRO A . n 
A 1 31  GLY 31  31  31  GLY GLY A . n 
A 1 32  ARG 32  32  32  ARG ARG A . n 
A 1 33  GLY 33  33  33  GLY GLY A . n 
A 1 34  ARG 34  34  34  ARG ARG A . n 
A 1 35  GLU 35  35  35  GLU GLU A . n 
A 1 36  ILE 36  36  36  ILE ILE A . n 
A 1 37  SER 37  37  37  SER SER A . n 
A 1 38  ALA 38  38  38  ALA ALA A . n 
A 1 39  LEU 39  39  39  LEU LEU A . n 
A 1 40  TRP 40  40  40  TRP TRP A . n 
A 1 41  ARG 41  41  41  ARG ARG A . n 
A 1 42  GLN 42  42  42  GLN GLN A . n 
A 1 43  LYS 43  43  43  LYS LYS A . n 
A 1 44  GLN 44  44  44  GLN GLN A . n 
A 1 45  LEU 45  45  45  LEU LEU A . n 
A 1 46  GLU 46  46  46  GLU GLU A . n 
A 1 47  TYR 47  47  47  TYR TYR A . n 
A 1 48  THR 48  48  48  THR THR A . n 
A 1 49  TRP 49  49  49  TRP TRP A . n 
A 1 50  LEU 50  50  50  LEU LEU A . n 
A 1 51  ARG 51  51  51  ARG ARG A . n 
A 1 52  SER 52  52  52  SER SER A . n 
A 1 53  LEU 53  53  53  LEU LEU A . n 
A 1 54  MET 54  54  54  MET MET A . n 
A 1 55  ASN 55  55  55  ASN ASN A . n 
A 1 56  ARG 56  56  56  ARG ARG A . n 
A 1 57  TYR 57  57  57  TYR TYR A . n 
A 1 58  VAL 58  58  58  VAL VAL A . n 
A 1 59  ASN 59  59  59  ASN ASN A . n 
A 1 60  PHE 60  60  60  PHE PHE A . n 
A 1 61  GLN 61  61  61  GLN GLN A . n 
A 1 62  GLN 62  62  62  GLN GLN A . n 
A 1 63  ALA 63  63  63  ALA ALA A . n 
A 1 64  THR 64  64  64  THR THR A . n 
A 1 65  GLU 65  65  65  GLU GLU A . n 
A 1 66  ASP 66  66  66  ASP ASP A . n 
A 1 67  ALA 67  67  67  ALA ALA A . n 
A 1 68  LEU 68  68  68  LEU LEU A . n 
A 1 69  ARG 69  69  69  ARG ARG A . n 
A 1 70  PHE 70  70  70  PHE PHE A . n 
A 1 71  THR 71  71  71  THR THR A . n 
A 1 72  CYS 72  72  72  CYS CYS A . n 
A 1 73  ARG 73  73  73  ARG ARG A . n 
A 1 74  HIS 74  74  74  HIS HIS A . n 
A 1 75  LEU 75  75  75  LEU LEU A . n 
A 1 76  GLY 76  76  76  GLY GLY A . n 
A 1 77  LEU 77  77  77  LEU LEU A . n 
A 1 78  ASP 78  78  78  ASP ASP A . n 
A 1 79  LEU 79  79  79  LEU LEU A . n 
A 1 80  ASP 80  80  80  ASP ASP A . n 
A 1 81  ALA 81  81  81  ALA ALA A . n 
A 1 82  ARG 82  82  82  ARG ARG A . n 
A 1 83  THR 83  83  83  THR THR A . n 
A 1 84  ARG 84  84  84  ARG ARG A . n 
A 1 85  SER 85  85  85  SER SER A . n 
A 1 86  THR 86  86  86  THR THR A . n 
A 1 87  LEU 87  87  87  LEU LEU A . n 
A 1 88  CYS 88  88  88  CYS CYS A . n 
A 1 89  ASP 89  89  89  ASP ASP A . n 
A 1 90  ALA 90  90  90  ALA ALA A . n 
A 1 91  TYR 91  91  91  TYR TYR A . n 
A 1 92  LEU 92  92  92  LEU LEU A . n 
A 1 93  ARG 93  93  93  ARG ARG A . n 
A 1 94  LEU 94  94  94  LEU LEU A . n 
A 1 95  ALA 95  95  95  ALA ALA A . n 
A 1 96  PRO 96  96  96  PRO PRO A . n 
A 1 97  PHE 97  97  97  PHE PHE A . n 
A 1 98  SER 98  98  98  SER SER A . n 
A 1 99  GLU 99  99  99  GLU GLU A . n 
A 1 100 VAL 100 100 100 VAL VAL A . n 
A 1 101 PRO 101 101 101 PRO PRO A . n 
A 1 102 ASP 102 102 102 ASP ASP A . n 
A 1 103 SER 103 103 103 SER SER A . n 
A 1 104 LEU 104 104 104 LEU LEU A . n 
A 1 105 ARG 105 105 105 ARG ARG A . n 
A 1 106 GLU 106 106 106 GLU GLU A . n 
A 1 107 LEU 107 107 107 LEU LEU A . n 
A 1 108 LYS 108 108 108 LYS LYS A . n 
A 1 109 ARG 109 109 109 ARG ARG A . n 
A 1 110 ARG 110 110 110 ARG ARG A . n 
A 1 111 GLY 111 111 111 GLY GLY A . n 
A 1 112 LEU 112 112 112 LEU LEU A . n 
A 1 113 LYS 113 113 113 LYS LYS A . n 
A 1 114 LEU 114 114 114 LEU LEU A . n 
A 1 115 ALA 115 115 115 ALA ALA A . n 
A 1 116 ILE 116 116 116 ILE ILE A . n 
A 1 117 LEU 117 117 117 LEU LEU A . n 
A 1 118 SER 118 118 118 SER SER A . n 
A 1 119 ASN 119 119 119 ASN ASN A . n 
A 1 120 GLY 120 120 120 GLY GLY A . n 
A 1 121 SER 121 121 121 SER SER A . n 
A 1 122 PRO 122 122 122 PRO PRO A . n 
A 1 123 GLN 123 123 123 GLN GLN A . n 
A 1 124 SER 124 124 124 SER SER A . n 
A 1 125 ILE 125 125 125 ILE ILE A . n 
A 1 126 ASP 126 126 126 ASP ASP A . n 
A 1 127 ALA 127 127 127 ALA ALA A . n 
A 1 128 VAL 128 128 128 VAL VAL A . n 
A 1 129 VAL 129 129 129 VAL VAL A . n 
A 1 130 SER 130 130 130 SER SER A . n 
A 1 131 HIS 131 131 131 HIS HIS A . n 
A 1 132 ALA 132 132 132 ALA ALA A . n 
A 1 133 GLY 133 133 133 GLY GLY A . n 
A 1 134 LEU 134 134 134 LEU LEU A . n 
A 1 135 ARG 135 135 135 ARG ARG A . n 
A 1 136 ASP 136 136 136 ASP ASP A . n 
A 1 137 GLY 137 137 137 GLY GLY A . n 
A 1 138 PHE 138 138 138 PHE PHE A . n 
A 1 139 ASP 139 139 139 ASP ASP A . n 
A 1 140 HIS 140 140 140 HIS HIS A . n 
A 1 141 LEU 141 141 141 LEU LEU A . n 
A 1 142 LEU 142 142 142 LEU LEU A . n 
A 1 143 SER 143 143 143 SER SER A . n 
A 1 144 VAL 144 144 144 VAL VAL A . n 
A 1 145 ASP 145 145 145 ASP ASP A . n 
A 1 146 PRO 146 146 146 PRO PRO A . n 
A 1 147 VAL 147 147 147 VAL VAL A . n 
A 1 148 GLN 148 148 148 GLN GLN A . n 
A 1 149 VAL 149 149 149 VAL VAL A . n 
A 1 150 TYR 150 150 150 TYR TYR A . n 
A 1 151 LYS 151 151 151 LYS LYS A . n 
A 1 152 PRO 152 152 152 PRO PRO A . n 
A 1 153 ASP 153 153 153 ASP ASP A . n 
A 1 154 ASN 154 154 154 ASN ASN A . n 
A 1 155 ARG 155 155 155 ARG ARG A . n 
A 1 156 VAL 156 156 156 VAL VAL A . n 
A 1 157 TYR 157 157 157 TYR TYR A . n 
A 1 158 GLU 158 158 158 GLU GLU A . n 
A 1 159 LEU 159 159 159 LEU LEU A . n 
A 1 160 ALA 160 160 160 ALA ALA A . n 
A 1 161 GLU 161 161 161 GLU GLU A . n 
A 1 162 GLN 162 162 162 GLN GLN A . n 
A 1 163 ALA 163 163 163 ALA ALA A . n 
A 1 164 LEU 164 164 164 LEU LEU A . n 
A 1 165 GLY 165 165 165 GLY GLY A . n 
A 1 166 LEU 166 166 166 LEU LEU A . n 
A 1 167 ASP 167 167 167 ASP ASP A . n 
A 1 168 ARG 168 168 168 ARG ARG A . n 
A 1 169 SER 169 169 169 SER SER A . n 
A 1 170 ALA 170 170 170 ALA ALA A . n 
A 1 171 ILE 171 171 171 ILE ILE A . n 
A 1 172 LEU 172 172 172 LEU LEU A . n 
A 1 173 PHE 173 173 173 PHE PHE A . n 
A 1 174 VAL 174 174 174 VAL VAL A . n 
A 1 175 SER 175 175 175 SER SER A . n 
A 1 176 SER 176 176 176 SER SER A . n 
A 1 177 ASN 177 177 177 ASN ASN A . n 
A 1 178 ALA 178 178 178 ALA ALA A . n 
A 1 179 TRP 179 179 179 TRP TRP A . n 
A 1 180 ASP 180 180 180 ASP ASP A . n 
A 1 181 ALA 181 181 181 ALA ALA A . n 
A 1 182 THR 182 182 182 THR THR A . n 
A 1 183 GLY 183 183 183 GLY GLY A . n 
A 1 184 ALA 184 184 184 ALA ALA A . n 
A 1 185 ARG 185 185 185 ARG ARG A . n 
A 1 186 TYR 186 186 186 TYR TYR A . n 
A 1 187 PHE 187 187 187 PHE PHE A . n 
A 1 188 GLY 188 188 188 GLY GLY A . n 
A 1 189 PHE 189 189 189 PHE PHE A . n 
A 1 190 PRO 190 190 190 PRO PRO A . n 
A 1 191 THR 191 191 191 THR THR A . n 
A 1 192 CYS 192 192 192 CYS CYS A . n 
A 1 193 TRP 193 193 193 TRP TRP A . n 
A 1 194 ILE 194 194 194 ILE ILE A . n 
A 1 195 ASN 195 195 195 ASN ASN A . n 
A 1 196 ARG 196 196 196 ARG ARG A . n 
A 1 197 THR 197 197 197 THR THR A . n 
A 1 198 GLY 198 198 198 GLY GLY A . n 
A 1 199 ASN 199 199 199 ASN ASN A . n 
A 1 200 VAL 200 200 200 VAL VAL A . n 
A 1 201 PHE 201 201 201 PHE PHE A . n 
A 1 202 GLU 202 202 202 GLU GLU A . n 
A 1 203 GLU 203 203 203 GLU GLU A . n 
A 1 204 MET 204 204 204 MET MET A . n 
A 1 205 GLY 205 205 205 GLY GLY A . n 
A 1 206 GLN 206 206 206 GLN GLN A . n 
A 1 207 THR 207 207 207 THR THR A . n 
A 1 208 PRO 208 208 208 PRO PRO A . n 
A 1 209 ASP 209 209 209 ASP ASP A . n 
A 1 210 TRP 210 210 210 TRP TRP A . n 
A 1 211 GLU 211 211 211 GLU GLU A . n 
A 1 212 VAL 212 212 212 VAL VAL A . n 
A 1 213 THR 213 213 213 THR THR A . n 
A 1 214 SER 214 214 214 SER SER A . n 
A 1 215 LEU 215 215 215 LEU LEU A . n 
A 1 216 ARG 216 216 216 ARG ARG A . n 
A 1 217 ALA 217 217 217 ALA ALA A . n 
A 1 218 VAL 218 218 218 VAL VAL A . n 
A 1 219 VAL 219 219 219 VAL VAL A . n 
A 1 220 GLU 220 220 220 GLU GLU A . n 
A 1 221 LEU 221 221 221 LEU LEU A . n 
A 1 222 PHE 222 222 222 PHE PHE A . n 
A 1 223 GLU 223 223 223 GLU GLU A . n 
A 1 224 THR 224 224 ?   ?   ?   A . n 
A 1 225 ALA 225 225 ?   ?   ?   A . n 
A 1 226 ALA 226 226 ?   ?   ?   A . n 
A 1 227 GLY 227 227 ?   ?   ?   A . n 
A 1 228 LYS 228 228 ?   ?   ?   A . n 
A 1 229 ALA 229 229 ?   ?   ?   A . n 
A 1 230 GLU 230 230 ?   ?   ?   A . n 
A 1 231 LYS 231 231 ?   ?   ?   A . n 
A 1 232 GLY 232 232 ?   ?   ?   A . n 
# 
loop_
_pdbx_nonpoly_scheme.asym_id 
_pdbx_nonpoly_scheme.entity_id 
_pdbx_nonpoly_scheme.mon_id 
_pdbx_nonpoly_scheme.ndb_seq_num 
_pdbx_nonpoly_scheme.pdb_seq_num 
_pdbx_nonpoly_scheme.auth_seq_num 
_pdbx_nonpoly_scheme.pdb_mon_id 
_pdbx_nonpoly_scheme.auth_mon_id 
_pdbx_nonpoly_scheme.pdb_strand_id 
_pdbx_nonpoly_scheme.pdb_ins_code 
B 2 LAC 1  300 300 LAC DLA A . 
C 3 HOH 1  501 501 HOH HOH A . 
C 3 HOH 2  502 502 HOH HOH A . 
C 3 HOH 3  503 503 HOH HOH A . 
C 3 HOH 4  504 504 HOH HOH A . 
C 3 HOH 5  505 505 HOH HOH A . 
C 3 HOH 6  506 506 HOH HOH A . 
C 3 HOH 7  507 507 HOH HOH A . 
C 3 HOH 8  508 508 HOH HOH A . 
C 3 HOH 9  509 509 HOH HOH A . 
C 3 HOH 10 510 510 HOH HOH A . 
C 3 HOH 11 511 511 HOH HOH A . 
C 3 HOH 12 512 512 HOH HOH A . 
C 3 HOH 13 513 513 HOH HOH A . 
C 3 HOH 14 514 514 HOH HOH A . 
C 3 HOH 15 515 515 HOH HOH A . 
C 3 HOH 16 516 516 HOH HOH A . 
# 
_pdbx_struct_assembly.id                   1 
_pdbx_struct_assembly.details              author_and_software_defined_assembly 
_pdbx_struct_assembly.method_details       PISA,PQS 
_pdbx_struct_assembly.oligomeric_details   dimeric 
_pdbx_struct_assembly.oligomeric_count     2 
# 
_pdbx_struct_assembly_gen.assembly_id       1 
_pdbx_struct_assembly_gen.oper_expression   1,2 
_pdbx_struct_assembly_gen.asym_id_list      A,B,C 
# 
loop_
_pdbx_struct_assembly_prop.biol_id 
_pdbx_struct_assembly_prop.type 
_pdbx_struct_assembly_prop.value 
_pdbx_struct_assembly_prop.details 
1 'ABSA (A^2)' 2970  ? 
1 MORE         -21   ? 
1 'SSA (A^2)'  17230 ? 
# 
loop_
_pdbx_struct_oper_list.id 
_pdbx_struct_oper_list.type 
_pdbx_struct_oper_list.name 
_pdbx_struct_oper_list.symmetry_operation 
_pdbx_struct_oper_list.matrix[1][1] 
_pdbx_struct_oper_list.matrix[1][2] 
_pdbx_struct_oper_list.matrix[1][3] 
_pdbx_struct_oper_list.vector[1] 
_pdbx_struct_oper_list.matrix[2][1] 
_pdbx_struct_oper_list.matrix[2][2] 
_pdbx_struct_oper_list.matrix[2][3] 
_pdbx_struct_oper_list.vector[2] 
_pdbx_struct_oper_list.matrix[3][1] 
_pdbx_struct_oper_list.matrix[3][2] 
_pdbx_struct_oper_list.matrix[3][3] 
_pdbx_struct_oper_list.vector[3] 
1 'identity operation'         1_555 x,y,z       1.0000000000 0.0000000000  0.0000000000 0.0000000000  0.0000000000  1.0000000000  0.0000000000  0.0000000000 0.0000000000 0.0000000000  1.0000000000  0.0000000000  
2 'crystal symmetry operation' 2_656 -x+1,y,-z+1 0.6198030951 -0.5780638917 0.5307412368 -6.9796421877 -0.5780638917 -0.7937046398 -0.1894071852 7.2038940416 0.5307412368 -0.1894071852 -0.8260984552 29.1478331997 
# 
loop_
_pdbx_audit_revision_history.ordinal 
_pdbx_audit_revision_history.data_content_type 
_pdbx_audit_revision_history.major_revision 
_pdbx_audit_revision_history.minor_revision 
_pdbx_audit_revision_history.revision_date 
1 'Structure model' 1 0 2000-05-24 
2 'Structure model' 1 1 2008-04-26 
3 'Structure model' 1 2 2011-07-13 
4 'Structure model' 2 0 2023-11-15 
# 
_pdbx_audit_revision_details.ordinal             1 
_pdbx_audit_revision_details.revision_ordinal    1 
_pdbx_audit_revision_details.data_content_type   'Structure model' 
_pdbx_audit_revision_details.provider            repository 
_pdbx_audit_revision_details.type                'Initial release' 
_pdbx_audit_revision_details.description         ? 
_pdbx_audit_revision_details.details             ? 
# 
loop_
_pdbx_audit_revision_group.ordinal 
_pdbx_audit_revision_group.revision_ordinal 
_pdbx_audit_revision_group.data_content_type 
_pdbx_audit_revision_group.group 
1 2 'Structure model' 'Version format compliance' 
2 3 'Structure model' 'Derived calculations'      
3 3 'Structure model' 'Source and taxonomy'       
4 3 'Structure model' 'Version format compliance' 
5 4 'Structure model' 'Atomic model'              
6 4 'Structure model' 'Data collection'           
7 4 'Structure model' 'Database references'       
8 4 'Structure model' 'Derived calculations'      
# 
loop_
_pdbx_audit_revision_category.ordinal 
_pdbx_audit_revision_category.revision_ordinal 
_pdbx_audit_revision_category.data_content_type 
_pdbx_audit_revision_category.category 
1 4 'Structure model' atom_site      
2 4 'Structure model' chem_comp_atom 
3 4 'Structure model' chem_comp_bond 
4 4 'Structure model' database_2     
5 4 'Structure model' struct_site    
# 
loop_
_pdbx_audit_revision_item.ordinal 
_pdbx_audit_revision_item.revision_ordinal 
_pdbx_audit_revision_item.data_content_type 
_pdbx_audit_revision_item.item 
1 4 'Structure model' '_atom_site.auth_atom_id'             
2 4 'Structure model' '_atom_site.label_atom_id'            
3 4 'Structure model' '_database_2.pdbx_DOI'                
4 4 'Structure model' '_database_2.pdbx_database_accession' 
5 4 'Structure model' '_struct_site.pdbx_auth_asym_id'      
6 4 'Structure model' '_struct_site.pdbx_auth_comp_id'      
7 4 'Structure model' '_struct_site.pdbx_auth_seq_id'       
# 
loop_
_software.name 
_software.classification 
_software.version 
_software.citation_id 
_software.pdbx_ordinal 
X-PLOR  'model building' .     ? 1 
X-PLOR  refinement       3.851 ? 2 
PROCESS 'data reduction' .     ? 3 
PROCESS 'data scaling'   .     ? 4 
X-PLOR  phasing          .     ? 5 
# 
loop_
_pdbx_validate_torsion.id 
_pdbx_validate_torsion.PDB_model_num 
_pdbx_validate_torsion.auth_comp_id 
_pdbx_validate_torsion.auth_asym_id 
_pdbx_validate_torsion.auth_seq_id 
_pdbx_validate_torsion.PDB_ins_code 
_pdbx_validate_torsion.label_alt_id 
_pdbx_validate_torsion.phi 
_pdbx_validate_torsion.psi 
1 1 LEU A 11  ? ? -103.02 -67.03  
2 1 ARG A 56  ? ? -118.58 75.55   
3 1 ARG A 93  ? ? -140.42 29.48   
4 1 ASP A 136 ? ? -67.37  10.25   
5 1 PRO A 152 ? ? -86.17  33.27   
6 1 GLU A 203 ? ? -105.51 56.12   
7 1 PHE A 222 ? ? -114.67 -154.06 
# 
loop_
_pdbx_unobs_or_zero_occ_atoms.id 
_pdbx_unobs_or_zero_occ_atoms.PDB_model_num 
_pdbx_unobs_or_zero_occ_atoms.polymer_flag 
_pdbx_unobs_or_zero_occ_atoms.occupancy_flag 
_pdbx_unobs_or_zero_occ_atoms.auth_asym_id 
_pdbx_unobs_or_zero_occ_atoms.auth_comp_id 
_pdbx_unobs_or_zero_occ_atoms.auth_seq_id 
_pdbx_unobs_or_zero_occ_atoms.PDB_ins_code 
_pdbx_unobs_or_zero_occ_atoms.auth_atom_id 
_pdbx_unobs_or_zero_occ_atoms.label_alt_id 
_pdbx_unobs_or_zero_occ_atoms.label_asym_id 
_pdbx_unobs_or_zero_occ_atoms.label_comp_id 
_pdbx_unobs_or_zero_occ_atoms.label_seq_id 
_pdbx_unobs_or_zero_occ_atoms.label_atom_id 
1  1 Y 1 A TYR 3   ? CG  ? A TYR 3   CG  
2  1 Y 1 A TYR 3   ? CD1 ? A TYR 3   CD1 
3  1 Y 1 A TYR 3   ? CD2 ? A TYR 3   CD2 
4  1 Y 1 A TYR 3   ? CE1 ? A TYR 3   CE1 
5  1 Y 1 A TYR 3   ? CE2 ? A TYR 3   CE2 
6  1 Y 1 A TYR 3   ? CZ  ? A TYR 3   CZ  
7  1 Y 1 A TYR 3   ? OH  ? A TYR 3   OH  
8  1 Y 1 A HIS 19  ? CG  ? A HIS 19  CG  
9  1 Y 1 A HIS 19  ? ND1 ? A HIS 19  ND1 
10 1 Y 1 A HIS 19  ? CD2 ? A HIS 19  CD2 
11 1 Y 1 A HIS 19  ? CE1 ? A HIS 19  CE1 
12 1 Y 1 A HIS 19  ? NE2 ? A HIS 19  NE2 
13 1 Y 1 A ARG 82  ? CG  ? A ARG 82  CG  
14 1 Y 1 A ARG 82  ? CD  ? A ARG 82  CD  
15 1 Y 1 A ARG 82  ? NE  ? A ARG 82  NE  
16 1 Y 1 A ARG 82  ? CZ  ? A ARG 82  CZ  
17 1 Y 1 A ARG 82  ? NH1 ? A ARG 82  NH1 
18 1 Y 1 A ARG 82  ? NH2 ? A ARG 82  NH2 
19 1 Y 1 A ARG 105 ? CG  ? A ARG 105 CG  
20 1 Y 1 A ARG 105 ? CD  ? A ARG 105 CD  
21 1 Y 1 A ARG 105 ? NE  ? A ARG 105 NE  
22 1 Y 1 A ARG 105 ? CZ  ? A ARG 105 CZ  
23 1 Y 1 A ARG 105 ? NH1 ? A ARG 105 NH1 
24 1 Y 1 A ARG 105 ? NH2 ? A ARG 105 NH2 
25 1 Y 1 A GLU 223 ? CA  ? A GLU 223 CA  
26 1 Y 1 A GLU 223 ? C   ? A GLU 223 C   
27 1 Y 1 A GLU 223 ? O   ? A GLU 223 O   
28 1 Y 1 A GLU 223 ? CB  ? A GLU 223 CB  
29 1 Y 1 A GLU 223 ? CG  ? A GLU 223 CG  
30 1 Y 1 A GLU 223 ? CD  ? A GLU 223 CD  
31 1 Y 1 A GLU 223 ? OE1 ? A GLU 223 OE1 
32 1 Y 1 A GLU 223 ? OE2 ? A GLU 223 OE2 
# 
loop_
_pdbx_unobs_or_zero_occ_residues.id 
_pdbx_unobs_or_zero_occ_residues.PDB_model_num 
_pdbx_unobs_or_zero_occ_residues.polymer_flag 
_pdbx_unobs_or_zero_occ_residues.occupancy_flag 
_pdbx_unobs_or_zero_occ_residues.auth_asym_id 
_pdbx_unobs_or_zero_occ_residues.auth_comp_id 
_pdbx_unobs_or_zero_occ_residues.auth_seq_id 
_pdbx_unobs_or_zero_occ_residues.PDB_ins_code 
_pdbx_unobs_or_zero_occ_residues.label_asym_id 
_pdbx_unobs_or_zero_occ_residues.label_comp_id 
_pdbx_unobs_or_zero_occ_residues.label_seq_id 
1  1 Y 1 A MET 1   ? A MET 1   
2  1 Y 1 A ASP 2   ? A ASP 2   
3  1 Y 1 A THR 224 ? A THR 224 
4  1 Y 1 A ALA 225 ? A ALA 225 
5  1 Y 1 A ALA 226 ? A ALA 226 
6  1 Y 1 A GLY 227 ? A GLY 227 
7  1 Y 1 A LYS 228 ? A LYS 228 
8  1 Y 1 A ALA 229 ? A ALA 229 
9  1 Y 1 A GLU 230 ? A GLU 230 
10 1 Y 1 A LYS 231 ? A LYS 231 
11 1 Y 1 A GLY 232 ? A GLY 232 
# 
loop_
_chem_comp_atom.comp_id 
_chem_comp_atom.atom_id 
_chem_comp_atom.type_symbol 
_chem_comp_atom.pdbx_aromatic_flag 
_chem_comp_atom.pdbx_stereo_config 
_chem_comp_atom.pdbx_ordinal 
ALA N    N N N 1   
ALA CA   C N S 2   
ALA C    C N N 3   
ALA O    O N N 4   
ALA CB   C N N 5   
ALA OXT  O N N 6   
ALA H    H N N 7   
ALA H2   H N N 8   
ALA HA   H N N 9   
ALA HB1  H N N 10  
ALA HB2  H N N 11  
ALA HB3  H N N 12  
ALA HXT  H N N 13  
ARG N    N N N 14  
ARG CA   C N S 15  
ARG C    C N N 16  
ARG O    O N N 17  
ARG CB   C N N 18  
ARG CG   C N N 19  
ARG CD   C N N 20  
ARG NE   N N N 21  
ARG CZ   C N N 22  
ARG NH1  N N N 23  
ARG NH2  N N N 24  
ARG OXT  O N N 25  
ARG H    H N N 26  
ARG H2   H N N 27  
ARG HA   H N N 28  
ARG HB2  H N N 29  
ARG HB3  H N N 30  
ARG HG2  H N N 31  
ARG HG3  H N N 32  
ARG HD2  H N N 33  
ARG HD3  H N N 34  
ARG HE   H N N 35  
ARG HH11 H N N 36  
ARG HH12 H N N 37  
ARG HH21 H N N 38  
ARG HH22 H N N 39  
ARG HXT  H N N 40  
ASN N    N N N 41  
ASN CA   C N S 42  
ASN C    C N N 43  
ASN O    O N N 44  
ASN CB   C N N 45  
ASN CG   C N N 46  
ASN OD1  O N N 47  
ASN ND2  N N N 48  
ASN OXT  O N N 49  
ASN H    H N N 50  
ASN H2   H N N 51  
ASN HA   H N N 52  
ASN HB2  H N N 53  
ASN HB3  H N N 54  
ASN HD21 H N N 55  
ASN HD22 H N N 56  
ASN HXT  H N N 57  
ASP N    N N N 58  
ASP CA   C N S 59  
ASP C    C N N 60  
ASP O    O N N 61  
ASP CB   C N N 62  
ASP CG   C N N 63  
ASP OD1  O N N 64  
ASP OD2  O N N 65  
ASP OXT  O N N 66  
ASP H    H N N 67  
ASP H2   H N N 68  
ASP HA   H N N 69  
ASP HB2  H N N 70  
ASP HB3  H N N 71  
ASP HD2  H N N 72  
ASP HXT  H N N 73  
CYS N    N N N 74  
CYS CA   C N R 75  
CYS C    C N N 76  
CYS O    O N N 77  
CYS CB   C N N 78  
CYS SG   S N N 79  
CYS OXT  O N N 80  
CYS H    H N N 81  
CYS H2   H N N 82  
CYS HA   H N N 83  
CYS HB2  H N N 84  
CYS HB3  H N N 85  
CYS HG   H N N 86  
CYS HXT  H N N 87  
GLN N    N N N 88  
GLN CA   C N S 89  
GLN C    C N N 90  
GLN O    O N N 91  
GLN CB   C N N 92  
GLN CG   C N N 93  
GLN CD   C N N 94  
GLN OE1  O N N 95  
GLN NE2  N N N 96  
GLN OXT  O N N 97  
GLN H    H N N 98  
GLN H2   H N N 99  
GLN HA   H N N 100 
GLN HB2  H N N 101 
GLN HB3  H N N 102 
GLN HG2  H N N 103 
GLN HG3  H N N 104 
GLN HE21 H N N 105 
GLN HE22 H N N 106 
GLN HXT  H N N 107 
GLU N    N N N 108 
GLU CA   C N S 109 
GLU C    C N N 110 
GLU O    O N N 111 
GLU CB   C N N 112 
GLU CG   C N N 113 
GLU CD   C N N 114 
GLU OE1  O N N 115 
GLU OE2  O N N 116 
GLU OXT  O N N 117 
GLU H    H N N 118 
GLU H2   H N N 119 
GLU HA   H N N 120 
GLU HB2  H N N 121 
GLU HB3  H N N 122 
GLU HG2  H N N 123 
GLU HG3  H N N 124 
GLU HE2  H N N 125 
GLU HXT  H N N 126 
GLY N    N N N 127 
GLY CA   C N N 128 
GLY C    C N N 129 
GLY O    O N N 130 
GLY OXT  O N N 131 
GLY H    H N N 132 
GLY H2   H N N 133 
GLY HA2  H N N 134 
GLY HA3  H N N 135 
GLY HXT  H N N 136 
HIS N    N N N 137 
HIS CA   C N S 138 
HIS C    C N N 139 
HIS O    O N N 140 
HIS CB   C N N 141 
HIS CG   C Y N 142 
HIS ND1  N Y N 143 
HIS CD2  C Y N 144 
HIS CE1  C Y N 145 
HIS NE2  N Y N 146 
HIS OXT  O N N 147 
HIS H    H N N 148 
HIS H2   H N N 149 
HIS HA   H N N 150 
HIS HB2  H N N 151 
HIS HB3  H N N 152 
HIS HD1  H N N 153 
HIS HD2  H N N 154 
HIS HE1  H N N 155 
HIS HE2  H N N 156 
HIS HXT  H N N 157 
HOH O    O N N 158 
HOH H1   H N N 159 
HOH H2   H N N 160 
ILE N    N N N 161 
ILE CA   C N S 162 
ILE C    C N N 163 
ILE O    O N N 164 
ILE CB   C N S 165 
ILE CG1  C N N 166 
ILE CG2  C N N 167 
ILE CD1  C N N 168 
ILE OXT  O N N 169 
ILE H    H N N 170 
ILE H2   H N N 171 
ILE HA   H N N 172 
ILE HB   H N N 173 
ILE HG12 H N N 174 
ILE HG13 H N N 175 
ILE HG21 H N N 176 
ILE HG22 H N N 177 
ILE HG23 H N N 178 
ILE HD11 H N N 179 
ILE HD12 H N N 180 
ILE HD13 H N N 181 
ILE HXT  H N N 182 
LAC C    C N N 183 
LAC CA   C N R 184 
LAC CB   C N N 185 
LAC O    O N N 186 
LAC OHN  O N N 187 
LAC OXT  O N N 188 
LAC HA   H N N 189 
LAC HB1  H N N 190 
LAC HB2  H N N 191 
LAC HB3  H N N 192 
LAC H    H N N 193 
LAC HXT  H N N 194 
LEU N    N N N 195 
LEU CA   C N S 196 
LEU C    C N N 197 
LEU O    O N N 198 
LEU CB   C N N 199 
LEU CG   C N N 200 
LEU CD1  C N N 201 
LEU CD2  C N N 202 
LEU OXT  O N N 203 
LEU H    H N N 204 
LEU H2   H N N 205 
LEU HA   H N N 206 
LEU HB2  H N N 207 
LEU HB3  H N N 208 
LEU HG   H N N 209 
LEU HD11 H N N 210 
LEU HD12 H N N 211 
LEU HD13 H N N 212 
LEU HD21 H N N 213 
LEU HD22 H N N 214 
LEU HD23 H N N 215 
LEU HXT  H N N 216 
LYS N    N N N 217 
LYS CA   C N S 218 
LYS C    C N N 219 
LYS O    O N N 220 
LYS CB   C N N 221 
LYS CG   C N N 222 
LYS CD   C N N 223 
LYS CE   C N N 224 
LYS NZ   N N N 225 
LYS OXT  O N N 226 
LYS H    H N N 227 
LYS H2   H N N 228 
LYS HA   H N N 229 
LYS HB2  H N N 230 
LYS HB3  H N N 231 
LYS HG2  H N N 232 
LYS HG3  H N N 233 
LYS HD2  H N N 234 
LYS HD3  H N N 235 
LYS HE2  H N N 236 
LYS HE3  H N N 237 
LYS HZ1  H N N 238 
LYS HZ2  H N N 239 
LYS HZ3  H N N 240 
LYS HXT  H N N 241 
MET N    N N N 242 
MET CA   C N S 243 
MET C    C N N 244 
MET O    O N N 245 
MET CB   C N N 246 
MET CG   C N N 247 
MET SD   S N N 248 
MET CE   C N N 249 
MET OXT  O N N 250 
MET H    H N N 251 
MET H2   H N N 252 
MET HA   H N N 253 
MET HB2  H N N 254 
MET HB3  H N N 255 
MET HG2  H N N 256 
MET HG3  H N N 257 
MET HE1  H N N 258 
MET HE2  H N N 259 
MET HE3  H N N 260 
MET HXT  H N N 261 
PHE N    N N N 262 
PHE CA   C N S 263 
PHE C    C N N 264 
PHE O    O N N 265 
PHE CB   C N N 266 
PHE CG   C Y N 267 
PHE CD1  C Y N 268 
PHE CD2  C Y N 269 
PHE CE1  C Y N 270 
PHE CE2  C Y N 271 
PHE CZ   C Y N 272 
PHE OXT  O N N 273 
PHE H    H N N 274 
PHE H2   H N N 275 
PHE HA   H N N 276 
PHE HB2  H N N 277 
PHE HB3  H N N 278 
PHE HD1  H N N 279 
PHE HD2  H N N 280 
PHE HE1  H N N 281 
PHE HE2  H N N 282 
PHE HZ   H N N 283 
PHE HXT  H N N 284 
PRO N    N N N 285 
PRO CA   C N S 286 
PRO C    C N N 287 
PRO O    O N N 288 
PRO CB   C N N 289 
PRO CG   C N N 290 
PRO CD   C N N 291 
PRO OXT  O N N 292 
PRO H    H N N 293 
PRO HA   H N N 294 
PRO HB2  H N N 295 
PRO HB3  H N N 296 
PRO HG2  H N N 297 
PRO HG3  H N N 298 
PRO HD2  H N N 299 
PRO HD3  H N N 300 
PRO HXT  H N N 301 
SER N    N N N 302 
SER CA   C N S 303 
SER C    C N N 304 
SER O    O N N 305 
SER CB   C N N 306 
SER OG   O N N 307 
SER OXT  O N N 308 
SER H    H N N 309 
SER H2   H N N 310 
SER HA   H N N 311 
SER HB2  H N N 312 
SER HB3  H N N 313 
SER HG   H N N 314 
SER HXT  H N N 315 
THR N    N N N 316 
THR CA   C N S 317 
THR C    C N N 318 
THR O    O N N 319 
THR CB   C N R 320 
THR OG1  O N N 321 
THR CG2  C N N 322 
THR OXT  O N N 323 
THR H    H N N 324 
THR H2   H N N 325 
THR HA   H N N 326 
THR HB   H N N 327 
THR HG1  H N N 328 
THR HG21 H N N 329 
THR HG22 H N N 330 
THR HG23 H N N 331 
THR HXT  H N N 332 
TRP N    N N N 333 
TRP CA   C N S 334 
TRP C    C N N 335 
TRP O    O N N 336 
TRP CB   C N N 337 
TRP CG   C Y N 338 
TRP CD1  C Y N 339 
TRP CD2  C Y N 340 
TRP NE1  N Y N 341 
TRP CE2  C Y N 342 
TRP CE3  C Y N 343 
TRP CZ2  C Y N 344 
TRP CZ3  C Y N 345 
TRP CH2  C Y N 346 
TRP OXT  O N N 347 
TRP H    H N N 348 
TRP H2   H N N 349 
TRP HA   H N N 350 
TRP HB2  H N N 351 
TRP HB3  H N N 352 
TRP HD1  H N N 353 
TRP HE1  H N N 354 
TRP HE3  H N N 355 
TRP HZ2  H N N 356 
TRP HZ3  H N N 357 
TRP HH2  H N N 358 
TRP HXT  H N N 359 
TYR N    N N N 360 
TYR CA   C N S 361 
TYR C    C N N 362 
TYR O    O N N 363 
TYR CB   C N N 364 
TYR CG   C Y N 365 
TYR CD1  C Y N 366 
TYR CD2  C Y N 367 
TYR CE1  C Y N 368 
TYR CE2  C Y N 369 
TYR CZ   C Y N 370 
TYR OH   O N N 371 
TYR OXT  O N N 372 
TYR H    H N N 373 
TYR H2   H N N 374 
TYR HA   H N N 375 
TYR HB2  H N N 376 
TYR HB3  H N N 377 
TYR HD1  H N N 378 
TYR HD2  H N N 379 
TYR HE1  H N N 380 
TYR HE2  H N N 381 
TYR HH   H N N 382 
TYR HXT  H N N 383 
VAL N    N N N 384 
VAL CA   C N S 385 
VAL C    C N N 386 
VAL O    O N N 387 
VAL CB   C N N 388 
VAL CG1  C N N 389 
VAL CG2  C N N 390 
VAL OXT  O N N 391 
VAL H    H N N 392 
VAL H2   H N N 393 
VAL HA   H N N 394 
VAL HB   H N N 395 
VAL HG11 H N N 396 
VAL HG12 H N N 397 
VAL HG13 H N N 398 
VAL HG21 H N N 399 
VAL HG22 H N N 400 
VAL HG23 H N N 401 
VAL HXT  H N N 402 
# 
loop_
_chem_comp_bond.comp_id 
_chem_comp_bond.atom_id_1 
_chem_comp_bond.atom_id_2 
_chem_comp_bond.value_order 
_chem_comp_bond.pdbx_aromatic_flag 
_chem_comp_bond.pdbx_stereo_config 
_chem_comp_bond.pdbx_ordinal 
ALA N   CA   sing N N 1   
ALA N   H    sing N N 2   
ALA N   H2   sing N N 3   
ALA CA  C    sing N N 4   
ALA CA  CB   sing N N 5   
ALA CA  HA   sing N N 6   
ALA C   O    doub N N 7   
ALA C   OXT  sing N N 8   
ALA CB  HB1  sing N N 9   
ALA CB  HB2  sing N N 10  
ALA CB  HB3  sing N N 11  
ALA OXT HXT  sing N N 12  
ARG N   CA   sing N N 13  
ARG N   H    sing N N 14  
ARG N   H2   sing N N 15  
ARG CA  C    sing N N 16  
ARG CA  CB   sing N N 17  
ARG CA  HA   sing N N 18  
ARG C   O    doub N N 19  
ARG C   OXT  sing N N 20  
ARG CB  CG   sing N N 21  
ARG CB  HB2  sing N N 22  
ARG CB  HB3  sing N N 23  
ARG CG  CD   sing N N 24  
ARG CG  HG2  sing N N 25  
ARG CG  HG3  sing N N 26  
ARG CD  NE   sing N N 27  
ARG CD  HD2  sing N N 28  
ARG CD  HD3  sing N N 29  
ARG NE  CZ   sing N N 30  
ARG NE  HE   sing N N 31  
ARG CZ  NH1  sing N N 32  
ARG CZ  NH2  doub N N 33  
ARG NH1 HH11 sing N N 34  
ARG NH1 HH12 sing N N 35  
ARG NH2 HH21 sing N N 36  
ARG NH2 HH22 sing N N 37  
ARG OXT HXT  sing N N 38  
ASN N   CA   sing N N 39  
ASN N   H    sing N N 40  
ASN N   H2   sing N N 41  
ASN CA  C    sing N N 42  
ASN CA  CB   sing N N 43  
ASN CA  HA   sing N N 44  
ASN C   O    doub N N 45  
ASN C   OXT  sing N N 46  
ASN CB  CG   sing N N 47  
ASN CB  HB2  sing N N 48  
ASN CB  HB3  sing N N 49  
ASN CG  OD1  doub N N 50  
ASN CG  ND2  sing N N 51  
ASN ND2 HD21 sing N N 52  
ASN ND2 HD22 sing N N 53  
ASN OXT HXT  sing N N 54  
ASP N   CA   sing N N 55  
ASP N   H    sing N N 56  
ASP N   H2   sing N N 57  
ASP CA  C    sing N N 58  
ASP CA  CB   sing N N 59  
ASP CA  HA   sing N N 60  
ASP C   O    doub N N 61  
ASP C   OXT  sing N N 62  
ASP CB  CG   sing N N 63  
ASP CB  HB2  sing N N 64  
ASP CB  HB3  sing N N 65  
ASP CG  OD1  doub N N 66  
ASP CG  OD2  sing N N 67  
ASP OD2 HD2  sing N N 68  
ASP OXT HXT  sing N N 69  
CYS N   CA   sing N N 70  
CYS N   H    sing N N 71  
CYS N   H2   sing N N 72  
CYS CA  C    sing N N 73  
CYS CA  CB   sing N N 74  
CYS CA  HA   sing N N 75  
CYS C   O    doub N N 76  
CYS C   OXT  sing N N 77  
CYS CB  SG   sing N N 78  
CYS CB  HB2  sing N N 79  
CYS CB  HB3  sing N N 80  
CYS SG  HG   sing N N 81  
CYS OXT HXT  sing N N 82  
GLN N   CA   sing N N 83  
GLN N   H    sing N N 84  
GLN N   H2   sing N N 85  
GLN CA  C    sing N N 86  
GLN CA  CB   sing N N 87  
GLN CA  HA   sing N N 88  
GLN C   O    doub N N 89  
GLN C   OXT  sing N N 90  
GLN CB  CG   sing N N 91  
GLN CB  HB2  sing N N 92  
GLN CB  HB3  sing N N 93  
GLN CG  CD   sing N N 94  
GLN CG  HG2  sing N N 95  
GLN CG  HG3  sing N N 96  
GLN CD  OE1  doub N N 97  
GLN CD  NE2  sing N N 98  
GLN NE2 HE21 sing N N 99  
GLN NE2 HE22 sing N N 100 
GLN OXT HXT  sing N N 101 
GLU N   CA   sing N N 102 
GLU N   H    sing N N 103 
GLU N   H2   sing N N 104 
GLU CA  C    sing N N 105 
GLU CA  CB   sing N N 106 
GLU CA  HA   sing N N 107 
GLU C   O    doub N N 108 
GLU C   OXT  sing N N 109 
GLU CB  CG   sing N N 110 
GLU CB  HB2  sing N N 111 
GLU CB  HB3  sing N N 112 
GLU CG  CD   sing N N 113 
GLU CG  HG2  sing N N 114 
GLU CG  HG3  sing N N 115 
GLU CD  OE1  doub N N 116 
GLU CD  OE2  sing N N 117 
GLU OE2 HE2  sing N N 118 
GLU OXT HXT  sing N N 119 
GLY N   CA   sing N N 120 
GLY N   H    sing N N 121 
GLY N   H2   sing N N 122 
GLY CA  C    sing N N 123 
GLY CA  HA2  sing N N 124 
GLY CA  HA3  sing N N 125 
GLY C   O    doub N N 126 
GLY C   OXT  sing N N 127 
GLY OXT HXT  sing N N 128 
HIS N   CA   sing N N 129 
HIS N   H    sing N N 130 
HIS N   H2   sing N N 131 
HIS CA  C    sing N N 132 
HIS CA  CB   sing N N 133 
HIS CA  HA   sing N N 134 
HIS C   O    doub N N 135 
HIS C   OXT  sing N N 136 
HIS CB  CG   sing N N 137 
HIS CB  HB2  sing N N 138 
HIS CB  HB3  sing N N 139 
HIS CG  ND1  sing Y N 140 
HIS CG  CD2  doub Y N 141 
HIS ND1 CE1  doub Y N 142 
HIS ND1 HD1  sing N N 143 
HIS CD2 NE2  sing Y N 144 
HIS CD2 HD2  sing N N 145 
HIS CE1 NE2  sing Y N 146 
HIS CE1 HE1  sing N N 147 
HIS NE2 HE2  sing N N 148 
HIS OXT HXT  sing N N 149 
HOH O   H1   sing N N 150 
HOH O   H2   sing N N 151 
ILE N   CA   sing N N 152 
ILE N   H    sing N N 153 
ILE N   H2   sing N N 154 
ILE CA  C    sing N N 155 
ILE CA  CB   sing N N 156 
ILE CA  HA   sing N N 157 
ILE C   O    doub N N 158 
ILE C   OXT  sing N N 159 
ILE CB  CG1  sing N N 160 
ILE CB  CG2  sing N N 161 
ILE CB  HB   sing N N 162 
ILE CG1 CD1  sing N N 163 
ILE CG1 HG12 sing N N 164 
ILE CG1 HG13 sing N N 165 
ILE CG2 HG21 sing N N 166 
ILE CG2 HG22 sing N N 167 
ILE CG2 HG23 sing N N 168 
ILE CD1 HD11 sing N N 169 
ILE CD1 HD12 sing N N 170 
ILE CD1 HD13 sing N N 171 
ILE OXT HXT  sing N N 172 
LAC C   CA   sing N N 173 
LAC C   O    doub N N 174 
LAC C   OXT  sing N N 175 
LAC CA  CB   sing N N 176 
LAC CA  OHN  sing N N 177 
LAC CA  HA   sing N N 178 
LAC CB  HB1  sing N N 179 
LAC CB  HB2  sing N N 180 
LAC CB  HB3  sing N N 181 
LAC OHN H    sing N N 182 
LAC OXT HXT  sing N N 183 
LEU N   CA   sing N N 184 
LEU N   H    sing N N 185 
LEU N   H2   sing N N 186 
LEU CA  C    sing N N 187 
LEU CA  CB   sing N N 188 
LEU CA  HA   sing N N 189 
LEU C   O    doub N N 190 
LEU C   OXT  sing N N 191 
LEU CB  CG   sing N N 192 
LEU CB  HB2  sing N N 193 
LEU CB  HB3  sing N N 194 
LEU CG  CD1  sing N N 195 
LEU CG  CD2  sing N N 196 
LEU CG  HG   sing N N 197 
LEU CD1 HD11 sing N N 198 
LEU CD1 HD12 sing N N 199 
LEU CD1 HD13 sing N N 200 
LEU CD2 HD21 sing N N 201 
LEU CD2 HD22 sing N N 202 
LEU CD2 HD23 sing N N 203 
LEU OXT HXT  sing N N 204 
LYS N   CA   sing N N 205 
LYS N   H    sing N N 206 
LYS N   H2   sing N N 207 
LYS CA  C    sing N N 208 
LYS CA  CB   sing N N 209 
LYS CA  HA   sing N N 210 
LYS C   O    doub N N 211 
LYS C   OXT  sing N N 212 
LYS CB  CG   sing N N 213 
LYS CB  HB2  sing N N 214 
LYS CB  HB3  sing N N 215 
LYS CG  CD   sing N N 216 
LYS CG  HG2  sing N N 217 
LYS CG  HG3  sing N N 218 
LYS CD  CE   sing N N 219 
LYS CD  HD2  sing N N 220 
LYS CD  HD3  sing N N 221 
LYS CE  NZ   sing N N 222 
LYS CE  HE2  sing N N 223 
LYS CE  HE3  sing N N 224 
LYS NZ  HZ1  sing N N 225 
LYS NZ  HZ2  sing N N 226 
LYS NZ  HZ3  sing N N 227 
LYS OXT HXT  sing N N 228 
MET N   CA   sing N N 229 
MET N   H    sing N N 230 
MET N   H2   sing N N 231 
MET CA  C    sing N N 232 
MET CA  CB   sing N N 233 
MET CA  HA   sing N N 234 
MET C   O    doub N N 235 
MET C   OXT  sing N N 236 
MET CB  CG   sing N N 237 
MET CB  HB2  sing N N 238 
MET CB  HB3  sing N N 239 
MET CG  SD   sing N N 240 
MET CG  HG2  sing N N 241 
MET CG  HG3  sing N N 242 
MET SD  CE   sing N N 243 
MET CE  HE1  sing N N 244 
MET CE  HE2  sing N N 245 
MET CE  HE3  sing N N 246 
MET OXT HXT  sing N N 247 
PHE N   CA   sing N N 248 
PHE N   H    sing N N 249 
PHE N   H2   sing N N 250 
PHE CA  C    sing N N 251 
PHE CA  CB   sing N N 252 
PHE CA  HA   sing N N 253 
PHE C   O    doub N N 254 
PHE C   OXT  sing N N 255 
PHE CB  CG   sing N N 256 
PHE CB  HB2  sing N N 257 
PHE CB  HB3  sing N N 258 
PHE CG  CD1  doub Y N 259 
PHE CG  CD2  sing Y N 260 
PHE CD1 CE1  sing Y N 261 
PHE CD1 HD1  sing N N 262 
PHE CD2 CE2  doub Y N 263 
PHE CD2 HD2  sing N N 264 
PHE CE1 CZ   doub Y N 265 
PHE CE1 HE1  sing N N 266 
PHE CE2 CZ   sing Y N 267 
PHE CE2 HE2  sing N N 268 
PHE CZ  HZ   sing N N 269 
PHE OXT HXT  sing N N 270 
PRO N   CA   sing N N 271 
PRO N   CD   sing N N 272 
PRO N   H    sing N N 273 
PRO CA  C    sing N N 274 
PRO CA  CB   sing N N 275 
PRO CA  HA   sing N N 276 
PRO C   O    doub N N 277 
PRO C   OXT  sing N N 278 
PRO CB  CG   sing N N 279 
PRO CB  HB2  sing N N 280 
PRO CB  HB3  sing N N 281 
PRO CG  CD   sing N N 282 
PRO CG  HG2  sing N N 283 
PRO CG  HG3  sing N N 284 
PRO CD  HD2  sing N N 285 
PRO CD  HD3  sing N N 286 
PRO OXT HXT  sing N N 287 
SER N   CA   sing N N 288 
SER N   H    sing N N 289 
SER N   H2   sing N N 290 
SER CA  C    sing N N 291 
SER CA  CB   sing N N 292 
SER CA  HA   sing N N 293 
SER C   O    doub N N 294 
SER C   OXT  sing N N 295 
SER CB  OG   sing N N 296 
SER CB  HB2  sing N N 297 
SER CB  HB3  sing N N 298 
SER OG  HG   sing N N 299 
SER OXT HXT  sing N N 300 
THR N   CA   sing N N 301 
THR N   H    sing N N 302 
THR N   H2   sing N N 303 
THR CA  C    sing N N 304 
THR CA  CB   sing N N 305 
THR CA  HA   sing N N 306 
THR C   O    doub N N 307 
THR C   OXT  sing N N 308 
THR CB  OG1  sing N N 309 
THR CB  CG2  sing N N 310 
THR CB  HB   sing N N 311 
THR OG1 HG1  sing N N 312 
THR CG2 HG21 sing N N 313 
THR CG2 HG22 sing N N 314 
THR CG2 HG23 sing N N 315 
THR OXT HXT  sing N N 316 
TRP N   CA   sing N N 317 
TRP N   H    sing N N 318 
TRP N   H2   sing N N 319 
TRP CA  C    sing N N 320 
TRP CA  CB   sing N N 321 
TRP CA  HA   sing N N 322 
TRP C   O    doub N N 323 
TRP C   OXT  sing N N 324 
TRP CB  CG   sing N N 325 
TRP CB  HB2  sing N N 326 
TRP CB  HB3  sing N N 327 
TRP CG  CD1  doub Y N 328 
TRP CG  CD2  sing Y N 329 
TRP CD1 NE1  sing Y N 330 
TRP CD1 HD1  sing N N 331 
TRP CD2 CE2  doub Y N 332 
TRP CD2 CE3  sing Y N 333 
TRP NE1 CE2  sing Y N 334 
TRP NE1 HE1  sing N N 335 
TRP CE2 CZ2  sing Y N 336 
TRP CE3 CZ3  doub Y N 337 
TRP CE3 HE3  sing N N 338 
TRP CZ2 CH2  doub Y N 339 
TRP CZ2 HZ2  sing N N 340 
TRP CZ3 CH2  sing Y N 341 
TRP CZ3 HZ3  sing N N 342 
TRP CH2 HH2  sing N N 343 
TRP OXT HXT  sing N N 344 
TYR N   CA   sing N N 345 
TYR N   H    sing N N 346 
TYR N   H2   sing N N 347 
TYR CA  C    sing N N 348 
TYR CA  CB   sing N N 349 
TYR CA  HA   sing N N 350 
TYR C   O    doub N N 351 
TYR C   OXT  sing N N 352 
TYR CB  CG   sing N N 353 
TYR CB  HB2  sing N N 354 
TYR CB  HB3  sing N N 355 
TYR CG  CD1  doub Y N 356 
TYR CG  CD2  sing Y N 357 
TYR CD1 CE1  sing Y N 358 
TYR CD1 HD1  sing N N 359 
TYR CD2 CE2  doub Y N 360 
TYR CD2 HD2  sing N N 361 
TYR CE1 CZ   doub Y N 362 
TYR CE1 HE1  sing N N 363 
TYR CE2 CZ   sing Y N 364 
TYR CE2 HE2  sing N N 365 
TYR CZ  OH   sing N N 366 
TYR OH  HH   sing N N 367 
TYR OXT HXT  sing N N 368 
VAL N   CA   sing N N 369 
VAL N   H    sing N N 370 
VAL N   H2   sing N N 371 
VAL CA  C    sing N N 372 
VAL CA  CB   sing N N 373 
VAL CA  HA   sing N N 374 
VAL C   O    doub N N 375 
VAL C   OXT  sing N N 376 
VAL CB  CG1  sing N N 377 
VAL CB  CG2  sing N N 378 
VAL CB  HB   sing N N 379 
VAL CG1 HG11 sing N N 380 
VAL CG1 HG12 sing N N 381 
VAL CG1 HG13 sing N N 382 
VAL CG2 HG21 sing N N 383 
VAL CG2 HG22 sing N N 384 
VAL CG2 HG23 sing N N 385 
VAL OXT HXT  sing N N 386 
# 
loop_
_pdbx_entity_nonpoly.entity_id 
_pdbx_entity_nonpoly.name 
_pdbx_entity_nonpoly.comp_id 
2 'LACTIC ACID' LAC 
3 water         HOH 
# 
